data_7Y7Q
#
_entry.id   7Y7Q
#
_cell.length_a   81.211
_cell.length_b   85.813
_cell.length_c   101.581
_cell.angle_alpha   102.560
_cell.angle_beta   104.050
_cell.angle_gamma   94.060
#
_symmetry.space_group_name_H-M   'P 1'
#
loop_
_entity.id
_entity.type
_entity.pdbx_description
1 polymer 'RNA-dependent RNA polymerase'
2 polymer "RNA (5'-R(*GP*AP*AP*CP*UP*AP*CP*CP*GP*UP*CP*GP*GP*A)-3')"
3 polymer "RNA (5'-R(*UP*CP*CP*GP*AP*CP*G)-3')"
4 non-polymer 'CALCIUM ION'
5 non-polymer 'MAGNESIUM ION'
6 non-polymer GLYCEROL
7 non-polymer "GUANOSINE-5'-TRIPHOSPHATE"
8 non-polymer DI(HYDROXYETHYL)ETHER
9 water water
#
loop_
_entity_poly.entity_id
_entity_poly.type
_entity_poly.pdbx_seq_one_letter_code
_entity_poly.pdbx_strand_id
1 'polypeptide(L)'
;ARSEESARSQVQVHAPVVAARLRNIWPKFPKWLHEAPLAVAWEVTRLFMHCKVDLEDESLGLKYDPSWSTARDVTDIWKT
LYRLDAFRGKPFPEKPPNDVFVTAMTGNFESKGSAVVLSAVLDYNPDNSPTAPLYLVKLKPLMFEQGCRLTRRFGPDRFF
EILIPSPTSTSPSVPPVVSKQPGAVEEVIQWLTMGQHSLVGRQWRAFFAKDAGYRKPLREFQLRAEDPKPIIKERVHFFA
ETGITFRPDVFKTRSVVPAEEPVEQRTEFKVSQMLDWLLQLDNNTWQPHLKLFSRIQLGLSKTYAIMTLEPHQIRHHKTD
LLSPSGTGEVMNDGVGRMSRSVAKRIRDVLGLGDVPSAVQGRFGSAKGMWVIDVDDTGDEDWIETYPSQRKWECDFVDKH
QRTLEVRSVASELKSAGLNLQLLPVLEDRARDKVKMRQAIGDRLINDLQRQFSEQKHALNRPVEFRQWVYESYSSRATRV
SHGRVPFLAGLPDSQEETLNFLMNSGFDPKKQKYLQDIAWDLQKRKCDTLKSKLNIRVGRSAYIYMIADFWGVLEENEVH
VGFSSKFRDEEESFTLLSDCDVLVARSPAHFPSDIQRVRAVFKPELHSLKDVIIFSTKGDVPLAKKLSGGDYDGDMAWVC
WDPEIVDGFVNAEMPLEPDLSRYLKKDKTTFKQLMASHGTGSAAKEQTTYDMIQKSFHFALQPNFLGMCTNYKERLCYIN
NSVSNKPAIILSSLVGNLVDQSKQGIVFNEASWAQLRRELLGGALSLPDPMYKSDSWLGRGEPTHIIDYLKFSIARPAID
KELEAFHNAMKAAKDTEDGAHFWDPDLASYYTFFKEISDKSRSSALLFTTLKNRIGEVEKEYGRLVKNKEMRDSKDPYPV
RVNQVYEKWCAITPEAMDKSGANYDSKVIRLLELSFLADREMNTWALLRASTAFKLYYHKSPKFVWQMAGRQLAYIKAQM
TSRPGEGAPALMTAFMYAGLMPDKKFTKQYVARLEGDGSEYPDPEVYEVLGDDDFDGIGFTGNGDY
;
A,B
2 'polyribonucleotide' GAACUACCGUCGGA C,E
3 'polyribonucleotide' UCCGACG D
#
loop_
_chem_comp.id
_chem_comp.type
_chem_comp.name
_chem_comp.formula
A RNA linking ADENOSINE-5'-MONOPHOSPHATE 'C10 H14 N5 O7 P'
C RNA linking CYTIDINE-5'-MONOPHOSPHATE 'C9 H14 N3 O8 P'
CA non-polymer 'CALCIUM ION' 'Ca 2'
G RNA linking GUANOSINE-5'-MONOPHOSPHATE 'C10 H14 N5 O8 P'
GOL non-polymer GLYCEROL 'C3 H8 O3'
GTP non-polymer GUANOSINE-5'-TRIPHOSPHATE 'C10 H16 N5 O14 P3'
MG non-polymer 'MAGNESIUM ION' 'Mg 2'
PEG non-polymer DI(HYDROXYETHYL)ETHER 'C4 H10 O3'
U RNA linking URIDINE-5'-MONOPHOSPHATE 'C9 H13 N2 O9 P'
#
# COMPACT_ATOMS: atom_id res chain seq x y z
N ALA A 15 43.93 -45.59 0.47
CA ALA A 15 45.04 -44.66 0.18
C ALA A 15 45.59 -44.09 1.49
N PRO A 16 46.69 -44.65 2.03
CA PRO A 16 47.23 -44.20 3.30
C PRO A 16 47.75 -42.76 3.35
N VAL A 17 48.28 -42.25 2.24
CA VAL A 17 48.90 -40.90 2.30
C VAL A 17 47.82 -39.90 2.71
N VAL A 18 46.62 -40.05 2.14
CA VAL A 18 45.48 -39.15 2.48
C VAL A 18 45.05 -39.35 3.93
N ALA A 19 45.15 -40.58 4.45
CA ALA A 19 44.69 -40.91 5.81
C ALA A 19 45.47 -40.11 6.85
N ALA A 20 46.76 -39.95 6.63
CA ALA A 20 47.60 -39.14 7.54
C ALA A 20 47.08 -37.71 7.55
N ARG A 21 46.65 -37.22 6.38
CA ARG A 21 46.18 -35.82 6.24
C ARG A 21 44.75 -35.69 6.78
N LEU A 22 44.14 -36.81 7.17
CA LEU A 22 42.73 -36.80 7.65
C LEU A 22 42.67 -37.00 9.17
N ARG A 23 43.76 -36.74 9.89
CA ARG A 23 43.78 -37.02 11.34
C ARG A 23 43.64 -35.77 12.22
N ASN A 24 44.04 -34.60 11.74
CA ASN A 24 44.04 -33.40 12.62
C ASN A 24 43.25 -32.24 12.02
N ILE A 25 42.15 -32.53 11.31
CA ILE A 25 41.35 -31.48 10.61
C ILE A 25 40.66 -30.55 11.62
N TRP A 26 40.07 -31.10 12.66
CA TRP A 26 39.23 -30.28 13.56
C TRP A 26 40.07 -29.56 14.62
N PRO A 27 39.76 -28.30 15.04
CA PRO A 27 40.50 -27.67 16.12
C PRO A 27 40.36 -28.46 17.41
N LYS A 28 41.43 -28.50 18.19
CA LYS A 28 41.43 -29.26 19.43
C LYS A 28 40.63 -28.55 20.51
N PHE A 29 40.00 -29.33 21.38
CA PHE A 29 39.21 -28.75 22.49
C PHE A 29 40.05 -28.84 23.75
N PRO A 30 40.69 -27.72 24.17
CA PRO A 30 41.57 -27.76 25.31
C PRO A 30 40.90 -28.08 26.65
N LYS A 31 41.62 -28.71 27.57
CA LYS A 31 41.09 -29.09 28.90
C LYS A 31 40.66 -27.83 29.67
N TRP A 32 41.25 -26.68 29.36
CA TRP A 32 40.92 -25.42 30.06
C TRP A 32 39.57 -24.85 29.61
N LEU A 33 38.98 -25.37 28.53
CA LEU A 33 37.63 -24.91 28.08
C LEU A 33 36.59 -25.97 28.39
N HIS A 34 36.96 -27.08 29.02
CA HIS A 34 36.02 -28.20 29.24
C HIS A 34 34.78 -27.81 30.04
N GLU A 35 34.81 -26.70 30.77
CA GLU A 35 33.67 -26.38 31.65
C GLU A 35 32.91 -25.19 31.07
N ALA A 36 33.31 -24.72 29.90
CA ALA A 36 32.67 -23.59 29.27
C ALA A 36 31.35 -24.01 28.62
N PRO A 37 30.41 -23.07 28.46
CA PRO A 37 29.21 -23.36 27.70
C PRO A 37 29.53 -23.54 26.22
N LEU A 38 28.63 -24.24 25.53
CA LEU A 38 28.86 -24.52 24.12
C LEU A 38 29.12 -23.24 23.32
N ALA A 39 28.40 -22.18 23.66
CA ALA A 39 28.52 -20.92 22.89
C ALA A 39 29.91 -20.29 23.09
N VAL A 40 30.36 -20.21 24.34
CA VAL A 40 31.70 -19.62 24.63
C VAL A 40 32.79 -20.50 24.02
N ALA A 41 32.63 -21.82 24.14
CA ALA A 41 33.64 -22.74 23.58
C ALA A 41 33.74 -22.48 22.09
N TRP A 42 32.60 -22.32 21.42
CA TRP A 42 32.61 -22.09 19.96
C TRP A 42 33.28 -20.74 19.64
N GLU A 43 32.90 -19.67 20.34
CA GLU A 43 33.41 -18.32 20.00
C GLU A 43 34.89 -18.16 20.38
N VAL A 44 35.33 -18.73 21.50
CA VAL A 44 36.78 -18.69 21.86
C VAL A 44 37.57 -19.45 20.80
N THR A 45 37.06 -20.60 20.38
CA THR A 45 37.76 -21.45 19.38
C THR A 45 37.91 -20.61 18.12
N ARG A 46 36.88 -19.86 17.78
CA ARG A 46 36.92 -19.06 16.55
C ARG A 46 38.01 -18.00 16.64
N LEU A 47 38.15 -17.35 17.79
CA LEU A 47 39.13 -16.24 17.91
C LEU A 47 40.56 -16.78 17.80
N PHE A 48 40.83 -17.90 18.45
CA PHE A 48 42.19 -18.48 18.42
C PHE A 48 42.54 -18.87 16.98
N MET A 49 41.59 -19.46 16.28
CA MET A 49 41.84 -19.90 14.89
C MET A 49 42.08 -18.66 14.01
N HIS A 50 41.31 -17.60 14.23
CA HIS A 50 41.46 -16.36 13.43
C HIS A 50 42.82 -15.70 13.66
N CYS A 51 43.29 -15.72 14.91
CA CYS A 51 44.55 -15.02 15.22
C CYS A 51 45.72 -16.02 15.22
N LYS A 52 45.51 -17.21 14.64
CA LYS A 52 46.58 -18.21 14.51
C LYS A 52 47.25 -18.49 15.86
N VAL A 53 46.46 -18.67 16.91
CA VAL A 53 47.01 -19.00 18.25
C VAL A 53 46.55 -20.41 18.61
N ASP A 54 47.48 -21.25 19.07
CA ASP A 54 47.14 -22.66 19.40
C ASP A 54 46.27 -22.67 20.65
N LEU A 55 45.18 -23.44 20.62
CA LEU A 55 44.29 -23.55 21.80
C LEU A 55 45.03 -24.31 22.90
N GLU A 56 46.05 -25.08 22.54
CA GLU A 56 46.83 -25.87 23.52
C GLU A 56 48.15 -25.16 23.85
N ASP A 57 48.31 -23.89 23.45
CA ASP A 57 49.58 -23.15 23.70
C ASP A 57 49.83 -23.00 25.20
N GLU A 58 51.03 -23.34 25.66
CA GLU A 58 51.36 -23.27 27.10
C GLU A 58 52.22 -22.02 27.36
N SER A 59 52.47 -21.21 26.33
CA SER A 59 53.31 -20.00 26.46
C SER A 59 52.65 -18.98 27.39
N GLY A 61 49.69 -18.20 28.99
CA GLY A 61 49.16 -19.04 30.08
C GLY A 61 47.66 -19.06 30.01
N LEU A 62 47.06 -20.22 29.69
CA LEU A 62 45.59 -20.22 29.47
C LEU A 62 44.83 -20.91 30.59
N LYS A 63 43.81 -20.24 31.12
CA LYS A 63 42.94 -20.81 32.17
C LYS A 63 41.56 -20.20 31.93
N TYR A 64 40.49 -20.84 32.40
CA TYR A 64 39.14 -20.32 32.08
C TYR A 64 38.85 -19.03 32.86
N ASP A 65 37.95 -18.20 32.34
CA ASP A 65 37.52 -16.97 33.07
C ASP A 65 36.03 -17.11 33.40
N PRO A 66 35.62 -17.06 34.68
CA PRO A 66 34.22 -17.26 35.05
C PRO A 66 33.31 -16.16 34.48
N SER A 67 33.88 -15.01 34.14
CA SER A 67 33.12 -13.88 33.55
C SER A 67 32.47 -14.30 32.22
N TRP A 68 33.12 -15.19 31.45
CA TRP A 68 32.58 -15.65 30.14
C TRP A 68 31.25 -16.39 30.32
N SER A 69 31.11 -17.17 31.39
CA SER A 69 29.89 -17.98 31.61
C SER A 69 28.66 -17.09 31.73
N THR A 70 28.82 -15.87 32.26
CA THR A 70 27.69 -14.93 32.45
C THR A 70 27.68 -13.86 31.37
N ALA A 71 28.49 -14.01 30.32
CA ALA A 71 28.61 -12.94 29.29
C ALA A 71 27.34 -12.79 28.45
N ARG A 72 27.19 -11.64 27.79
CA ARG A 72 26.00 -11.35 26.97
C ARG A 72 26.47 -10.70 25.67
N ASP A 73 27.78 -10.48 25.55
CA ASP A 73 28.35 -9.95 24.28
C ASP A 73 29.62 -10.75 23.94
N VAL A 74 29.80 -11.14 22.68
CA VAL A 74 31.04 -11.85 22.24
C VAL A 74 32.24 -10.91 22.41
N THR A 75 32.05 -9.63 22.13
CA THR A 75 33.18 -8.67 22.18
C THR A 75 33.75 -8.68 23.59
N ASP A 76 32.90 -8.82 24.60
CA ASP A 76 33.37 -8.80 26.01
C ASP A 76 34.32 -9.98 26.27
N ILE A 77 34.00 -11.17 25.79
CA ILE A 77 34.87 -12.36 25.95
C ILE A 77 36.17 -12.13 25.18
N TRP A 78 36.07 -11.57 23.98
CA TRP A 78 37.26 -11.39 23.13
C TRP A 78 38.22 -10.35 23.70
N LYS A 79 37.71 -9.35 24.43
CA LYS A 79 38.55 -8.26 25.00
C LYS A 79 39.53 -8.84 26.00
N THR A 80 39.06 -9.77 26.84
CA THR A 80 39.96 -10.44 27.81
C THR A 80 41.12 -11.12 27.06
N LEU A 81 40.82 -11.82 25.96
CA LEU A 81 41.87 -12.45 25.13
C LEU A 81 42.79 -11.38 24.50
N TYR A 82 42.22 -10.26 24.06
CA TYR A 82 43.03 -9.23 23.36
C TYR A 82 43.72 -8.32 24.38
N LEU A 84 46.26 -10.11 25.80
CA LEU A 84 47.51 -10.84 25.49
C LEU A 84 48.07 -10.38 24.14
N ASP A 85 49.39 -10.22 24.06
CA ASP A 85 50.06 -9.71 22.84
C ASP A 85 49.80 -10.65 21.67
N ALA A 86 49.74 -11.96 21.93
CA ALA A 86 49.60 -12.90 20.80
C ALA A 86 48.32 -12.53 20.04
N PHE A 87 47.23 -12.30 20.76
CA PHE A 87 45.96 -11.86 20.13
C PHE A 87 46.02 -10.41 19.65
N ARG A 88 46.60 -9.51 20.44
CA ARG A 88 46.59 -8.05 20.13
C ARG A 88 47.24 -7.75 18.78
N PRO A 93 37.68 -11.16 14.29
CA PRO A 93 36.79 -12.03 13.54
C PRO A 93 35.39 -11.42 13.45
N GLU A 94 34.59 -11.83 12.47
CA GLU A 94 33.18 -11.37 12.41
C GLU A 94 32.51 -11.86 13.68
N LYS A 95 31.69 -11.01 14.31
CA LYS A 95 31.12 -11.37 15.62
C LYS A 95 29.66 -11.84 15.50
N PRO A 96 29.19 -12.81 16.32
CA PRO A 96 27.78 -13.17 16.31
C PRO A 96 26.97 -12.01 16.90
N PRO A 97 25.77 -11.71 16.38
CA PRO A 97 24.94 -10.68 16.94
C PRO A 97 24.61 -11.02 18.39
N ASN A 98 24.45 -10.01 19.22
CA ASN A 98 24.24 -10.23 20.68
C ASN A 98 22.98 -11.05 20.94
N ASP A 99 21.92 -10.83 20.16
CA ASP A 99 20.66 -11.58 20.36
C ASP A 99 20.92 -13.07 20.17
N VAL A 100 21.70 -13.43 19.14
CA VAL A 100 22.06 -14.86 18.91
C VAL A 100 22.87 -15.38 20.09
N PHE A 101 23.85 -14.59 20.56
CA PHE A 101 24.73 -15.07 21.66
C PHE A 101 23.90 -15.31 22.90
N VAL A 102 22.99 -14.39 23.22
CA VAL A 102 22.15 -14.51 24.45
C VAL A 102 21.28 -15.76 24.31
N THR A 103 20.73 -15.98 23.12
CA THR A 103 19.88 -17.17 22.89
C THR A 103 20.75 -18.42 23.07
N ALA A 104 21.99 -18.36 22.59
CA ALA A 104 22.90 -19.53 22.74
C ALA A 104 23.22 -19.76 24.21
N MET A 105 23.36 -18.68 25.00
CA MET A 105 23.76 -18.84 26.40
C MET A 105 22.56 -19.19 27.29
N THR A 106 21.44 -18.48 27.11
CA THR A 106 20.29 -18.62 27.99
C THR A 106 19.03 -19.13 27.31
N GLY A 107 18.90 -19.01 26.00
CA GLY A 107 17.70 -19.38 25.30
C GLY A 107 17.65 -20.81 24.78
N ASN A 108 18.57 -21.67 25.21
CA ASN A 108 18.61 -23.06 24.76
C ASN A 108 18.68 -23.17 23.23
N PHE A 109 19.37 -22.22 22.61
CA PHE A 109 19.62 -22.21 21.16
C PHE A 109 18.36 -22.03 20.32
N GLU A 110 17.23 -21.71 20.94
CA GLU A 110 15.99 -21.47 20.22
C GLU A 110 15.40 -20.13 20.66
N SER A 111 14.79 -19.42 19.72
CA SER A 111 14.13 -18.15 20.03
C SER A 111 13.09 -17.87 18.95
N LYS A 112 11.82 -17.95 19.31
CA LYS A 112 10.71 -17.54 18.44
C LYS A 112 10.76 -18.26 17.09
N GLY A 113 10.90 -19.59 17.15
CA GLY A 113 10.98 -20.39 15.96
C GLY A 113 12.31 -20.35 15.23
N SER A 114 13.23 -19.50 15.66
CA SER A 114 14.57 -19.46 15.08
C SER A 114 15.52 -20.32 15.89
N ALA A 115 16.40 -21.04 15.20
CA ALA A 115 17.38 -21.90 15.83
C ALA A 115 18.78 -21.32 15.65
N VAL A 116 19.62 -21.48 16.65
CA VAL A 116 21.02 -21.11 16.55
C VAL A 116 21.77 -22.23 15.83
N VAL A 117 22.51 -21.87 14.78
CA VAL A 117 23.13 -22.84 13.89
C VAL A 117 24.62 -22.88 14.16
N LEU A 118 25.17 -24.10 14.18
CA LEU A 118 26.62 -24.34 14.23
C LEU A 118 27.03 -24.85 12.85
N SER A 119 27.85 -24.07 12.15
CA SER A 119 28.21 -24.39 10.78
C SER A 119 29.65 -24.00 10.50
N ALA A 120 30.25 -24.67 9.53
CA ALA A 120 31.65 -24.48 9.19
C ALA A 120 31.84 -24.61 7.69
N VAL A 121 32.93 -24.02 7.20
CA VAL A 121 33.33 -24.11 5.81
C VAL A 121 34.72 -24.73 5.76
N LEU A 122 34.90 -25.71 4.88
CA LEU A 122 36.18 -26.38 4.70
C LEU A 122 36.69 -26.16 3.29
N ASP A 123 38.01 -26.09 3.16
CA ASP A 123 38.67 -25.97 1.87
C ASP A 123 39.96 -26.77 1.91
N TYR A 124 40.38 -27.21 0.73
CA TYR A 124 41.63 -27.97 0.64
C TYR A 124 42.79 -27.12 1.14
N ASN A 125 43.62 -27.71 1.99
CA ASN A 125 44.83 -27.05 2.45
C ASN A 125 45.76 -26.80 1.27
N PRO A 126 46.12 -25.55 0.97
CA PRO A 126 47.09 -25.32 -0.12
C PRO A 126 48.48 -25.82 0.23
N ASP A 127 48.71 -26.15 1.50
CA ASP A 127 49.99 -26.79 1.92
C ASP A 127 49.93 -28.26 1.50
N ASN A 128 50.91 -28.72 0.72
CA ASN A 128 50.88 -30.09 0.16
C ASN A 128 51.76 -31.03 0.99
N SER A 129 52.18 -30.59 2.18
CA SER A 129 52.98 -31.48 3.06
C SER A 129 52.20 -32.74 3.37
N PRO A 130 52.84 -33.92 3.36
CA PRO A 130 52.18 -35.18 3.67
C PRO A 130 51.63 -35.24 5.09
N THR A 131 52.24 -34.50 6.02
CA THR A 131 51.80 -34.49 7.43
C THR A 131 50.72 -33.43 7.66
N ALA A 132 50.56 -32.48 6.73
CA ALA A 132 49.62 -31.35 6.92
C ALA A 132 48.17 -31.82 6.84
N PRO A 133 47.22 -31.16 7.53
CA PRO A 133 45.80 -31.51 7.38
C PRO A 133 45.30 -31.26 5.96
N LEU A 134 44.46 -32.16 5.42
CA LEU A 134 43.97 -32.03 4.02
C LEU A 134 43.07 -30.80 3.89
N TYR A 135 42.21 -30.55 4.88
CA TYR A 135 41.33 -29.40 4.83
C TYR A 135 41.73 -28.37 5.87
N LEU A 136 41.44 -27.11 5.55
CA LEU A 136 41.58 -26.03 6.56
C LEU A 136 40.13 -25.71 6.94
N VAL A 137 39.87 -25.39 8.20
CA VAL A 137 38.47 -25.22 8.65
C VAL A 137 38.19 -23.79 9.09
N LYS A 138 37.09 -23.21 8.65
CA LYS A 138 36.67 -21.89 9.19
C LYS A 138 35.34 -22.13 9.89
N LEU A 139 35.31 -22.06 11.21
CA LEU A 139 34.03 -22.19 11.94
C LEU A 139 33.28 -20.88 11.74
N LYS A 140 32.02 -20.96 11.33
CA LYS A 140 31.26 -19.72 11.03
C LYS A 140 30.68 -19.12 12.33
N PRO A 141 30.41 -17.79 12.41
CA PRO A 141 29.81 -17.19 13.60
C PRO A 141 28.44 -17.78 13.96
N LEU A 142 28.12 -17.83 15.25
CA LEU A 142 26.77 -18.28 15.66
C LEU A 142 25.74 -17.42 14.92
N MET A 143 24.77 -18.05 14.26
CA MET A 143 23.75 -17.30 13.48
C MET A 143 22.38 -17.93 13.71
N PHE A 144 21.34 -17.14 13.48
CA PHE A 144 19.95 -17.64 13.61
C PHE A 144 19.47 -18.15 12.26
N GLU A 145 18.74 -19.26 12.26
CA GLU A 145 18.11 -19.76 11.00
C GLU A 145 16.75 -20.35 11.38
N GLN A 146 15.81 -20.39 10.42
N GLN A 146 15.83 -20.39 10.43
CA GLN A 146 14.49 -21.02 10.72
CA GLN A 146 14.52 -21.02 10.70
C GLN A 146 14.71 -22.46 11.20
C GLN A 146 14.74 -22.44 11.21
N GLY A 147 14.03 -22.83 12.28
CA GLY A 147 14.12 -24.17 12.81
C GLY A 147 13.46 -25.19 11.90
N CYS A 148 13.57 -26.45 12.33
CA CYS A 148 12.99 -27.58 11.58
C CYS A 148 12.54 -28.62 12.61
N ARG A 149 11.90 -29.69 12.16
CA ARG A 149 11.34 -30.68 13.11
C ARG A 149 12.45 -31.30 13.96
N LEU A 150 13.57 -31.68 13.35
CA LEU A 150 14.65 -32.37 14.09
C LEU A 150 15.26 -31.46 15.16
N THR A 151 15.54 -30.20 14.85
CA THR A 151 16.07 -29.22 15.84
C THR A 151 15.04 -28.99 16.96
N ARG A 152 13.76 -28.87 16.61
CA ARG A 152 12.69 -28.68 17.62
C ARG A 152 12.60 -29.91 18.53
N ARG A 153 12.80 -31.11 17.97
CA ARG A 153 12.66 -32.35 18.77
C ARG A 153 13.92 -32.65 19.58
N PHE A 154 15.10 -32.41 19.02
CA PHE A 154 16.32 -32.83 19.71
C PHE A 154 17.20 -31.68 20.17
N GLY A 155 16.96 -30.46 19.70
CA GLY A 155 17.74 -29.32 20.12
C GLY A 155 18.69 -28.85 19.04
N PRO A 156 18.69 -27.55 18.76
CA PRO A 156 19.59 -27.02 17.71
C PRO A 156 21.06 -27.24 18.03
N ASP A 157 21.42 -27.32 19.31
CA ASP A 157 22.81 -27.49 19.71
C ASP A 157 23.39 -28.84 19.31
N ARG A 158 22.54 -29.81 18.95
CA ARG A 158 22.99 -31.14 18.58
C ARG A 158 23.21 -31.30 17.09
N PHE A 159 23.26 -30.20 16.34
CA PHE A 159 23.34 -30.25 14.89
C PHE A 159 24.46 -29.34 14.41
N PHE A 160 25.21 -29.83 13.44
CA PHE A 160 26.40 -29.17 12.91
C PHE A 160 26.45 -29.44 11.42
N GLU A 161 26.64 -28.39 10.62
CA GLU A 161 26.65 -28.53 9.17
C GLU A 161 27.92 -27.88 8.61
N ILE A 162 28.41 -28.44 7.50
CA ILE A 162 29.62 -27.94 6.87
C ILE A 162 29.44 -27.94 5.36
N LEU A 163 30.26 -27.12 4.70
CA LEU A 163 30.53 -27.24 3.27
C LEU A 163 31.94 -27.78 3.11
N ILE A 164 32.08 -28.80 2.28
CA ILE A 164 33.37 -29.47 2.09
C ILE A 164 33.53 -29.79 0.61
N PRO A 165 34.71 -29.65 0.04
CA PRO A 165 34.89 -30.00 -1.38
C PRO A 165 34.53 -31.45 -1.63
N SER A 166 33.87 -31.70 -2.74
CA SER A 166 33.47 -33.06 -3.07
C SER A 166 34.71 -33.86 -3.47
N PRO A 167 35.01 -35.00 -2.80
CA PRO A 167 36.17 -35.82 -3.14
C PRO A 167 36.15 -36.34 -4.58
N THR A 168 35.02 -36.23 -5.26
CA THR A 168 34.88 -36.73 -6.64
C THR A 168 35.11 -35.61 -7.65
N SER A 169 35.48 -34.43 -7.17
CA SER A 169 35.66 -33.26 -8.08
C SER A 169 36.74 -33.55 -9.12
N THR A 170 36.51 -33.12 -10.35
CA THR A 170 37.48 -33.34 -11.45
C THR A 170 38.26 -32.06 -11.66
N SER A 171 38.14 -31.12 -10.72
CA SER A 171 38.78 -29.79 -10.86
C SER A 171 40.30 -29.88 -10.87
N PRO A 172 40.97 -28.99 -11.63
CA PRO A 172 42.42 -28.95 -11.65
C PRO A 172 42.98 -28.64 -10.25
N SER A 173 42.25 -27.86 -9.45
CA SER A 173 42.78 -27.42 -8.13
C SER A 173 42.67 -28.51 -7.07
N VAL A 174 42.16 -29.69 -7.41
CA VAL A 174 42.16 -30.77 -6.39
C VAL A 174 43.63 -31.10 -6.12
N PRO A 175 44.08 -31.17 -4.84
CA PRO A 175 45.44 -31.57 -4.54
C PRO A 175 45.77 -32.96 -5.10
N PRO A 176 47.03 -33.17 -5.54
CA PRO A 176 47.43 -34.45 -6.12
C PRO A 176 47.21 -35.64 -5.17
N VAL A 177 47.29 -35.42 -3.87
CA VAL A 177 47.15 -36.55 -2.90
C VAL A 177 45.78 -37.20 -3.12
N VAL A 178 44.71 -36.42 -3.26
CA VAL A 178 43.37 -37.00 -3.59
C VAL A 178 43.30 -37.42 -5.06
N SER A 179 43.73 -36.56 -5.99
CA SER A 179 43.58 -36.83 -7.45
C SER A 179 44.47 -38.00 -7.93
N LYS A 180 45.71 -38.08 -7.45
CA LYS A 180 46.68 -39.13 -7.87
C LYS A 180 46.26 -40.54 -7.43
N GLN A 181 45.76 -40.70 -6.22
CA GLN A 181 45.43 -42.07 -5.74
C GLN A 181 43.95 -42.36 -6.00
N GLY A 183 42.14 -44.29 -4.34
CA GLY A 183 41.48 -44.89 -3.18
C GLY A 183 41.16 -43.77 -2.22
N ALA A 184 41.57 -42.56 -2.59
CA ALA A 184 41.40 -41.38 -1.73
C ALA A 184 39.94 -40.98 -1.59
N VAL A 185 39.21 -41.05 -2.69
CA VAL A 185 37.80 -40.58 -2.63
C VAL A 185 37.09 -41.45 -1.61
N GLU A 186 37.31 -42.76 -1.67
CA GLU A 186 36.69 -43.70 -0.70
C GLU A 186 37.22 -43.41 0.71
N GLU A 187 38.50 -43.10 0.84
CA GLU A 187 39.07 -42.74 2.16
C GLU A 187 38.42 -41.46 2.69
N VAL A 188 38.21 -40.46 1.84
CA VAL A 188 37.53 -39.20 2.28
C VAL A 188 36.07 -39.50 2.62
N ILE A 189 35.40 -40.29 1.80
CA ILE A 189 33.97 -40.64 2.05
C ILE A 189 33.90 -41.39 3.37
N GLN A 190 34.84 -42.28 3.61
CA GLN A 190 34.86 -43.05 4.86
C GLN A 190 35.12 -42.08 6.03
N TRP A 191 36.03 -41.13 5.86
CA TRP A 191 36.33 -40.24 7.01
C TRP A 191 35.06 -39.54 7.47
N LEU A 192 34.22 -39.13 6.52
CA LEU A 192 32.98 -38.39 6.85
C LEU A 192 31.99 -39.27 7.60
N THR A 193 31.90 -40.55 7.27
CA THR A 193 30.80 -41.39 7.82
C THR A 193 31.23 -42.57 8.70
N MET A 194 32.51 -42.91 8.81
CA MET A 194 32.91 -44.14 9.52
C MET A 194 32.73 -43.99 11.02
N GLY A 195 32.97 -42.81 11.50
CA GLY A 195 32.89 -42.68 12.96
C GLY A 195 32.59 -41.27 13.43
N GLN A 196 32.80 -41.05 14.71
CA GLN A 196 32.46 -39.75 15.31
C GLN A 196 33.59 -38.75 15.13
N HIS A 197 33.23 -37.48 14.99
CA HIS A 197 34.19 -36.40 14.91
C HIS A 197 34.13 -35.58 16.19
N SER A 198 35.29 -35.19 16.71
CA SER A 198 35.39 -34.45 17.95
C SER A 198 35.50 -32.96 17.65
N LEU A 199 34.61 -32.17 18.25
CA LEU A 199 34.62 -30.73 18.06
C LEU A 199 33.88 -30.07 19.22
N VAL A 200 34.51 -29.07 19.84
CA VAL A 200 33.98 -28.35 20.99
C VAL A 200 33.30 -29.30 21.96
N GLY A 201 34.00 -30.38 22.32
CA GLY A 201 33.57 -31.26 23.39
C GLY A 201 32.38 -32.16 23.08
N ARG A 202 32.02 -32.31 21.81
CA ARG A 202 30.90 -33.16 21.43
C ARG A 202 31.32 -34.09 20.31
N GLN A 203 30.71 -35.29 20.28
CA GLN A 203 30.98 -36.29 19.26
C GLN A 203 29.91 -36.21 18.19
N TRP A 204 30.32 -35.81 16.99
CA TRP A 204 29.40 -35.57 15.88
C TRP A 204 29.46 -36.71 14.86
N ARG A 205 28.29 -37.22 14.49
CA ARG A 205 28.20 -38.31 13.48
C ARG A 205 27.38 -37.85 12.27
N ALA A 206 27.88 -38.08 11.06
CA ALA A 206 27.20 -37.65 9.82
C ALA A 206 25.91 -38.42 9.59
N PHE A 207 24.84 -37.72 9.22
CA PHE A 207 23.53 -38.36 8.94
C PHE A 207 22.97 -37.97 7.57
N PHE A 208 23.44 -36.85 7.01
CA PHE A 208 22.87 -36.36 5.72
C PHE A 208 23.87 -35.56 4.90
N ALA A 209 23.73 -35.61 3.58
CA ALA A 209 24.58 -34.83 2.66
C ALA A 209 23.75 -34.38 1.48
N LYS A 210 24.07 -33.23 0.92
CA LYS A 210 23.33 -32.70 -0.25
C LYS A 210 24.29 -31.83 -1.07
N ASP A 211 24.13 -31.88 -2.38
CA ASP A 211 24.94 -31.07 -3.27
C ASP A 211 24.73 -29.59 -2.97
N ALA A 212 25.83 -28.85 -2.82
CA ALA A 212 25.79 -27.43 -2.54
C ALA A 212 26.27 -26.58 -3.70
N GLY A 213 26.54 -27.21 -4.83
CA GLY A 213 26.94 -26.47 -6.04
C GLY A 213 28.38 -26.03 -6.03
N TYR A 214 28.77 -25.26 -7.04
CA TYR A 214 30.17 -24.82 -7.19
C TYR A 214 30.41 -23.59 -6.32
N ARG A 215 31.38 -23.68 -5.42
CA ARG A 215 31.64 -22.57 -4.46
C ARG A 215 33.09 -22.11 -4.58
N LYS A 216 33.30 -20.80 -4.55
CA LYS A 216 34.69 -20.27 -4.56
C LYS A 216 35.30 -20.52 -3.18
N PRO A 217 36.57 -20.95 -3.11
CA PRO A 217 37.22 -21.17 -1.85
C PRO A 217 37.36 -19.86 -1.08
N LEU A 218 37.36 -19.93 0.25
CA LEU A 218 37.44 -18.71 1.07
C LEU A 218 38.77 -18.00 0.78
N ARG A 219 38.74 -16.67 0.71
CA ARG A 219 39.96 -15.88 0.39
C ARG A 219 40.99 -16.07 1.50
N GLU A 220 40.54 -16.12 2.75
CA GLU A 220 41.48 -16.21 3.89
C GLU A 220 42.27 -17.52 3.81
N PHE A 221 41.84 -18.43 2.94
CA PHE A 221 42.53 -19.73 2.80
C PHE A 221 43.22 -19.74 1.44
N GLN A 222 43.51 -18.57 0.86
CA GLN A 222 44.23 -18.49 -0.41
C GLN A 222 43.49 -19.25 -1.50
N PRO A 228 41.56 -18.67 -7.68
CA PRO A 228 40.21 -18.52 -7.15
C PRO A 228 39.16 -19.26 -7.98
N LYS A 229 39.44 -20.52 -8.31
CA LYS A 229 38.52 -21.25 -9.17
C LYS A 229 37.43 -21.93 -8.35
N PRO A 230 36.17 -21.85 -8.78
CA PRO A 230 35.09 -22.50 -8.05
C PRO A 230 35.26 -24.01 -8.03
N ILE A 231 34.86 -24.62 -6.93
CA ILE A 231 34.93 -26.07 -6.74
C ILE A 231 33.59 -26.54 -6.19
N ILE A 232 33.10 -27.67 -6.72
CA ILE A 232 31.83 -28.22 -6.25
C ILE A 232 31.99 -28.69 -4.81
N LYS A 233 31.04 -28.30 -3.96
CA LYS A 233 31.07 -28.65 -2.55
C LYS A 233 29.78 -29.36 -2.16
N GLU A 234 29.88 -30.20 -1.13
CA GLU A 234 28.76 -30.90 -0.54
C GLU A 234 28.46 -30.31 0.83
N ARG A 235 27.19 -30.24 1.18
N ARG A 235 27.19 -30.25 1.18
CA ARG A 235 26.78 -29.88 2.53
CA ARG A 235 26.77 -29.88 2.53
C ARG A 235 26.49 -31.16 3.30
C ARG A 235 26.48 -31.14 3.31
N VAL A 236 27.14 -31.30 4.45
CA VAL A 236 27.04 -32.50 5.28
C VAL A 236 26.52 -32.09 6.65
N HIS A 237 25.55 -32.85 7.15
CA HIS A 237 24.95 -32.59 8.44
C HIS A 237 25.43 -33.62 9.45
N PHE A 238 25.77 -33.15 10.65
CA PHE A 238 26.22 -34.01 11.73
C PHE A 238 25.29 -33.88 12.92
N PHE A 239 25.21 -34.94 13.71
CA PHE A 239 24.42 -34.98 14.93
C PHE A 239 25.33 -35.29 16.10
N ALA A 240 25.12 -34.57 17.20
CA ALA A 240 25.92 -34.79 18.41
C ALA A 240 25.34 -36.00 19.15
N GLU A 241 26.01 -37.13 19.01
CA GLU A 241 25.55 -38.37 19.67
C GLU A 241 25.90 -38.33 21.16
N THR A 242 27.09 -37.81 21.49
CA THR A 242 27.53 -37.75 22.90
C THR A 242 28.45 -36.54 23.10
N GLY A 243 28.84 -36.29 24.34
CA GLY A 243 29.72 -35.15 24.67
C GLY A 243 30.14 -35.25 26.13
N ILE A 244 31.03 -34.36 26.57
CA ILE A 244 31.54 -34.37 27.97
C ILE A 244 30.37 -34.14 28.91
N THR A 245 29.49 -33.19 28.60
CA THR A 245 28.35 -32.86 29.47
C THR A 245 27.23 -33.87 29.25
N PHE A 246 27.33 -34.71 28.23
CA PHE A 246 26.22 -35.64 27.90
C PHE A 246 26.11 -36.73 28.96
N ARG A 247 24.90 -37.23 29.17
CA ARG A 247 24.66 -38.25 30.22
C ARG A 247 24.14 -39.53 29.56
N PRO A 248 24.56 -40.73 30.01
CA PRO A 248 24.03 -41.97 29.48
C PRO A 248 22.50 -42.04 29.56
N GLU A 261 14.97 -31.04 28.06
CA GLU A 261 16.35 -31.13 28.53
C GLU A 261 17.15 -29.90 28.12
N PRO A 262 17.89 -29.34 29.07
CA PRO A 262 18.76 -28.20 28.75
C PRO A 262 19.86 -28.59 27.75
N VAL A 263 20.47 -27.56 27.17
CA VAL A 263 21.57 -27.78 26.23
C VAL A 263 22.76 -28.42 26.95
N GLU A 264 22.92 -28.11 28.24
CA GLU A 264 24.11 -28.59 28.99
C GLU A 264 23.84 -29.94 29.65
N GLN A 265 22.62 -30.46 29.51
CA GLN A 265 22.28 -31.72 30.21
C GLN A 265 21.63 -32.66 29.20
N ARG A 266 22.32 -32.94 28.11
CA ARG A 266 21.72 -33.79 27.05
C ARG A 266 22.01 -35.26 27.30
N THR A 267 21.17 -36.13 26.77
CA THR A 267 21.31 -37.57 26.91
C THR A 267 21.94 -38.16 25.65
N GLU A 268 22.77 -39.20 25.84
CA GLU A 268 23.39 -39.88 24.71
C GLU A 268 22.31 -40.41 23.76
N PHE A 269 22.50 -40.16 22.47
CA PHE A 269 21.51 -40.57 21.48
C PHE A 269 22.21 -40.77 20.14
N LYS A 270 22.06 -41.95 19.55
CA LYS A 270 22.75 -42.28 18.31
C LYS A 270 21.99 -41.77 17.09
N VAL A 271 22.73 -41.46 16.04
CA VAL A 271 22.11 -41.10 14.76
C VAL A 271 21.10 -42.16 14.35
N SER A 272 21.45 -43.44 14.52
CA SER A 272 20.53 -44.52 14.16
C SER A 272 19.21 -44.39 14.89
N GLN A 273 19.25 -43.99 16.17
CA GLN A 273 18.02 -43.76 16.92
C GLN A 273 17.34 -42.47 16.47
N MET A 274 18.12 -41.47 16.05
N MET A 274 18.11 -41.48 16.03
CA MET A 274 17.53 -40.22 15.57
CA MET A 274 17.50 -40.23 15.57
C MET A 274 16.75 -40.45 14.28
C MET A 274 16.75 -40.44 14.27
N LEU A 275 17.36 -41.15 13.31
CA LEU A 275 16.66 -41.43 12.07
C LEU A 275 15.52 -42.41 12.25
N ASP A 276 15.64 -43.34 13.21
CA ASP A 276 14.54 -44.25 13.47
C ASP A 276 13.33 -43.51 14.05
N TRP A 277 13.58 -42.52 14.91
CA TRP A 277 12.49 -41.68 15.39
C TRP A 277 11.80 -40.97 14.24
N LEU A 278 12.58 -40.44 13.29
CA LEU A 278 11.99 -39.67 12.20
C LEU A 278 11.25 -40.57 11.22
N LEU A 279 11.89 -41.65 10.76
CA LEU A 279 11.37 -42.43 9.65
C LEU A 279 10.73 -43.75 10.06
N GLN A 280 10.79 -44.13 11.33
CA GLN A 280 10.20 -45.38 11.82
C GLN A 280 10.51 -46.55 10.88
N LEU A 281 11.80 -46.87 10.86
CA LEU A 281 12.36 -47.74 9.83
C LEU A 281 11.72 -49.13 9.84
N ASP A 282 11.33 -49.63 11.01
CA ASP A 282 10.77 -50.97 11.09
C ASP A 282 9.60 -51.16 10.13
N ASN A 283 8.85 -50.09 9.84
CA ASN A 283 7.71 -50.16 8.94
C ASN A 283 8.03 -49.65 7.54
N ASN A 284 9.32 -49.45 7.22
CA ASN A 284 9.70 -48.86 5.94
C ASN A 284 10.85 -49.61 5.28
N THR A 285 11.11 -50.85 5.69
CA THR A 285 12.18 -51.63 5.09
C THR A 285 11.92 -51.91 3.62
N TRP A 286 10.65 -51.85 3.19
CA TRP A 286 10.29 -52.13 1.80
C TRP A 286 10.70 -51.04 0.82
N GLN A 287 11.20 -49.89 1.32
CA GLN A 287 11.52 -48.73 0.49
C GLN A 287 12.96 -48.83 -0.02
N PRO A 288 13.21 -48.36 -1.25
CA PRO A 288 14.60 -48.23 -1.70
C PRO A 288 15.35 -47.33 -0.74
N HIS A 289 16.52 -47.80 -0.30
CA HIS A 289 17.20 -47.10 0.79
C HIS A 289 17.67 -45.71 0.36
N LEU A 290 17.94 -45.50 -0.94
CA LEU A 290 18.31 -44.17 -1.40
C LEU A 290 17.15 -43.20 -1.31
N LYS A 291 15.94 -43.67 -1.64
CA LYS A 291 14.76 -42.81 -1.50
C LYS A 291 14.48 -42.52 -0.03
N LEU A 292 14.53 -43.54 0.82
CA LEU A 292 14.37 -43.34 2.26
C LEU A 292 15.34 -42.29 2.78
N PHE A 293 16.61 -42.38 2.36
CA PHE A 293 17.61 -41.41 2.79
C PHE A 293 17.25 -40.01 2.36
N SER A 294 16.67 -39.86 1.16
CA SER A 294 16.30 -38.53 0.68
C SER A 294 15.15 -37.94 1.49
N ARG A 295 14.33 -38.78 2.12
CA ARG A 295 13.25 -38.28 2.96
C ARG A 295 13.75 -37.64 4.24
N ILE A 296 15.03 -37.79 4.58
CA ILE A 296 15.58 -37.09 5.73
C ILE A 296 15.41 -35.59 5.58
N GLN A 297 15.43 -35.09 4.35
CA GLN A 297 15.24 -33.67 4.10
C GLN A 297 13.94 -33.15 4.73
N LEU A 298 12.91 -34.00 4.83
CA LEU A 298 11.67 -33.58 5.46
C LEU A 298 11.87 -33.21 6.92
N GLY A 299 12.79 -33.89 7.62
CA GLY A 299 13.09 -33.52 8.99
C GLY A 299 13.90 -32.25 9.10
N LEU A 300 14.60 -31.85 8.03
CA LEU A 300 15.44 -30.66 8.03
C LEU A 300 14.76 -29.47 7.36
N SER A 301 13.60 -29.66 6.75
CA SER A 301 12.91 -28.57 6.07
C SER A 301 12.68 -27.41 7.03
N LYS A 302 13.08 -26.23 6.58
CA LYS A 302 12.93 -24.99 7.39
C LYS A 302 11.46 -24.62 7.39
N THR A 303 10.80 -24.77 8.53
CA THR A 303 9.34 -24.59 8.59
C THR A 303 8.90 -23.81 9.83
N TYR A 304 7.71 -23.23 9.77
CA TYR A 304 7.13 -22.56 10.94
C TYR A 304 6.18 -23.54 11.61
N ALA A 305 6.41 -23.84 12.89
CA ALA A 305 5.51 -24.72 13.64
C ALA A 305 4.21 -23.94 13.92
N ILE A 306 3.09 -24.52 13.55
CA ILE A 306 1.80 -23.79 13.69
C ILE A 306 1.04 -24.34 14.88
N MET A 307 0.72 -25.64 14.83
CA MET A 307 -0.12 -26.22 15.87
C MET A 307 0.11 -27.73 15.90
N THR A 308 -0.17 -28.32 17.05
CA THR A 308 -0.20 -29.77 17.19
C THR A 308 -1.64 -30.22 17.16
N LEU A 309 -1.93 -31.21 16.31
CA LEU A 309 -3.27 -31.78 16.21
C LEU A 309 -3.34 -33.07 17.01
N GLU A 310 -4.49 -33.29 17.64
CA GLU A 310 -4.70 -34.53 18.35
C GLU A 310 -5.02 -35.66 17.38
N PRO A 311 -4.68 -36.90 17.73
CA PRO A 311 -4.93 -38.02 16.80
C PRO A 311 -6.35 -38.10 16.27
N HIS A 312 -7.36 -37.73 17.07
CA HIS A 312 -8.73 -37.82 16.59
C HIS A 312 -9.10 -36.71 15.62
N GLN A 313 -8.22 -35.72 15.42
CA GLN A 313 -8.43 -34.65 14.46
C GLN A 313 -7.70 -34.90 13.14
N ILE A 314 -7.09 -36.07 12.97
CA ILE A 314 -6.31 -36.39 11.78
C ILE A 314 -7.04 -37.46 11.00
N ARG A 315 -7.36 -37.16 9.73
CA ARG A 315 -8.06 -38.08 8.84
C ARG A 315 -7.06 -38.62 7.82
N HIS A 316 -6.53 -39.81 8.09
CA HIS A 316 -5.61 -40.48 7.18
C HIS A 316 -6.44 -41.26 6.16
N HIS A 317 -6.36 -40.85 4.90
CA HIS A 317 -7.07 -41.52 3.83
C HIS A 317 -6.26 -42.70 3.31
N LYS A 318 -6.94 -43.82 3.05
CA LYS A 318 -6.26 -44.99 2.53
C LYS A 318 -5.96 -44.89 1.05
N THR A 319 -6.79 -44.16 0.29
CA THR A 319 -6.65 -44.09 -1.15
C THR A 319 -6.69 -42.64 -1.61
N ASP A 320 -5.97 -42.36 -2.69
CA ASP A 320 -6.02 -41.06 -3.33
C ASP A 320 -7.29 -40.92 -4.15
N LEU A 321 -7.52 -39.70 -4.65
CA LEU A 321 -8.53 -39.48 -5.67
C LEU A 321 -8.04 -40.09 -6.98
N LEU A 322 -8.81 -41.00 -7.54
CA LEU A 322 -8.38 -41.67 -8.79
C LEU A 322 -9.20 -41.19 -9.97
N SER A 323 -8.69 -41.40 -11.17
CA SER A 323 -9.38 -40.94 -12.40
C SER A 323 -10.74 -41.62 -12.51
N PRO A 324 -11.79 -40.88 -12.87
CA PRO A 324 -13.13 -41.45 -13.07
C PRO A 324 -13.09 -42.45 -14.24
N SER A 325 -12.17 -42.24 -15.17
CA SER A 325 -12.04 -43.13 -16.36
C SER A 325 -11.65 -44.56 -15.99
N GLY A 326 -10.93 -44.79 -14.88
CA GLY A 326 -10.44 -46.13 -14.53
C GLY A 326 -9.01 -46.35 -14.96
N THR A 327 -8.33 -45.29 -15.42
CA THR A 327 -6.92 -45.35 -15.84
C THR A 327 -6.05 -45.71 -14.63
N GLY A 328 -6.51 -45.38 -13.42
CA GLY A 328 -5.76 -45.65 -12.19
C GLY A 328 -4.92 -44.44 -11.78
N GLU A 329 -4.91 -43.40 -12.60
CA GLU A 329 -4.07 -42.24 -12.31
C GLU A 329 -4.56 -41.51 -11.07
N VAL A 330 -3.61 -41.04 -10.28
CA VAL A 330 -3.94 -40.22 -9.07
C VAL A 330 -4.21 -38.78 -9.52
N MET A 331 -5.26 -38.17 -9.00
CA MET A 331 -5.65 -36.82 -9.45
C MET A 331 -5.39 -35.75 -8.37
N ASN A 332 -5.05 -36.15 -7.15
CA ASN A 332 -4.78 -35.19 -6.04
C ASN A 332 -3.35 -35.40 -5.49
N ASP A 333 -2.41 -35.74 -6.35
CA ASP A 333 -1.05 -36.08 -5.86
C ASP A 333 -0.44 -34.90 -5.09
N GLY A 334 -0.16 -35.11 -3.81
CA GLY A 334 0.48 -34.09 -2.95
C GLY A 334 -0.48 -33.12 -2.27
N VAL A 335 -1.77 -33.22 -2.53
CA VAL A 335 -2.74 -32.21 -2.00
C VAL A 335 -3.83 -32.80 -1.10
N GLY A 336 -4.07 -32.15 0.02
CA GLY A 336 -5.11 -32.56 0.96
C GLY A 336 -5.90 -31.36 1.46
N ARG A 337 -6.99 -31.61 2.19
CA ARG A 337 -7.80 -30.52 2.75
C ARG A 337 -7.54 -30.29 4.24
N MET A 338 -7.77 -29.06 4.68
CA MET A 338 -7.66 -28.73 6.11
C MET A 338 -8.91 -27.96 6.53
N SER A 339 -9.21 -27.97 7.81
CA SER A 339 -10.37 -27.21 8.36
C SER A 339 -10.11 -25.71 8.27
N ARG A 340 -11.18 -24.92 8.29
CA ARG A 340 -11.06 -23.45 8.24
C ARG A 340 -10.39 -22.99 9.53
N SER A 341 -10.64 -23.67 10.64
CA SER A 341 -10.04 -23.29 11.94
C SER A 341 -8.53 -23.46 11.90
N VAL A 342 -8.05 -24.51 11.24
CA VAL A 342 -6.58 -24.69 11.08
C VAL A 342 -6.04 -23.51 10.27
N ALA A 343 -6.71 -23.18 9.16
CA ALA A 343 -6.25 -22.06 8.35
C ALA A 343 -6.25 -20.75 9.14
N LYS A 344 -7.21 -20.58 10.05
CA LYS A 344 -7.20 -19.37 10.88
C LYS A 344 -6.05 -19.41 11.87
N ARG A 345 -5.75 -20.58 12.43
CA ARG A 345 -4.61 -20.70 13.33
C ARG A 345 -3.31 -20.34 12.61
N ILE A 346 -3.17 -20.77 11.35
CA ILE A 346 -2.00 -20.40 10.57
C ILE A 346 -1.91 -18.88 10.44
N ARG A 347 -3.01 -18.24 10.05
CA ARG A 347 -3.03 -16.79 9.98
C ARG A 347 -2.60 -16.17 11.30
N ASP A 348 -3.11 -16.70 12.43
CA ASP A 348 -2.85 -16.11 13.72
C ASP A 348 -1.39 -16.31 14.13
N VAL A 349 -0.87 -17.52 13.99
CA VAL A 349 0.50 -17.80 14.41
C VAL A 349 1.49 -17.02 13.54
N LEU A 350 1.27 -16.99 12.23
CA LEU A 350 2.19 -16.31 11.33
C LEU A 350 1.94 -14.81 11.22
N GLY A 351 0.84 -14.31 11.78
CA GLY A 351 0.54 -12.87 11.74
C GLY A 351 0.11 -12.39 10.37
N LEU A 352 -0.70 -13.15 9.68
CA LEU A 352 -1.11 -12.79 8.31
C LEU A 352 -2.34 -11.88 8.39
N GLY A 353 -2.53 -11.04 7.39
CA GLY A 353 -3.68 -10.13 7.37
C GLY A 353 -4.92 -10.85 6.91
N ASP A 354 -4.77 -12.07 6.43
CA ASP A 354 -5.92 -12.81 5.88
C ASP A 354 -5.74 -14.31 6.10
N VAL A 355 -6.83 -15.05 6.06
CA VAL A 355 -6.76 -16.53 6.20
C VAL A 355 -6.22 -17.09 4.88
N PRO A 356 -5.11 -17.84 4.90
CA PRO A 356 -4.60 -18.45 3.68
C PRO A 356 -5.52 -19.52 3.08
N SER A 357 -5.72 -19.50 1.76
CA SER A 357 -6.51 -20.55 1.13
C SER A 357 -5.75 -21.87 1.07
N ALA A 358 -4.43 -21.82 0.98
CA ALA A 358 -3.62 -23.03 0.85
C ALA A 358 -2.23 -22.74 1.36
N VAL A 359 -1.56 -23.79 1.83
CA VAL A 359 -0.21 -23.68 2.36
C VAL A 359 0.64 -24.84 1.85
N GLN A 360 1.93 -24.57 1.70
CA GLN A 360 2.92 -25.62 1.49
C GLN A 360 3.43 -26.03 2.87
N GLY A 361 3.27 -27.31 3.20
CA GLY A 361 3.67 -27.72 4.54
C GLY A 361 4.19 -29.14 4.67
N ARG A 362 4.41 -29.55 5.91
CA ARG A 362 4.77 -30.91 6.26
C ARG A 362 3.99 -31.29 7.51
N PHE A 363 3.65 -32.58 7.61
CA PHE A 363 2.83 -33.06 8.72
C PHE A 363 3.16 -34.54 8.91
N GLY A 364 3.96 -34.84 9.92
CA GLY A 364 4.42 -36.21 10.08
C GLY A 364 5.18 -36.64 8.84
N SER A 365 4.74 -37.75 8.25
CA SER A 365 5.35 -38.23 7.01
C SER A 365 4.79 -37.55 5.77
N ALA A 366 3.77 -36.71 5.92
CA ALA A 366 3.11 -36.09 4.77
C ALA A 366 3.77 -34.76 4.41
N LYS A 367 3.92 -34.54 3.11
CA LYS A 367 4.40 -33.27 2.60
CA LYS A 367 4.41 -33.27 2.60
C LYS A 367 3.60 -32.90 1.36
N GLY A 368 3.29 -31.62 1.31
CA GLY A 368 2.78 -31.03 0.07
C GLY A 368 1.89 -29.86 0.37
N MET A 369 0.73 -29.83 -0.26
CA MET A 369 -0.17 -28.68 -0.10
C MET A 369 -1.43 -29.03 0.69
N TRP A 370 -1.85 -28.13 1.55
CA TRP A 370 -3.15 -28.29 2.24
C TRP A 370 -4.06 -27.12 1.87
N VAL A 371 -5.31 -27.39 1.53
CA VAL A 371 -6.26 -26.35 1.07
C VAL A 371 -7.48 -26.29 2.00
N ILE A 372 -8.08 -25.11 2.14
CA ILE A 372 -9.28 -24.95 2.99
C ILE A 372 -10.41 -25.79 2.40
N ASP A 373 -11.10 -26.53 3.26
CA ASP A 373 -12.28 -27.29 2.78
C ASP A 373 -13.42 -26.28 2.69
N VAL A 374 -13.84 -25.96 1.46
CA VAL A 374 -14.87 -24.91 1.25
C VAL A 374 -16.20 -25.36 1.87
N ASP A 375 -16.38 -26.65 2.12
CA ASP A 375 -17.65 -27.20 2.66
C ASP A 375 -17.63 -27.21 4.19
N ASP A 376 -16.59 -26.68 4.81
CA ASP A 376 -16.47 -26.73 6.29
C ASP A 376 -17.29 -25.58 6.90
N THR A 377 -18.42 -25.92 7.52
CA THR A 377 -19.29 -24.93 8.18
C THR A 377 -19.02 -25.02 9.69
N GLY A 378 -18.18 -25.96 10.08
CA GLY A 378 -17.89 -26.20 11.51
C GLY A 378 -16.77 -25.34 12.04
N ASP A 379 -16.43 -25.52 13.31
CA ASP A 379 -15.32 -24.75 13.92
C ASP A 379 -14.30 -25.72 14.51
N GLU A 380 -14.31 -26.98 14.07
CA GLU A 380 -13.40 -28.01 14.65
C GLU A 380 -12.09 -28.07 13.87
N ASP A 381 -10.98 -28.23 14.57
CA ASP A 381 -9.65 -28.36 13.93
C ASP A 381 -9.53 -29.76 13.33
N TRP A 382 -9.21 -29.86 12.05
CA TRP A 382 -8.96 -31.17 11.41
C TRP A 382 -8.04 -31.03 10.21
N ILE A 383 -7.32 -32.10 9.90
CA ILE A 383 -6.44 -32.12 8.70
C ILE A 383 -6.54 -33.52 8.10
N GLU A 384 -6.45 -33.60 6.79
CA GLU A 384 -6.49 -34.91 6.10
C GLU A 384 -5.15 -35.19 5.42
N THR A 385 -4.75 -36.46 5.41
CA THR A 385 -3.52 -36.89 4.71
C THR A 385 -3.89 -37.92 3.63
N TYR A 386 -3.20 -37.88 2.51
CA TYR A 386 -3.43 -38.85 1.42
C TYR A 386 -2.17 -39.69 1.18
N PRO A 387 -2.28 -40.90 0.60
CA PRO A 387 -1.11 -41.71 0.29
C PRO A 387 -0.05 -40.94 -0.51
N SER A 388 -0.45 -40.15 -1.51
CA SER A 388 0.51 -39.42 -2.34
C SER A 388 1.30 -38.40 -1.55
N GLN A 389 0.82 -37.98 -0.38
CA GLN A 389 1.55 -37.05 0.47
C GLN A 389 2.49 -37.75 1.44
N ARG A 390 2.15 -38.96 1.86
CA ARG A 390 2.90 -39.64 2.91
C ARG A 390 4.10 -40.35 2.29
N LYS A 391 5.30 -39.89 2.65
CA LYS A 391 6.53 -40.39 2.06
C LYS A 391 7.14 -41.56 2.84
N TRP A 392 6.58 -41.92 4.00
CA TRP A 392 6.94 -43.15 4.68
C TRP A 392 5.80 -43.53 5.61
N GLU A 393 5.80 -44.78 6.04
CA GLU A 393 4.79 -45.25 6.96
C GLU A 393 5.06 -44.66 8.35
N CYS A 394 4.12 -43.86 8.84
CA CYS A 394 4.27 -43.10 10.06
C CYS A 394 3.06 -43.36 10.96
N ASP A 395 3.31 -43.45 12.27
CA ASP A 395 2.22 -43.69 13.21
C ASP A 395 1.66 -42.41 13.82
N PHE A 396 2.32 -41.27 13.62
CA PHE A 396 1.79 -39.97 14.03
C PHE A 396 1.49 -39.93 15.53
N VAL A 397 2.41 -40.47 16.33
CA VAL A 397 2.19 -40.56 17.78
C VAL A 397 2.84 -39.36 18.48
N ASP A 398 4.14 -39.17 18.26
CA ASP A 398 4.87 -38.10 18.91
C ASP A 398 4.28 -36.74 18.52
N LYS A 399 4.31 -35.79 19.46
CA LYS A 399 3.79 -34.45 19.19
C LYS A 399 4.39 -33.87 17.92
N HIS A 400 5.71 -33.99 17.76
CA HIS A 400 6.41 -33.41 16.62
C HIS A 400 6.13 -34.13 15.32
N GLN A 401 5.49 -35.30 15.36
CA GLN A 401 5.01 -35.97 14.16
C GLN A 401 3.54 -35.69 13.90
N ARG A 402 2.90 -34.91 14.78
CA ARG A 402 1.52 -34.48 14.64
C ARG A 402 1.41 -32.96 14.55
N THR A 403 2.49 -32.30 14.13
CA THR A 403 2.58 -30.85 14.14
C THR A 403 2.54 -30.34 12.70
N LEU A 404 1.57 -29.46 12.42
CA LEU A 404 1.52 -28.82 11.11
C LEU A 404 2.66 -27.81 10.99
N GLU A 405 3.53 -28.03 10.02
CA GLU A 405 4.67 -27.12 9.81
C GLU A 405 4.48 -26.48 8.43
N VAL A 406 4.56 -25.17 8.36
CA VAL A 406 4.30 -24.45 7.08
C VAL A 406 5.61 -23.89 6.49
N ARG A 407 6.01 -24.39 5.33
CA ARG A 407 7.17 -23.83 4.60
C ARG A 407 6.78 -22.49 3.97
N SER A 408 5.60 -22.42 3.35
N SER A 408 5.58 -22.42 3.40
CA SER A 408 5.13 -21.16 2.74
CA SER A 408 5.14 -21.16 2.71
C SER A 408 3.61 -21.11 2.63
C SER A 408 3.61 -21.11 2.64
N VAL A 409 3.08 -19.93 2.32
CA VAL A 409 1.60 -19.76 2.18
C VAL A 409 1.31 -19.21 0.80
N ALA A 410 0.14 -19.51 0.25
CA ALA A 410 -0.25 -18.94 -1.05
C ALA A 410 -0.57 -17.47 -0.78
N SER A 411 0.23 -16.59 -1.37
CA SER A 411 0.09 -15.15 -1.08
C SER A 411 -0.25 -14.36 -2.33
N GLU A 412 -0.48 -13.06 -2.16
CA GLU A 412 -0.87 -12.21 -3.28
C GLU A 412 0.09 -12.39 -4.45
N LEU A 413 -0.47 -12.41 -5.65
CA LEU A 413 0.28 -12.71 -6.87
C LEU A 413 0.80 -11.43 -7.50
N LYS A 414 1.85 -11.57 -8.30
CA LYS A 414 2.43 -10.47 -9.07
C LYS A 414 2.62 -10.90 -10.51
N SER A 415 2.71 -9.91 -11.39
CA SER A 415 2.95 -10.20 -12.79
C SER A 415 4.27 -10.94 -12.96
N ALA A 416 4.27 -11.95 -13.83
CA ALA A 416 5.45 -12.71 -14.15
C ALA A 416 5.90 -12.36 -15.58
N GLY A 417 6.79 -13.18 -16.14
CA GLY A 417 7.28 -12.95 -17.47
C GLY A 417 7.72 -14.25 -18.11
N LEU A 418 8.20 -14.13 -19.33
CA LEU A 418 8.66 -15.31 -20.08
C LEU A 418 10.09 -15.67 -19.67
N ASN A 419 10.58 -16.78 -20.19
CA ASN A 419 11.97 -17.22 -19.92
C ASN A 419 12.49 -17.92 -21.19
N LEU A 420 13.78 -18.21 -21.25
CA LEU A 420 14.39 -18.82 -22.45
C LEU A 420 13.76 -20.19 -22.76
N GLN A 421 13.42 -20.96 -21.73
CA GLN A 421 12.84 -22.31 -21.94
C GLN A 421 11.45 -22.24 -22.56
N LEU A 422 10.65 -21.24 -22.19
CA LEU A 422 9.27 -21.12 -22.70
C LEU A 422 9.25 -20.69 -24.17
N LEU A 423 10.20 -19.86 -24.57
CA LEU A 423 10.14 -19.30 -25.92
C LEU A 423 10.16 -20.37 -27.01
N PRO A 424 11.12 -21.29 -27.05
CA PRO A 424 11.14 -22.29 -28.14
C PRO A 424 9.92 -23.18 -28.16
N VAL A 425 9.30 -23.43 -27.00
CA VAL A 425 8.14 -24.30 -26.95
C VAL A 425 6.90 -23.54 -27.41
N LEU A 426 6.80 -22.26 -27.05
CA LEU A 426 5.69 -21.44 -27.55
C LEU A 426 5.73 -21.36 -29.07
N GLU A 427 6.91 -21.17 -29.65
CA GLU A 427 7.03 -21.12 -31.10
C GLU A 427 6.73 -22.47 -31.73
N ASP A 428 7.19 -23.56 -31.10
CA ASP A 428 6.95 -24.88 -31.66
C ASP A 428 5.47 -25.19 -31.77
N ARG A 429 4.66 -24.67 -30.85
CA ARG A 429 3.21 -25.02 -30.80
C ARG A 429 2.34 -23.93 -31.41
N ALA A 430 2.96 -22.95 -32.04
CA ALA A 430 2.21 -21.84 -32.69
C ALA A 430 1.64 -22.27 -34.05
N ARG A 431 0.37 -21.97 -34.29
CA ARG A 431 -0.27 -22.22 -35.60
C ARG A 431 0.41 -21.34 -36.63
N ASP A 432 0.68 -20.09 -36.28
CA ASP A 432 1.46 -19.19 -37.16
C ASP A 432 2.68 -18.74 -36.36
N LYS A 433 3.87 -19.21 -36.73
CA LYS A 433 5.10 -18.91 -35.96
C LYS A 433 5.49 -17.45 -36.14
N VAL A 434 5.25 -16.89 -37.32
CA VAL A 434 5.53 -15.45 -37.57
C VAL A 434 4.66 -14.59 -36.64
N LYS A 435 3.38 -14.95 -36.48
CA LYS A 435 2.52 -14.17 -35.60
C LYS A 435 2.94 -14.28 -34.15
N MET A 436 3.21 -15.51 -33.68
N MET A 436 3.20 -15.51 -33.69
CA MET A 436 3.65 -15.69 -32.30
CA MET A 436 3.66 -15.71 -32.32
C MET A 436 4.91 -14.89 -32.02
C MET A 436 4.91 -14.88 -32.03
N ARG A 437 5.88 -14.94 -32.94
CA ARG A 437 7.11 -14.16 -32.75
C ARG A 437 6.80 -12.67 -32.72
N GLN A 438 5.89 -12.19 -33.54
CA GLN A 438 5.50 -10.74 -33.55
C GLN A 438 4.86 -10.35 -32.21
N ALA A 439 3.99 -11.19 -31.67
CA ALA A 439 3.29 -10.92 -30.40
C ALA A 439 4.28 -10.79 -29.24
N ILE A 440 5.24 -11.71 -29.15
CA ILE A 440 6.23 -11.68 -28.04
C ILE A 440 7.13 -10.46 -28.23
N GLY A 441 7.50 -10.16 -29.47
CA GLY A 441 8.32 -8.96 -29.75
C GLY A 441 7.58 -7.67 -29.39
N ASP A 442 6.29 -7.59 -29.72
CA ASP A 442 5.51 -6.39 -29.39
C ASP A 442 5.45 -6.21 -27.88
N ARG A 443 5.24 -7.31 -27.14
CA ARG A 443 5.24 -7.23 -25.66
C ARG A 443 6.58 -6.66 -25.19
N LEU A 444 7.69 -7.10 -25.75
CA LEU A 444 9.03 -6.55 -25.36
C LEU A 444 9.09 -5.05 -25.64
N ILE A 445 8.73 -4.61 -26.84
CA ILE A 445 8.84 -3.16 -27.20
C ILE A 445 7.93 -2.35 -26.29
N ASN A 446 6.72 -2.84 -26.06
CA ASN A 446 5.74 -2.10 -25.23
C ASN A 446 6.25 -1.98 -23.81
N ASP A 447 6.83 -3.06 -23.27
CA ASP A 447 7.32 -3.02 -21.86
C ASP A 447 8.45 -2.00 -21.75
N LEU A 448 9.39 -2.01 -22.69
CA LEU A 448 10.54 -1.06 -22.64
C LEU A 448 10.00 0.36 -22.77
N GLN A 449 9.03 0.56 -23.66
CA GLN A 449 8.49 1.91 -23.91
C GLN A 449 7.83 2.44 -22.64
N ARG A 450 7.02 1.60 -22.00
CA ARG A 450 6.37 2.00 -20.73
C ARG A 450 7.41 2.25 -19.64
N GLN A 451 8.42 1.38 -19.52
CA GLN A 451 9.41 1.51 -18.42
C GLN A 451 10.18 2.82 -18.57
N PHE A 452 10.63 3.12 -19.78
CA PHE A 452 11.46 4.32 -19.99
C PHE A 452 10.55 5.55 -19.89
N SER A 453 9.33 5.42 -20.40
CA SER A 453 8.42 6.55 -20.36
C SER A 453 8.05 6.92 -18.92
N GLU A 454 7.70 5.91 -18.11
CA GLU A 454 7.33 6.18 -16.72
C GLU A 454 8.48 6.83 -15.97
N GLN A 455 9.72 6.40 -16.22
CA GLN A 455 10.85 6.95 -15.49
C GLN A 455 11.19 8.36 -15.96
N LYS A 456 11.19 8.58 -17.28
CA LYS A 456 11.51 9.91 -17.79
C LYS A 456 10.54 10.96 -17.25
N HIS A 457 9.26 10.60 -17.12
CA HIS A 457 8.29 11.53 -16.57
C HIS A 457 8.54 11.77 -15.08
N ALA A 458 8.83 10.71 -14.33
CA ALA A 458 9.07 10.87 -12.90
C ALA A 458 10.30 11.70 -12.62
N LEU A 459 11.32 11.62 -13.48
CA LEU A 459 12.55 12.38 -13.24
C LEU A 459 12.33 13.88 -13.25
N ASN A 460 11.21 14.35 -13.81
CA ASN A 460 10.95 15.79 -13.89
C ASN A 460 10.61 16.40 -12.55
N ARG A 461 10.30 15.59 -11.53
CA ARG A 461 9.97 16.12 -10.21
C ARG A 461 10.53 15.21 -9.12
N PRO A 462 11.31 15.75 -8.18
CA PRO A 462 11.84 14.92 -7.08
C PRO A 462 10.77 14.13 -6.33
N VAL A 463 9.64 14.76 -5.99
CA VAL A 463 8.59 14.02 -5.29
C VAL A 463 8.09 12.85 -6.14
N GLU A 464 8.07 13.02 -7.47
CA GLU A 464 7.63 11.95 -8.34
C GLU A 464 8.71 10.90 -8.55
N PHE A 465 9.98 11.32 -8.62
CA PHE A 465 11.05 10.33 -8.78
C PHE A 465 11.23 9.50 -7.53
N ARG A 466 11.11 10.13 -6.35
CA ARG A 466 11.13 9.36 -5.11
C ARG A 466 10.06 8.29 -5.11
N GLN A 467 8.82 8.68 -5.44
CA GLN A 467 7.74 7.70 -5.55
C GLN A 467 8.13 6.57 -6.50
N TRP A 468 8.65 6.91 -7.67
CA TRP A 468 9.05 5.88 -8.67
C TRP A 468 10.12 4.95 -8.10
N VAL A 469 11.17 5.51 -7.51
CA VAL A 469 12.30 4.71 -6.95
C VAL A 469 11.77 3.78 -5.86
N TYR A 470 10.84 4.27 -5.05
CA TYR A 470 10.32 3.44 -3.94
C TYR A 470 9.55 2.23 -4.50
N GLU A 471 8.77 2.45 -5.56
CA GLU A 471 7.96 1.36 -6.15
C GLU A 471 8.87 0.41 -6.92
N SER A 472 10.04 0.89 -7.37
CA SER A 472 11.00 0.07 -8.13
C SER A 472 11.64 -1.03 -7.28
N TYR A 473 11.94 -0.75 -6.01
CA TYR A 473 12.69 -1.75 -5.20
C TYR A 473 12.16 -1.85 -3.77
N SER A 474 12.44 -2.97 -3.12
CA SER A 474 11.98 -3.21 -1.72
C SER A 474 13.16 -3.14 -0.78
N SER A 475 13.07 -2.30 0.25
CA SER A 475 14.14 -2.25 1.27
C SER A 475 13.58 -2.50 2.67
N ARG A 476 12.29 -2.84 2.78
CA ARG A 476 11.70 -2.98 4.10
C ARG A 476 12.41 -4.06 4.92
N ALA A 477 12.81 -5.16 4.27
CA ALA A 477 13.45 -6.25 4.98
C ALA A 477 14.73 -5.79 5.66
N THR A 478 15.58 -5.07 4.91
CA THR A 478 16.84 -4.61 5.50
C THR A 478 16.61 -3.55 6.57
N ARG A 479 15.67 -2.63 6.33
CA ARG A 479 15.38 -1.61 7.34
C ARG A 479 14.90 -2.25 8.63
N VAL A 480 14.03 -3.27 8.53
CA VAL A 480 13.51 -3.93 9.72
C VAL A 480 14.63 -4.66 10.45
N SER A 481 15.46 -5.41 9.71
CA SER A 481 16.48 -6.23 10.35
C SER A 481 17.58 -5.37 10.96
N HIS A 482 17.87 -4.21 10.37
CA HIS A 482 18.89 -3.31 10.89
C HIS A 482 18.34 -2.21 11.78
N GLY A 483 17.03 -1.97 11.76
CA GLY A 483 16.49 -0.83 12.47
C GLY A 483 16.93 0.50 11.93
N ARG A 484 17.29 0.57 10.66
CA ARG A 484 17.83 1.77 10.04
C ARG A 484 18.20 1.43 8.60
N VAL A 485 18.51 2.47 7.84
CA VAL A 485 19.09 2.30 6.51
C VAL A 485 20.58 2.03 6.70
N PRO A 486 21.08 0.84 6.36
CA PRO A 486 22.51 0.57 6.53
C PRO A 486 23.34 1.44 5.58
N PHE A 487 24.38 2.06 6.14
CA PHE A 487 25.27 2.93 5.39
C PHE A 487 26.58 2.21 5.08
N LEU A 488 27.15 2.51 3.92
CA LEU A 488 28.53 2.16 3.59
C LEU A 488 29.31 3.45 3.49
N ALA A 489 30.20 3.69 4.45
CA ALA A 489 30.93 4.95 4.56
C ALA A 489 29.90 6.07 4.69
N GLY A 490 29.82 7.03 3.77
CA GLY A 490 28.95 8.17 3.96
C GLY A 490 27.67 8.15 3.14
N LEU A 491 27.28 6.98 2.64
CA LEU A 491 26.08 6.86 1.83
C LEU A 491 25.39 5.54 2.15
N PRO A 492 24.08 5.45 1.94
CA PRO A 492 23.41 4.15 2.10
C PRO A 492 24.07 3.10 1.22
N ASP A 493 24.04 1.84 1.70
CA ASP A 493 24.63 0.76 0.94
C ASP A 493 23.90 0.53 -0.38
N SER A 494 22.62 0.85 -0.43
CA SER A 494 21.80 0.62 -1.62
C SER A 494 21.82 1.83 -2.53
N GLN A 495 21.84 1.58 -3.84
CA GLN A 495 21.75 2.66 -4.81
C GLN A 495 20.40 3.36 -4.73
N GLU A 496 19.33 2.60 -4.53
CA GLU A 496 18.00 3.18 -4.45
C GLU A 496 17.83 3.99 -3.17
N GLU A 497 18.34 3.47 -2.05
CA GLU A 497 18.29 4.24 -0.81
C GLU A 497 19.13 5.51 -0.91
N THR A 498 20.23 5.46 -1.67
CA THR A 498 21.05 6.65 -1.87
C THR A 498 20.28 7.73 -2.61
N LEU A 499 19.56 7.35 -3.68
CA LEU A 499 18.79 8.33 -4.44
C LEU A 499 17.75 9.00 -3.55
N ASN A 500 17.02 8.21 -2.77
CA ASN A 500 15.97 8.76 -1.93
C ASN A 500 16.54 9.55 -0.76
N PHE A 501 17.66 9.08 -0.20
CA PHE A 501 18.31 9.83 0.87
C PHE A 501 18.73 11.21 0.41
N LEU A 502 19.36 11.29 -0.77
CA LEU A 502 19.86 12.56 -1.26
C LEU A 502 18.71 13.46 -1.72
N MET A 503 17.68 12.89 -2.34
CA MET A 503 16.53 13.70 -2.74
C MET A 503 15.79 14.23 -1.53
N ASN A 504 15.73 13.44 -0.45
CA ASN A 504 15.06 13.91 0.77
C ASN A 504 15.78 15.11 1.39
N SER A 505 17.06 15.30 1.09
CA SER A 505 17.80 16.46 1.57
C SER A 505 17.84 17.61 0.58
N GLY A 506 17.11 17.50 -0.54
CA GLY A 506 16.93 18.61 -1.46
C GLY A 506 17.62 18.48 -2.79
N PHE A 507 18.27 17.36 -3.08
CA PHE A 507 18.94 17.21 -4.36
C PHE A 507 17.95 16.84 -5.46
N ASP A 508 18.21 17.35 -6.66
CA ASP A 508 17.35 17.19 -7.82
C ASP A 508 18.01 16.29 -8.85
N PRO A 509 17.34 15.21 -9.29
CA PRO A 509 18.00 14.29 -10.23
C PRO A 509 18.21 14.88 -11.62
N LYS A 510 17.52 15.95 -11.98
CA LYS A 510 17.80 16.66 -13.22
C LYS A 510 19.00 17.59 -13.11
N LYS A 511 19.35 18.00 -11.88
CA LYS A 511 20.37 19.01 -11.66
C LYS A 511 21.70 18.44 -11.17
N GLN A 512 21.68 17.34 -10.43
CA GLN A 512 22.89 16.77 -9.81
C GLN A 512 23.30 15.54 -10.60
N LYS A 513 24.45 15.62 -11.29
CA LYS A 513 24.90 14.53 -12.14
C LYS A 513 25.06 13.23 -11.36
N TYR A 514 25.50 13.31 -10.10
CA TYR A 514 25.74 12.10 -9.34
C TYR A 514 24.47 11.27 -9.19
N LEU A 515 23.34 11.93 -8.89
CA LEU A 515 22.07 11.21 -8.86
C LEU A 515 21.70 10.70 -10.24
N GLN A 516 21.92 11.52 -11.28
CA GLN A 516 21.65 11.10 -12.65
C GLN A 516 22.44 9.84 -12.99
N ASP A 517 23.70 9.78 -12.58
CA ASP A 517 24.54 8.59 -12.87
C ASP A 517 23.95 7.33 -12.21
N ILE A 518 23.43 7.46 -10.98
CA ILE A 518 22.89 6.27 -10.27
C ILE A 518 21.65 5.75 -11.00
N ALA A 519 20.78 6.66 -11.43
CA ALA A 519 19.55 6.25 -12.14
C ALA A 519 19.95 5.58 -13.46
N TRP A 520 20.95 6.13 -14.13
CA TRP A 520 21.45 5.53 -15.39
C TRP A 520 21.99 4.12 -15.15
N ASP A 521 22.80 3.94 -14.11
CA ASP A 521 23.41 2.62 -13.82
C ASP A 521 22.30 1.62 -13.51
N LEU A 522 21.29 2.04 -12.77
CA LEU A 522 20.17 1.13 -12.42
C LEU A 522 19.44 0.69 -13.69
N GLN A 523 19.16 1.63 -14.60
CA GLN A 523 18.44 1.30 -15.86
C GLN A 523 19.30 0.35 -16.70
N LYS A 524 20.61 0.62 -16.76
CA LYS A 524 21.50 -0.20 -17.60
C LYS A 524 21.47 -1.64 -17.11
N ARG A 525 21.47 -1.84 -15.79
CA ARG A 525 21.47 -3.21 -15.22
C ARG A 525 20.19 -3.94 -15.63
N LYS A 526 19.05 -3.26 -15.59
CA LYS A 526 17.77 -3.92 -15.92
C LYS A 526 17.78 -4.32 -17.40
N CYS A 527 18.29 -3.45 -18.27
CA CYS A 527 18.34 -3.72 -19.73
C CYS A 527 19.26 -4.92 -20.00
N ASP A 528 20.38 -4.99 -19.27
CA ASP A 528 21.33 -6.12 -19.41
C ASP A 528 20.65 -7.43 -19.01
N THR A 529 19.88 -7.40 -17.93
CA THR A 529 19.15 -8.62 -17.48
C THR A 529 18.16 -9.05 -18.57
N LEU A 530 17.49 -8.10 -19.21
CA LEU A 530 16.55 -8.43 -20.32
C LEU A 530 17.32 -9.07 -21.47
N LYS A 531 18.46 -8.51 -21.83
CA LYS A 531 19.26 -9.03 -22.97
C LYS A 531 19.77 -10.44 -22.65
N SER A 532 20.21 -10.67 -21.42
CA SER A 532 20.71 -12.00 -20.98
C SER A 532 19.63 -13.06 -20.79
N LYS A 533 18.48 -12.71 -20.20
CA LYS A 533 17.50 -13.75 -19.83
C LYS A 533 16.20 -13.64 -20.63
N LEU A 534 16.00 -12.57 -21.37
CA LEU A 534 14.72 -12.34 -22.08
C LEU A 534 13.56 -12.64 -21.13
N ASN A 535 13.62 -12.07 -19.93
CA ASN A 535 12.52 -12.23 -18.95
C ASN A 535 11.48 -11.19 -19.32
N ILE A 536 10.85 -11.36 -20.48
CA ILE A 536 9.91 -10.33 -20.98
C ILE A 536 8.67 -10.32 -20.09
N ARG A 537 8.40 -9.17 -19.50
CA ARG A 537 7.23 -9.02 -18.62
C ARG A 537 5.92 -9.25 -19.36
N VAL A 538 5.04 -10.04 -18.78
CA VAL A 538 3.68 -10.21 -19.34
C VAL A 538 2.73 -9.87 -18.19
N GLY A 539 1.98 -8.77 -18.33
CA GLY A 539 1.11 -8.34 -17.23
C GLY A 539 0.05 -9.36 -16.91
N ARG A 540 -0.54 -9.96 -17.93
CA ARG A 540 -1.57 -11.01 -17.74
C ARG A 540 -0.87 -12.36 -17.54
N SER A 541 0.03 -12.44 -16.56
CA SER A 541 0.75 -13.69 -16.24
C SER A 541 1.13 -13.74 -14.77
N ALA A 542 1.21 -14.93 -14.21
CA ALA A 542 1.67 -15.07 -12.82
C ALA A 542 2.10 -16.50 -12.50
N TYR A 543 2.94 -16.65 -11.50
CA TYR A 543 3.29 -18.01 -11.01
C TYR A 543 2.35 -18.28 -9.83
N ILE A 544 1.58 -19.36 -9.91
CA ILE A 544 0.55 -19.68 -8.88
C ILE A 544 0.67 -21.13 -8.41
N TYR A 545 0.52 -21.37 -7.11
CA TYR A 545 0.55 -22.73 -6.54
C TYR A 545 -0.58 -23.54 -7.19
N MET A 546 -0.29 -24.79 -7.55
N MET A 546 -0.29 -24.79 -7.54
CA MET A 546 -1.31 -25.64 -8.20
CA MET A 546 -1.31 -25.64 -8.20
C MET A 546 -2.06 -26.43 -7.13
C MET A 546 -2.05 -26.46 -7.15
N ILE A 547 -3.38 -26.54 -7.28
CA ILE A 547 -4.21 -27.30 -6.31
C ILE A 547 -5.19 -28.13 -7.14
N ALA A 548 -5.77 -29.18 -6.56
CA ALA A 548 -6.72 -30.07 -7.27
C ALA A 548 -8.15 -29.86 -6.75
N ASP A 549 -9.13 -30.10 -7.63
CA ASP A 549 -10.55 -29.87 -7.28
C ASP A 549 -11.14 -31.09 -6.57
N PHE A 550 -11.17 -31.05 -5.25
CA PHE A 550 -11.76 -32.16 -4.47
C PHE A 550 -13.27 -32.19 -4.61
N TRP A 551 -13.88 -31.20 -5.27
CA TRP A 551 -15.33 -31.14 -5.27
C TRP A 551 -15.94 -31.41 -6.63
N GLY A 552 -15.13 -31.79 -7.61
CA GLY A 552 -15.65 -32.27 -8.89
C GLY A 552 -16.50 -31.28 -9.65
N VAL A 553 -16.31 -29.98 -9.42
CA VAL A 553 -17.06 -28.98 -10.17
C VAL A 553 -16.39 -28.59 -11.47
N LEU A 554 -15.10 -28.88 -11.62
CA LEU A 554 -14.35 -28.52 -12.82
C LEU A 554 -14.31 -29.71 -13.78
N GLU A 555 -14.65 -29.46 -15.04
CA GLU A 555 -14.46 -30.45 -16.08
C GLU A 555 -13.00 -30.47 -16.50
N GLU A 556 -12.60 -31.55 -17.15
CA GLU A 556 -11.22 -31.62 -17.65
C GLU A 556 -11.00 -30.48 -18.65
N ASN A 557 -9.81 -29.89 -18.59
CA ASN A 557 -9.42 -28.75 -19.42
C ASN A 557 -9.99 -27.45 -18.88
N GLU A 558 -10.62 -27.46 -17.72
CA GLU A 558 -11.09 -26.25 -17.05
C GLU A 558 -10.24 -25.99 -15.81
N VAL A 559 -9.90 -24.73 -15.59
CA VAL A 559 -9.18 -24.32 -14.39
C VAL A 559 -9.90 -23.14 -13.76
N HIS A 560 -9.75 -23.01 -12.44
CA HIS A 560 -10.37 -21.93 -11.67
C HIS A 560 -9.27 -21.08 -11.05
N VAL A 561 -9.31 -19.78 -11.31
CA VAL A 561 -8.36 -18.83 -10.72
C VAL A 561 -9.14 -17.66 -10.15
N GLY A 562 -9.05 -17.49 -8.84
CA GLY A 562 -9.56 -16.30 -8.17
C GLY A 562 -8.46 -15.64 -7.37
N PHE A 563 -8.37 -14.32 -7.46
CA PHE A 563 -7.34 -13.56 -6.78
C PHE A 563 -7.86 -13.05 -5.43
N SER A 564 -6.95 -12.89 -4.48
CA SER A 564 -7.33 -12.34 -3.18
C SER A 564 -7.58 -10.84 -3.23
N SER A 565 -7.16 -10.17 -4.31
CA SER A 565 -7.32 -8.73 -4.44
C SER A 565 -7.23 -8.37 -5.91
N LYS A 566 -7.18 -7.07 -6.19
CA LYS A 566 -7.11 -6.59 -7.58
C LYS A 566 -5.77 -6.93 -8.22
N PHE A 567 -5.82 -7.72 -9.30
CA PHE A 567 -4.61 -8.01 -10.10
C PHE A 567 -4.57 -6.96 -11.21
N ARG A 568 -3.62 -6.04 -11.12
CA ARG A 568 -3.55 -4.91 -12.09
C ARG A 568 -2.72 -5.21 -13.32
N ASP A 569 -3.21 -4.82 -14.49
CA ASP A 569 -2.47 -4.94 -15.78
C ASP A 569 -2.67 -3.64 -16.53
N GLU A 570 -1.87 -2.62 -16.23
CA GLU A 570 -1.97 -1.31 -16.97
C GLU A 570 -3.37 -0.75 -16.80
N GLU A 571 -4.12 -0.62 -17.90
CA GLU A 571 -5.44 0.04 -17.83
C GLU A 571 -6.55 -0.92 -17.37
N GLU A 572 -6.25 -2.19 -17.11
CA GLU A 572 -7.32 -3.15 -16.77
C GLU A 572 -7.00 -3.90 -15.47
N SER A 573 -8.04 -4.40 -14.80
CA SER A 573 -7.85 -5.07 -13.49
C SER A 573 -8.68 -6.35 -13.39
N PHE A 574 -8.20 -7.32 -12.60
CA PHE A 574 -8.91 -8.61 -12.45
C PHE A 574 -9.01 -9.03 -10.99
N THR A 575 -10.14 -9.64 -10.61
CA THR A 575 -10.30 -10.24 -9.26
C THR A 575 -10.42 -11.75 -9.49
N LEU A 576 -10.66 -12.17 -10.73
CA LEU A 576 -10.79 -13.58 -11.09
C LEU A 576 -10.57 -13.71 -12.59
N LEU A 577 -10.47 -14.94 -13.05
CA LEU A 577 -10.38 -15.25 -14.47
C LEU A 577 -11.62 -16.02 -14.90
N SER A 578 -12.19 -15.65 -16.04
CA SER A 578 -13.37 -16.35 -16.52
C SER A 578 -13.57 -16.03 -17.99
N ASP A 579 -14.17 -16.99 -18.70
CA ASP A 579 -14.52 -16.83 -20.11
C ASP A 579 -13.29 -16.49 -20.95
N CYS A 580 -12.23 -17.27 -20.78
CA CYS A 580 -11.03 -17.07 -21.59
C CYS A 580 -10.13 -18.29 -21.47
N ASP A 581 -9.28 -18.45 -22.48
CA ASP A 581 -8.27 -19.50 -22.49
C ASP A 581 -7.01 -19.00 -21.78
N VAL A 582 -6.30 -19.94 -21.15
CA VAL A 582 -5.04 -19.64 -20.49
C VAL A 582 -4.02 -20.71 -20.86
N LEU A 583 -2.75 -20.34 -20.74
CA LEU A 583 -1.64 -21.27 -20.84
C LEU A 583 -1.08 -21.54 -19.45
N VAL A 584 -0.79 -22.80 -19.17
CA VAL A 584 -0.13 -23.20 -17.93
C VAL A 584 1.11 -24.01 -18.27
N ALA A 585 2.14 -23.85 -17.45
CA ALA A 585 3.39 -24.56 -17.63
C ALA A 585 4.16 -24.53 -16.33
N ARG A 586 5.10 -25.45 -16.19
CA ARG A 586 6.04 -25.45 -15.09
C ARG A 586 7.45 -25.20 -15.63
N SER A 587 8.29 -24.63 -14.79
CA SER A 587 9.71 -24.60 -15.10
C SER A 587 10.39 -25.76 -14.38
N PRO A 588 11.26 -26.53 -15.05
CA PRO A 588 11.68 -26.32 -16.45
C PRO A 588 10.72 -26.94 -17.45
N ALA A 589 10.52 -26.27 -18.59
CA ALA A 589 9.70 -26.80 -19.68
C ALA A 589 10.62 -27.24 -20.81
N HIS A 590 10.41 -28.46 -21.30
CA HIS A 590 11.27 -29.00 -22.35
C HIS A 590 10.46 -29.66 -23.47
N PHE A 591 9.58 -30.59 -23.13
CA PHE A 591 8.76 -31.24 -24.14
C PHE A 591 7.78 -30.24 -24.76
N PRO A 592 7.43 -30.43 -26.03
CA PRO A 592 6.36 -29.60 -26.62
C PRO A 592 5.07 -29.63 -25.83
N SER A 593 4.80 -30.72 -25.10
CA SER A 593 3.58 -30.84 -24.33
C SER A 593 3.69 -30.22 -22.93
N ASP A 594 4.84 -29.63 -22.59
CA ASP A 594 5.03 -29.06 -21.27
C ASP A 594 4.34 -27.71 -21.08
N ILE A 595 3.70 -27.19 -22.13
CA ILE A 595 2.80 -26.05 -22.03
C ILE A 595 1.44 -26.50 -22.53
N GLN A 596 0.38 -26.18 -21.78
CA GLN A 596 -0.96 -26.62 -22.13
C GLN A 596 -1.91 -25.43 -22.17
N ARG A 597 -2.76 -25.42 -23.19
CA ARG A 597 -3.84 -24.44 -23.31
C ARG A 597 -5.11 -25.02 -22.69
N VAL A 598 -5.67 -24.31 -21.72
CA VAL A 598 -6.87 -24.74 -21.02
C VAL A 598 -7.84 -23.56 -20.92
N ARG A 599 -8.99 -23.81 -20.31
CA ARG A 599 -10.06 -22.83 -20.25
C ARG A 599 -10.28 -22.40 -18.81
N ALA A 600 -10.18 -21.10 -18.55
CA ALA A 600 -10.50 -20.56 -17.23
C ALA A 600 -12.01 -20.49 -17.06
N VAL A 601 -12.52 -21.12 -16.01
CA VAL A 601 -13.93 -21.10 -15.66
C VAL A 601 -14.03 -20.83 -14.16
N PHE A 602 -14.73 -19.77 -13.78
CA PHE A 602 -14.88 -19.42 -12.37
C PHE A 602 -16.07 -20.18 -11.81
N LYS A 603 -15.82 -20.98 -10.77
CA LYS A 603 -16.86 -21.76 -10.11
C LYS A 603 -17.17 -21.14 -8.75
N PRO A 604 -18.40 -20.63 -8.54
CA PRO A 604 -18.71 -19.99 -7.25
C PRO A 604 -18.49 -20.90 -6.06
N GLU A 605 -18.65 -22.22 -6.24
CA GLU A 605 -18.38 -23.15 -5.15
C GLU A 605 -16.96 -23.00 -4.62
N LEU A 606 -16.02 -22.59 -5.48
CA LEU A 606 -14.61 -22.48 -5.13
C LEU A 606 -14.19 -21.05 -4.78
N HIS A 607 -15.16 -20.13 -4.64
CA HIS A 607 -14.82 -18.71 -4.56
C HIS A 607 -13.90 -18.40 -3.39
N SER A 608 -13.97 -19.18 -2.30
CA SER A 608 -13.14 -18.88 -1.15
C SER A 608 -11.67 -19.28 -1.36
N LEU A 609 -11.36 -19.98 -2.45
CA LEU A 609 -9.99 -20.43 -2.74
C LEU A 609 -9.33 -19.38 -3.62
N LYS A 610 -8.47 -18.57 -3.03
CA LYS A 610 -7.86 -17.43 -3.71
C LYS A 610 -6.35 -17.57 -3.78
N ASP A 611 -5.77 -17.01 -4.84
CA ASP A 611 -4.33 -16.97 -5.01
C ASP A 611 -3.74 -18.37 -5.22
N VAL A 612 -4.57 -19.25 -5.79
CA VAL A 612 -4.16 -20.56 -6.27
C VAL A 612 -4.87 -20.80 -7.59
N ILE A 613 -4.32 -21.69 -8.39
CA ILE A 613 -4.99 -22.18 -9.60
C ILE A 613 -5.42 -23.61 -9.31
N ILE A 614 -6.69 -23.91 -9.59
CA ILE A 614 -7.28 -25.20 -9.27
C ILE A 614 -7.48 -25.97 -10.57
N PHE A 615 -7.01 -27.21 -10.59
CA PHE A 615 -7.12 -28.08 -11.75
C PHE A 615 -8.22 -29.10 -11.54
N SER A 616 -8.80 -29.57 -12.63
CA SER A 616 -9.84 -30.58 -12.57
C SER A 616 -9.30 -31.90 -12.04
N THR A 617 -10.14 -32.63 -11.30
CA THR A 617 -9.85 -34.00 -10.93
C THR A 617 -10.60 -35.00 -11.81
N LYS A 618 -11.06 -34.55 -12.97
CA LYS A 618 -11.67 -35.42 -13.97
C LYS A 618 -10.71 -35.60 -15.13
N GLY A 619 -11.03 -36.55 -16.00
CA GLY A 619 -10.18 -36.90 -17.12
C GLY A 619 -9.28 -38.08 -16.82
N ASP A 620 -8.57 -38.51 -17.86
CA ASP A 620 -7.71 -39.69 -17.73
C ASP A 620 -6.43 -39.37 -16.98
N VAL A 621 -5.86 -38.20 -17.21
CA VAL A 621 -4.54 -37.86 -16.67
C VAL A 621 -4.61 -36.48 -16.01
N PRO A 622 -4.13 -36.34 -14.78
CA PRO A 622 -4.14 -35.02 -14.15
C PRO A 622 -3.34 -34.01 -14.96
N LEU A 623 -3.88 -32.80 -15.05
CA LEU A 623 -3.24 -31.75 -15.85
C LEU A 623 -1.85 -31.43 -15.31
N ALA A 624 -1.68 -31.46 -13.99
CA ALA A 624 -0.38 -31.19 -13.40
C ALA A 624 0.69 -32.11 -13.98
N LYS A 625 0.33 -33.38 -14.21
CA LYS A 625 1.32 -34.34 -14.70
C LYS A 625 1.82 -33.97 -16.09
N LYS A 626 0.96 -33.37 -16.92
CA LYS A 626 1.38 -32.94 -18.25
C LYS A 626 2.41 -31.81 -18.20
N LEU A 627 2.46 -31.06 -17.09
CA LEU A 627 3.37 -29.93 -16.95
C LEU A 627 4.69 -30.43 -16.37
N SER A 628 5.51 -31.02 -17.24
CA SER A 628 6.84 -31.49 -16.85
C SER A 628 6.77 -32.45 -15.67
N GLY A 629 5.77 -33.33 -15.70
CA GLY A 629 5.59 -34.30 -14.62
C GLY A 629 5.20 -33.71 -13.30
N GLY A 630 4.42 -32.62 -13.31
CA GLY A 630 4.08 -31.92 -12.09
C GLY A 630 3.00 -32.59 -11.26
N ASP A 631 2.74 -32.00 -10.10
CA ASP A 631 1.73 -32.49 -9.18
C ASP A 631 1.28 -31.31 -8.32
N TYR A 632 0.66 -31.61 -7.18
CA TYR A 632 0.03 -30.59 -6.33
C TYR A 632 0.66 -30.57 -4.94
N ASP A 633 1.98 -30.75 -4.87
CA ASP A 633 2.68 -30.83 -3.59
C ASP A 633 3.56 -29.61 -3.32
N GLY A 634 3.26 -28.49 -3.97
CA GLY A 634 4.10 -27.32 -3.91
C GLY A 634 4.57 -26.84 -5.27
N ASP A 635 4.30 -27.59 -6.33
CA ASP A 635 4.56 -27.12 -7.68
C ASP A 635 3.81 -25.81 -7.93
N MET A 636 4.43 -24.93 -8.70
CA MET A 636 3.82 -23.69 -9.15
C MET A 636 3.71 -23.70 -10.66
N ALA A 637 2.59 -23.20 -11.15
CA ALA A 637 2.41 -23.11 -12.61
C ALA A 637 2.59 -21.69 -13.12
N TRP A 638 3.24 -21.55 -14.27
CA TRP A 638 3.25 -20.25 -14.97
C TRP A 638 1.87 -20.20 -15.63
N VAL A 639 1.07 -19.18 -15.33
CA VAL A 639 -0.29 -19.04 -15.90
C VAL A 639 -0.34 -17.74 -16.71
N CYS A 640 -0.72 -17.82 -17.96
CA CYS A 640 -0.78 -16.63 -18.83
C CYS A 640 -2.17 -16.48 -19.44
N TRP A 641 -2.79 -15.32 -19.25
CA TRP A 641 -4.11 -15.06 -19.86
C TRP A 641 -3.97 -13.96 -20.93
N ASP A 642 -2.73 -13.63 -21.29
CA ASP A 642 -2.48 -12.63 -22.38
C ASP A 642 -3.10 -13.18 -23.66
N PRO A 643 -4.16 -12.55 -24.22
CA PRO A 643 -4.86 -13.17 -25.37
C PRO A 643 -4.00 -13.33 -26.60
N GLU A 644 -3.03 -12.45 -26.81
CA GLU A 644 -2.20 -12.53 -28.01
C GLU A 644 -1.20 -13.68 -27.94
N ILE A 645 -0.75 -14.02 -26.73
CA ILE A 645 0.14 -15.17 -26.57
C ILE A 645 -0.66 -16.47 -26.54
N VAL A 646 -1.88 -16.43 -26.02
CA VAL A 646 -2.67 -17.65 -25.85
C VAL A 646 -3.25 -18.13 -27.17
N ASP A 647 -3.71 -17.21 -28.02
CA ASP A 647 -4.64 -17.57 -29.07
C ASP A 647 -4.02 -18.48 -30.12
N GLY A 648 -2.73 -18.34 -30.40
CA GLY A 648 -2.12 -19.15 -31.43
C GLY A 648 -1.57 -20.50 -31.00
N PHE A 649 -1.77 -20.87 -29.74
CA PHE A 649 -1.16 -22.08 -29.18
C PHE A 649 -2.02 -23.31 -29.45
N VAL A 650 -1.40 -24.36 -29.98
CA VAL A 650 -2.03 -25.66 -30.17
C VAL A 650 -1.36 -26.67 -29.26
N ASN A 651 -2.17 -27.36 -28.44
CA ASN A 651 -1.62 -28.37 -27.55
C ASN A 651 -1.02 -29.53 -28.34
N ALA A 652 0.05 -30.09 -27.76
CA ALA A 652 0.67 -31.30 -28.32
C ALA A 652 0.38 -32.43 -27.33
N GLU A 653 0.44 -33.67 -27.78
CA GLU A 653 0.21 -34.83 -26.90
C GLU A 653 1.51 -35.17 -26.16
N MET A 654 1.40 -35.74 -24.97
CA MET A 654 2.60 -36.08 -24.18
C MET A 654 3.39 -37.08 -25.01
N PRO A 655 4.70 -36.87 -25.21
CA PRO A 655 5.48 -37.73 -26.09
C PRO A 655 5.74 -39.14 -25.52
N LEU A 656 5.92 -40.11 -26.41
CA LEU A 656 6.31 -41.45 -25.93
C LEU A 656 7.79 -41.32 -25.59
N GLU A 657 8.13 -41.50 -24.33
CA GLU A 657 9.54 -41.25 -23.94
C GLU A 657 10.41 -42.39 -24.44
N PRO A 658 11.55 -42.08 -25.07
CA PRO A 658 12.47 -43.12 -25.50
C PRO A 658 13.05 -43.93 -24.34
N ASP A 659 13.31 -45.22 -24.60
CA ASP A 659 13.93 -46.08 -23.57
C ASP A 659 15.39 -45.70 -23.43
N LEU A 660 15.74 -45.15 -22.29
CA LEU A 660 17.13 -44.77 -22.02
C LEU A 660 17.75 -45.65 -20.94
N SER A 661 17.14 -46.80 -20.64
CA SER A 661 17.65 -47.69 -19.61
C SER A 661 19.03 -48.23 -19.95
N ARG A 662 19.44 -48.17 -21.21
CA ARG A 662 20.79 -48.56 -21.58
C ARG A 662 21.83 -47.66 -20.92
N TYR A 663 21.45 -46.41 -20.62
CA TYR A 663 22.35 -45.41 -20.05
C TYR A 663 21.98 -45.01 -18.64
N LEU A 664 20.70 -44.94 -18.32
CA LEU A 664 20.23 -44.60 -16.98
C LEU A 664 19.95 -45.90 -16.23
N LYS A 665 20.68 -46.12 -15.15
CA LYS A 665 20.53 -47.31 -14.33
C LYS A 665 19.97 -46.92 -12.97
N LYS A 666 19.00 -47.69 -12.49
CA LYS A 666 18.28 -47.38 -11.26
C LYS A 666 18.72 -48.34 -10.17
N ASP A 667 19.29 -47.79 -9.10
CA ASP A 667 19.63 -48.56 -7.90
C ASP A 667 18.40 -48.57 -6.99
N LYS A 668 17.68 -49.68 -6.97
CA LYS A 668 16.47 -49.80 -6.17
C LYS A 668 16.64 -50.75 -4.99
N THR A 669 17.88 -50.98 -4.55
CA THR A 669 18.11 -51.82 -3.39
C THR A 669 17.31 -51.29 -2.19
N THR A 670 16.52 -52.15 -1.59
CA THR A 670 15.70 -51.75 -0.46
C THR A 670 16.48 -51.80 0.85
N PHE A 671 15.95 -51.10 1.85
CA PHE A 671 16.53 -51.17 3.19
C PHE A 671 16.56 -52.61 3.69
N LYS A 672 15.48 -53.36 3.44
CA LYS A 672 15.45 -54.77 3.83
C LYS A 672 16.60 -55.55 3.18
N GLN A 673 16.92 -55.25 1.92
CA GLN A 673 18.01 -55.95 1.26
C GLN A 673 19.35 -55.60 1.86
N LEU A 674 19.55 -54.32 2.25
CA LEU A 674 20.75 -53.96 2.98
C LEU A 674 20.83 -54.70 4.32
N MET A 675 19.67 -54.98 4.93
CA MET A 675 19.66 -55.61 6.28
C MET A 675 20.01 -57.10 6.21
N ALA A 676 19.94 -57.70 5.02
CA ALA A 676 20.31 -59.10 4.90
C ALA A 676 21.75 -59.34 5.34
N SER A 677 22.61 -58.33 5.21
CA SER A 677 23.99 -58.45 5.65
C SER A 677 24.13 -58.56 7.16
N HIS A 678 23.04 -58.35 7.91
CA HIS A 678 23.10 -58.34 9.36
C HIS A 678 22.02 -59.15 10.06
N GLY A 679 20.94 -59.50 9.37
CA GLY A 679 19.87 -60.25 10.00
C GLY A 679 18.71 -59.38 10.43
N THR A 680 18.13 -59.68 11.59
CA THR A 680 16.96 -58.98 12.09
C THR A 680 17.17 -58.57 13.53
N GLY A 681 16.33 -57.67 14.01
CA GLY A 681 16.39 -57.17 15.36
C GLY A 681 17.06 -55.81 15.45
N SER A 682 16.98 -55.23 16.66
CA SER A 682 17.44 -53.86 16.86
C SER A 682 18.90 -53.69 16.42
N ALA A 683 19.74 -54.67 16.72
CA ALA A 683 21.15 -54.56 16.34
C ALA A 683 21.31 -54.59 14.82
N ALA A 684 20.55 -55.42 14.12
CA ALA A 684 20.62 -55.45 12.67
C ALA A 684 20.10 -54.16 12.06
N LYS A 685 18.99 -53.63 12.60
CA LYS A 685 18.45 -52.37 12.08
C LYS A 685 19.44 -51.23 12.29
N GLU A 686 20.09 -51.18 13.45
CA GLU A 686 21.04 -50.11 13.74
C GLU A 686 22.19 -50.12 12.75
N GLN A 687 22.78 -51.29 12.51
CA GLN A 687 23.96 -51.36 11.61
C GLN A 687 23.53 -51.00 10.18
N THR A 688 22.35 -51.42 9.77
CA THR A 688 21.82 -51.14 8.42
C THR A 688 21.64 -49.62 8.20
N THR A 689 21.20 -48.91 9.23
CA THR A 689 20.98 -47.44 9.11
C THR A 689 22.30 -46.75 8.77
N TYR A 690 23.38 -47.17 9.41
CA TYR A 690 24.70 -46.55 9.16
C TYR A 690 25.18 -46.97 7.78
N ASP A 691 24.74 -48.15 7.33
CA ASP A 691 25.10 -48.57 5.99
C ASP A 691 24.32 -47.78 4.94
N MET A 692 23.04 -47.52 5.20
CA MET A 692 22.26 -46.66 4.32
C MET A 692 22.92 -45.29 4.20
N ILE A 693 23.35 -44.73 5.32
CA ILE A 693 24.02 -43.43 5.30
C ILE A 693 25.28 -43.50 4.43
N GLN A 694 26.14 -44.47 4.71
CA GLN A 694 27.41 -44.56 3.98
C GLN A 694 27.18 -44.75 2.48
N LYS A 695 26.29 -45.68 2.12
CA LYS A 695 26.03 -45.91 0.71
C LYS A 695 25.33 -44.72 0.06
N SER A 696 24.48 -44.01 0.81
CA SER A 696 23.82 -42.83 0.24
C SER A 696 24.81 -41.68 0.08
N PHE A 697 25.78 -41.55 0.99
CA PHE A 697 26.84 -40.56 0.81
C PHE A 697 27.62 -40.84 -0.46
N HIS A 698 27.96 -42.10 -0.70
CA HIS A 698 28.66 -42.46 -1.93
C HIS A 698 27.84 -42.08 -3.16
N PHE A 699 26.55 -42.39 -3.14
CA PHE A 699 25.67 -42.00 -4.23
C PHE A 699 25.62 -40.48 -4.37
N ALA A 700 25.46 -39.78 -3.26
CA ALA A 700 25.27 -38.33 -3.30
C ALA A 700 26.50 -37.61 -3.87
N LEU A 701 27.69 -38.19 -3.69
CA LEU A 701 28.92 -37.52 -4.09
C LEU A 701 29.33 -37.78 -5.53
N GLN A 702 28.61 -38.62 -6.25
CA GLN A 702 28.98 -38.90 -7.64
C GLN A 702 28.69 -37.68 -8.51
N PRO A 703 29.55 -37.38 -9.48
CA PRO A 703 29.33 -36.21 -10.34
C PRO A 703 27.93 -36.22 -10.94
N ASN A 704 27.29 -35.05 -10.94
CA ASN A 704 25.97 -34.89 -11.51
C ASN A 704 26.08 -34.22 -12.88
N PHE A 705 25.23 -34.65 -13.82
CA PHE A 705 25.33 -34.22 -15.20
C PHE A 705 24.12 -33.41 -15.65
N LEU A 706 23.24 -33.03 -14.71
CA LEU A 706 22.06 -32.25 -15.09
C LEU A 706 22.46 -30.99 -15.86
N GLY A 707 23.45 -30.26 -15.36
CA GLY A 707 23.84 -29.02 -16.01
C GLY A 707 24.51 -29.24 -17.35
N MET A 708 25.40 -30.23 -17.43
CA MET A 708 26.07 -30.50 -18.69
C MET A 708 25.09 -30.96 -19.75
N CYS A 709 24.12 -31.79 -19.39
CA CYS A 709 23.17 -32.35 -20.38
C CYS A 709 22.16 -31.28 -20.84
N THR A 710 21.74 -30.41 -19.92
CA THR A 710 20.79 -29.32 -20.25
C THR A 710 21.45 -28.37 -21.25
N ASN A 711 22.71 -28.04 -20.99
CA ASN A 711 23.48 -27.16 -21.90
C ASN A 711 23.69 -27.82 -23.27
N TYR A 712 23.97 -29.12 -23.30
CA TYR A 712 24.13 -29.83 -24.58
C TYR A 712 22.80 -29.74 -25.34
N LYS A 713 21.70 -29.93 -24.61
CA LYS A 713 20.37 -29.88 -25.24
C LYS A 713 20.12 -28.50 -25.84
N GLU A 714 20.46 -27.45 -25.09
CA GLU A 714 20.27 -26.07 -25.57
C GLU A 714 21.13 -25.84 -26.81
N ARG A 715 22.38 -26.29 -26.77
CA ARG A 715 23.31 -26.05 -27.89
C ARG A 715 22.84 -26.85 -29.11
N LEU A 716 22.49 -28.12 -28.94
CA LEU A 716 22.11 -28.94 -30.09
C LEU A 716 20.75 -28.52 -30.65
N CYS A 717 19.77 -28.27 -29.78
CA CYS A 717 18.46 -27.84 -30.26
C CYS A 717 18.53 -26.49 -30.94
N TYR A 718 19.46 -25.64 -30.54
CA TYR A 718 19.70 -24.38 -31.24
C TYR A 718 20.22 -24.65 -32.66
N ILE A 719 21.21 -25.53 -32.78
CA ILE A 719 21.77 -25.86 -34.08
C ILE A 719 20.67 -26.39 -35.02
N ASN A 720 19.84 -27.28 -34.51
CA ASN A 720 18.76 -27.85 -35.30
C ASN A 720 17.53 -26.94 -35.37
N ASN A 721 17.49 -25.86 -34.58
CA ASN A 721 16.31 -25.02 -34.43
C ASN A 721 15.04 -25.88 -34.33
N SER A 722 15.07 -26.82 -33.39
CA SER A 722 13.96 -27.73 -33.17
C SER A 722 14.00 -28.20 -31.73
N VAL A 723 12.82 -28.25 -31.10
CA VAL A 723 12.66 -28.85 -29.79
C VAL A 723 11.69 -30.03 -29.84
N SER A 724 11.31 -30.48 -31.03
CA SER A 724 10.39 -31.60 -31.17
C SER A 724 10.92 -32.74 -32.02
N ASN A 725 12.15 -32.67 -32.50
CA ASN A 725 12.67 -33.75 -33.32
C ASN A 725 13.30 -34.83 -32.43
N LYS A 726 13.81 -35.89 -33.06
CA LYS A 726 14.22 -37.07 -32.30
C LYS A 726 15.28 -36.75 -31.26
N PRO A 727 16.41 -36.08 -31.56
CA PRO A 727 17.36 -35.71 -30.51
C PRO A 727 16.78 -34.86 -29.36
N ALA A 728 15.86 -33.95 -29.69
CA ALA A 728 15.28 -33.07 -28.67
C ALA A 728 14.48 -33.89 -27.66
N ILE A 729 13.71 -34.86 -28.13
CA ILE A 729 12.90 -35.75 -27.25
C ILE A 729 13.82 -36.59 -26.36
N ILE A 730 14.93 -37.07 -26.92
CA ILE A 730 15.90 -37.90 -26.15
C ILE A 730 16.50 -37.05 -25.02
N LEU A 731 16.94 -35.84 -25.35
CA LEU A 731 17.60 -34.96 -24.34
C LEU A 731 16.60 -34.51 -23.28
N SER A 732 15.38 -34.19 -23.70
CA SER A 732 14.31 -33.78 -22.77
C SER A 732 14.00 -34.94 -21.81
N SER A 733 13.93 -36.14 -22.35
CA SER A 733 13.68 -37.33 -21.50
C SER A 733 14.85 -37.52 -20.51
N LEU A 734 16.08 -37.34 -20.98
CA LEU A 734 17.26 -37.52 -20.11
C LEU A 734 17.30 -36.49 -18.97
N VAL A 735 17.08 -35.21 -19.28
CA VAL A 735 17.19 -34.13 -18.24
C VAL A 735 16.09 -34.31 -17.20
N GLY A 736 14.89 -34.75 -17.63
CA GLY A 736 13.79 -35.03 -16.71
C GLY A 736 14.14 -36.13 -15.72
N ASN A 737 14.97 -37.08 -16.14
CA ASN A 737 15.42 -38.17 -15.23
C ASN A 737 16.55 -37.68 -14.34
N LEU A 738 17.41 -36.79 -14.83
CA LEU A 738 18.56 -36.40 -14.02
C LEU A 738 18.18 -35.43 -12.90
N VAL A 739 17.03 -34.78 -12.97
CA VAL A 739 16.61 -33.89 -11.90
C VAL A 739 16.15 -34.69 -10.69
N ASP A 740 15.46 -35.82 -10.93
CA ASP A 740 14.96 -36.69 -9.87
C ASP A 740 15.99 -37.74 -9.45
N GLN A 741 17.29 -37.45 -9.62
CA GLN A 741 18.29 -38.51 -9.53
C GLN A 741 18.39 -39.08 -8.11
N SER A 742 18.59 -38.23 -7.12
CA SER A 742 18.78 -38.71 -5.76
C SER A 742 17.56 -39.46 -5.25
N LYS A 743 16.36 -38.97 -5.59
CA LYS A 743 15.14 -39.61 -5.12
C LYS A 743 14.89 -40.92 -5.85
N GLN A 744 15.20 -40.98 -7.13
CA GLN A 744 14.93 -42.17 -7.94
C GLN A 744 16.07 -43.17 -7.96
N GLY A 745 17.22 -42.84 -7.36
CA GLY A 745 18.35 -43.75 -7.41
C GLY A 745 18.93 -43.95 -8.79
N ILE A 746 18.86 -42.92 -9.63
CA ILE A 746 19.39 -43.01 -10.99
C ILE A 746 20.91 -42.96 -10.95
N VAL A 747 21.55 -43.90 -11.64
CA VAL A 747 23.00 -43.91 -11.81
C VAL A 747 23.30 -43.53 -13.25
N PHE A 748 24.21 -42.56 -13.41
CA PHE A 748 24.51 -42.02 -14.73
C PHE A 748 25.87 -41.33 -14.63
N ASN A 749 26.91 -42.01 -15.12
CA ASN A 749 28.29 -41.53 -14.97
C ASN A 749 28.81 -41.03 -16.32
N GLU A 750 30.09 -40.60 -16.30
CA GLU A 750 30.70 -40.04 -17.49
C GLU A 750 30.71 -41.04 -18.64
N ALA A 751 31.01 -42.31 -18.36
CA ALA A 751 31.02 -43.32 -19.40
C ALA A 751 29.66 -43.44 -20.06
N SER A 752 28.58 -43.37 -19.28
CA SER A 752 27.24 -43.46 -19.84
C SER A 752 26.89 -42.22 -20.65
N TRP A 753 27.36 -41.04 -20.23
CA TRP A 753 27.14 -39.83 -21.01
C TRP A 753 27.93 -39.85 -22.31
N ALA A 754 29.17 -40.34 -22.25
CA ALA A 754 29.95 -40.50 -23.48
C ALA A 754 29.27 -41.49 -24.42
N GLN A 755 28.82 -42.61 -23.89
CA GLN A 755 28.14 -43.62 -24.72
C GLN A 755 26.87 -43.06 -25.33
N LEU A 756 26.05 -42.39 -24.52
CA LEU A 756 24.81 -41.82 -25.04
C LEU A 756 25.08 -40.83 -26.16
N ARG A 757 26.06 -39.95 -25.98
CA ARG A 757 26.39 -38.99 -27.03
C ARG A 757 26.87 -39.71 -28.30
N ARG A 758 27.69 -40.74 -28.12
CA ARG A 758 28.23 -41.48 -29.26
C ARG A 758 27.12 -42.15 -30.07
N GLU A 759 26.20 -42.79 -29.39
CA GLU A 759 25.19 -43.62 -30.08
C GLU A 759 23.98 -42.82 -30.60
N LEU A 760 23.53 -41.79 -29.89
CA LEU A 760 22.28 -41.10 -30.29
C LEU A 760 22.44 -39.60 -30.59
N LEU A 761 23.62 -39.02 -30.37
CA LEU A 761 23.81 -37.56 -30.52
C LEU A 761 25.07 -37.34 -31.37
N GLY A 762 25.81 -36.27 -31.13
CA GLY A 762 26.91 -35.81 -32.02
C GLY A 762 28.27 -36.37 -31.68
N GLY A 763 28.33 -37.29 -30.72
CA GLY A 763 29.60 -37.90 -30.31
C GLY A 763 30.46 -37.00 -29.44
N ALA A 764 31.77 -37.11 -29.57
CA ALA A 764 32.70 -36.36 -28.71
C ALA A 764 32.76 -34.88 -29.08
N LEU A 765 32.16 -34.49 -30.21
CA LEU A 765 32.23 -33.09 -30.67
C LEU A 765 31.74 -32.16 -29.57
N SER A 766 32.51 -31.11 -29.29
CA SER A 766 32.07 -30.10 -28.32
C SER A 766 31.21 -29.10 -29.08
N LEU A 767 30.00 -28.88 -28.61
CA LEU A 767 29.06 -27.99 -29.34
C LEU A 767 29.38 -26.51 -29.05
N PRO A 768 29.26 -25.57 -30.02
CA PRO A 768 29.47 -24.15 -29.75
C PRO A 768 28.27 -23.52 -29.07
N ASP A 769 28.50 -22.36 -28.47
CA ASP A 769 27.45 -21.63 -27.81
C ASP A 769 26.52 -20.99 -28.84
N PRO A 770 25.20 -20.89 -28.56
CA PRO A 770 24.32 -20.13 -29.44
C PRO A 770 24.76 -18.66 -29.50
N MET A 771 24.43 -17.99 -30.58
CA MET A 771 24.84 -16.57 -30.78
C MET A 771 24.25 -15.67 -29.68
N TYR A 772 23.07 -16.01 -29.18
CA TYR A 772 22.38 -15.19 -28.15
C TYR A 772 23.19 -15.14 -26.86
N LYS A 773 24.08 -16.09 -26.65
CA LYS A 773 24.99 -16.03 -25.48
C LYS A 773 25.96 -14.86 -25.64
N SER A 774 26.16 -14.39 -26.87
CA SER A 774 27.07 -13.24 -27.15
C SER A 774 26.32 -11.91 -27.13
N ASP A 775 27.04 -10.79 -27.06
CA ASP A 775 26.41 -9.44 -26.94
C ASP A 775 25.97 -8.92 -28.30
N SER A 776 26.56 -9.40 -29.39
CA SER A 776 26.25 -8.86 -30.74
C SER A 776 25.99 -9.99 -31.73
N TRP A 777 25.22 -9.71 -32.78
CA TRP A 777 24.98 -10.71 -33.84
C TRP A 777 26.21 -10.69 -34.75
N LEU A 778 27.01 -11.75 -34.69
CA LEU A 778 28.21 -11.89 -35.55
C LEU A 778 27.79 -12.85 -36.64
N GLY A 779 26.51 -13.19 -36.67
CA GLY A 779 26.01 -14.19 -37.62
C GLY A 779 25.85 -13.67 -39.03
N ARG A 780 25.93 -14.57 -39.99
CA ARG A 780 25.69 -14.19 -41.40
C ARG A 780 24.18 -14.04 -41.59
N GLY A 781 23.76 -13.02 -42.32
CA GLY A 781 22.33 -12.88 -42.60
C GLY A 781 21.59 -12.34 -41.40
N GLU A 782 20.27 -12.40 -41.42
CA GLU A 782 19.48 -11.85 -40.31
C GLU A 782 19.10 -12.99 -39.37
N PRO A 783 19.01 -12.74 -38.04
CA PRO A 783 18.70 -13.82 -37.09
C PRO A 783 17.43 -14.56 -37.49
N THR A 784 17.43 -15.86 -37.24
CA THR A 784 16.27 -16.70 -37.53
C THR A 784 15.78 -17.48 -36.32
N HIS A 785 16.66 -17.84 -35.39
CA HIS A 785 16.22 -18.49 -34.16
C HIS A 785 15.49 -17.48 -33.28
N ILE A 786 14.39 -17.91 -32.67
CA ILE A 786 13.50 -16.97 -32.00
C ILE A 786 14.22 -16.20 -30.90
N ILE A 787 15.18 -16.84 -30.22
CA ILE A 787 15.91 -16.11 -29.18
C ILE A 787 16.91 -15.14 -29.81
N ASP A 788 17.58 -15.55 -30.89
CA ASP A 788 18.43 -14.62 -31.62
C ASP A 788 17.63 -13.43 -32.11
N TYR A 789 16.45 -13.68 -32.69
CA TYR A 789 15.63 -12.60 -33.22
C TYR A 789 15.19 -11.65 -32.12
N LEU A 790 14.70 -12.19 -31.00
CA LEU A 790 14.19 -11.36 -29.93
C LEU A 790 15.30 -10.51 -29.31
N LYS A 791 16.53 -11.04 -29.24
CA LYS A 791 17.60 -10.32 -28.57
C LYS A 791 18.29 -9.33 -29.50
N PHE A 792 18.60 -9.73 -30.73
CA PHE A 792 19.39 -8.91 -31.63
C PHE A 792 18.57 -8.07 -32.60
N SER A 793 17.40 -8.56 -33.00
CA SER A 793 16.54 -7.80 -33.93
C SER A 793 15.54 -6.92 -33.17
N ILE A 794 15.16 -7.30 -31.95
CA ILE A 794 14.13 -6.51 -31.21
C ILE A 794 14.73 -5.81 -29.99
N ALA A 795 15.29 -6.54 -29.05
CA ALA A 795 15.76 -5.95 -27.77
C ALA A 795 16.91 -4.97 -27.94
N ARG A 796 18.03 -5.42 -28.47
CA ARG A 796 19.22 -4.54 -28.57
C ARG A 796 18.90 -3.22 -29.28
N PRO A 797 18.27 -3.18 -30.49
CA PRO A 797 17.91 -1.90 -31.10
C PRO A 797 17.02 -1.03 -30.21
N ALA A 798 15.94 -1.60 -29.68
CA ALA A 798 15.01 -0.83 -28.82
C ALA A 798 15.75 -0.25 -27.63
N ILE A 799 16.58 -1.04 -26.96
CA ILE A 799 17.26 -0.57 -25.74
C ILE A 799 18.19 0.60 -26.12
N ASP A 800 18.91 0.47 -27.22
CA ASP A 800 19.84 1.55 -27.67
C ASP A 800 19.07 2.87 -27.87
N LYS A 801 17.94 2.82 -28.58
CA LYS A 801 17.14 4.04 -28.85
C LYS A 801 16.56 4.64 -27.56
N GLU A 802 16.01 3.80 -26.69
CA GLU A 802 15.40 4.27 -25.42
C GLU A 802 16.48 4.89 -24.54
N LEU A 803 17.69 4.32 -24.56
CA LEU A 803 18.81 4.86 -23.76
C LEU A 803 19.19 6.25 -24.29
N GLU A 804 19.24 6.40 -25.60
CA GLU A 804 19.58 7.72 -26.21
C GLU A 804 18.51 8.75 -25.85
N ALA A 805 17.24 8.38 -25.92
CA ALA A 805 16.13 9.30 -25.54
C ALA A 805 16.23 9.62 -24.04
N PHE A 806 16.54 8.64 -23.21
CA PHE A 806 16.70 8.85 -21.75
C PHE A 806 17.86 9.83 -21.54
N HIS A 807 18.96 9.63 -22.27
CA HIS A 807 20.13 10.54 -22.21
C HIS A 807 19.74 11.93 -22.73
N ASN A 808 18.93 11.98 -23.79
CA ASN A 808 18.46 13.27 -24.35
C ASN A 808 17.59 14.00 -23.32
N ALA A 809 16.70 13.30 -22.64
CA ALA A 809 15.76 13.95 -21.70
C ALA A 809 16.51 14.48 -20.47
N ALA A 820 22.34 19.05 -15.97
CA ALA A 820 22.91 18.22 -14.88
C ALA A 820 24.42 18.38 -14.78
N HIS A 821 24.90 18.87 -13.62
CA HIS A 821 26.34 19.04 -13.40
C HIS A 821 26.72 18.46 -12.02
N PHE A 822 27.96 18.01 -11.87
CA PHE A 822 28.43 17.57 -10.53
C PHE A 822 28.47 18.79 -9.63
N TRP A 823 28.79 19.94 -10.20
CA TRP A 823 28.93 21.18 -9.40
C TRP A 823 27.64 21.65 -8.76
N ASP A 824 27.73 22.12 -7.53
CA ASP A 824 26.62 22.71 -6.80
C ASP A 824 27.19 23.76 -5.85
N PRO A 825 26.95 25.05 -6.12
CA PRO A 825 27.54 26.08 -5.24
C PRO A 825 27.09 25.97 -3.80
N ASP A 826 25.94 25.34 -3.53
CA ASP A 826 25.50 25.15 -2.15
C ASP A 826 26.48 24.29 -1.36
N LEU A 827 27.05 23.26 -2.02
CA LEU A 827 27.92 22.31 -1.34
C LEU A 827 29.32 22.87 -1.05
N ALA A 828 29.68 24.00 -1.65
CA ALA A 828 30.95 24.65 -1.36
C ALA A 828 30.81 25.80 -0.37
N SER A 829 29.64 25.91 0.28
CA SER A 829 29.38 27.07 1.12
C SER A 829 30.28 27.09 2.36
N TYR A 830 30.50 25.94 2.99
CA TYR A 830 31.35 25.90 4.21
C TYR A 830 32.81 26.16 3.83
N TYR A 831 33.26 25.66 2.68
CA TYR A 831 34.64 25.96 2.22
C TYR A 831 34.82 27.45 2.01
N THR A 832 33.85 28.10 1.37
CA THR A 832 33.95 29.56 1.11
C THR A 832 33.98 30.29 2.45
N PHE A 833 33.15 29.85 3.39
CA PHE A 833 33.11 30.47 4.73
C PHE A 833 34.50 30.43 5.38
N PHE A 834 35.08 29.24 5.50
CA PHE A 834 36.39 29.13 6.20
C PHE A 834 37.51 29.83 5.44
N LYS A 835 37.47 29.79 4.12
CA LYS A 835 38.53 30.44 3.30
C LYS A 835 38.53 31.94 3.64
N GLU A 836 37.36 32.53 3.81
CA GLU A 836 37.28 33.96 4.19
C GLU A 836 37.91 34.18 5.57
N ILE A 837 37.63 33.29 6.53
CA ILE A 837 38.26 33.39 7.88
C ILE A 837 39.77 33.18 7.77
N SER A 838 40.20 32.19 6.99
CA SER A 838 41.64 31.85 6.85
C SER A 838 42.40 33.02 6.19
N ASP A 839 41.72 33.74 5.31
CA ASP A 839 42.36 34.89 4.61
C ASP A 839 42.78 35.94 5.65
N LYS A 840 41.99 36.13 6.71
CA LYS A 840 42.32 37.12 7.77
C LYS A 840 42.87 36.46 9.05
N SER A 841 43.10 35.15 9.08
CA SER A 841 43.71 34.53 10.29
C SER A 841 44.78 33.50 9.90
N ARG A 842 45.94 33.57 10.54
CA ARG A 842 47.07 32.67 10.18
C ARG A 842 46.84 31.29 10.82
N SER A 843 46.26 31.29 12.02
CA SER A 843 45.97 30.01 12.71
C SER A 843 44.91 29.25 11.91
N SER A 844 43.90 29.95 11.41
CA SER A 844 42.82 29.32 10.63
C SER A 844 43.36 28.86 9.28
N ALA A 845 44.31 29.60 8.72
CA ALA A 845 44.93 29.21 7.44
C ALA A 845 45.77 27.93 7.62
N LEU A 846 46.48 27.79 8.72
CA LEU A 846 47.24 26.54 8.98
C LEU A 846 46.28 25.36 9.12
N LEU A 847 45.19 25.54 9.85
CA LEU A 847 44.19 24.46 10.03
C LEU A 847 43.60 24.20 8.66
N PHE A 848 43.29 25.28 7.95
CA PHE A 848 42.64 25.07 6.65
C PHE A 848 43.57 24.37 5.67
N THR A 849 44.86 24.70 5.70
CA THR A 849 45.80 24.08 4.78
C THR A 849 46.06 22.62 5.15
N THR A 850 46.16 22.33 6.45
CA THR A 850 46.31 20.93 6.88
C THR A 850 45.13 20.10 6.40
N LEU A 851 43.91 20.62 6.56
CA LEU A 851 42.72 19.89 6.15
C LEU A 851 42.78 19.52 4.67
N LYS A 852 43.07 20.48 3.81
CA LYS A 852 43.15 20.20 2.37
C LYS A 852 44.15 19.10 2.08
N ASN A 853 45.35 19.20 2.68
CA ASN A 853 46.39 18.21 2.41
C ASN A 853 45.97 16.83 2.88
N ARG A 854 45.33 16.74 4.05
CA ARG A 854 44.89 15.44 4.54
C ARG A 854 43.80 14.84 3.66
N ILE A 855 42.93 15.68 3.12
CA ILE A 855 41.91 15.17 2.18
C ILE A 855 42.58 14.61 0.93
N GLY A 856 43.60 15.30 0.44
CA GLY A 856 44.31 14.81 -0.74
C GLY A 856 44.91 13.42 -0.52
N GLU A 857 45.47 13.19 0.65
CA GLU A 857 46.06 11.86 0.95
C GLU A 857 44.97 10.78 0.87
N VAL A 858 43.82 11.03 1.49
CA VAL A 858 42.73 10.02 1.53
C VAL A 858 42.23 9.74 0.11
N GLU A 859 42.15 10.77 -0.72
CA GLU A 859 41.68 10.60 -2.12
C GLU A 859 42.63 9.65 -2.85
N LYS A 860 43.93 9.81 -2.65
CA LYS A 860 44.92 8.94 -3.32
C LYS A 860 44.70 7.51 -2.81
N GLU A 861 44.42 7.36 -1.52
CA GLU A 861 44.15 6.01 -0.95
C GLU A 861 42.88 5.44 -1.60
N TYR A 862 41.89 6.29 -1.88
CA TYR A 862 40.64 5.82 -2.55
C TYR A 862 40.99 5.32 -3.95
N GLY A 863 41.86 6.05 -4.63
CA GLY A 863 42.27 5.64 -5.99
C GLY A 863 42.98 4.31 -5.98
N ARG A 864 43.89 4.10 -5.03
CA ARG A 864 44.61 2.82 -4.91
C ARG A 864 43.73 1.66 -4.45
N LEU A 865 42.89 1.85 -3.43
CA LEU A 865 42.15 0.69 -2.85
C LEU A 865 40.79 0.44 -3.49
N VAL A 866 40.17 1.47 -4.08
CA VAL A 866 38.78 1.31 -4.59
C VAL A 866 38.69 1.66 -6.09
N LYS A 867 39.12 2.85 -6.49
CA LYS A 867 38.93 3.30 -7.90
C LYS A 867 39.67 2.40 -8.90
N ASN A 868 40.89 1.96 -8.58
CA ASN A 868 41.71 1.18 -9.54
C ASN A 868 41.29 -0.29 -9.50
N SER A 874 41.08 -8.77 -4.71
CA SER A 874 41.96 -8.62 -3.53
C SER A 874 41.44 -9.51 -2.40
N LYS A 875 42.28 -9.78 -1.41
CA LYS A 875 41.81 -10.56 -0.24
C LYS A 875 40.71 -9.76 0.44
N ASP A 876 40.87 -8.44 0.50
CA ASP A 876 39.83 -7.57 1.12
C ASP A 876 38.73 -7.30 0.10
N PRO A 877 37.45 -7.59 0.43
CA PRO A 877 36.35 -7.25 -0.45
C PRO A 877 36.11 -5.74 -0.56
N TYR A 878 35.52 -5.29 -1.67
CA TYR A 878 35.20 -3.85 -1.89
C TYR A 878 34.66 -3.17 -0.62
N PRO A 879 33.58 -3.63 0.06
CA PRO A 879 33.10 -2.90 1.23
C PRO A 879 34.20 -2.69 2.27
N VAL A 880 35.02 -3.72 2.51
CA VAL A 880 36.10 -3.62 3.54
C VAL A 880 37.11 -2.57 3.07
N ARG A 881 37.41 -2.55 1.77
CA ARG A 881 38.34 -1.56 1.21
C ARG A 881 37.77 -0.14 1.32
N VAL A 882 36.48 0.03 1.06
CA VAL A 882 35.83 1.36 1.22
C VAL A 882 35.87 1.77 2.69
N ASN A 883 35.63 0.82 3.59
N ASN A 883 35.61 0.83 3.59
CA ASN A 883 35.65 1.13 5.04
CA ASN A 883 35.65 1.18 5.01
C ASN A 883 37.04 1.60 5.43
C ASN A 883 37.04 1.59 5.44
N GLN A 884 38.08 0.95 4.88
CA GLN A 884 39.44 1.33 5.22
C GLN A 884 39.72 2.77 4.82
N VAL A 885 39.26 3.18 3.63
CA VAL A 885 39.38 4.57 3.23
C VAL A 885 38.52 5.46 4.13
N TYR A 886 37.31 5.00 4.47
CA TYR A 886 36.42 5.81 5.28
C TYR A 886 37.01 6.05 6.67
N GLU A 887 37.70 5.05 7.23
CA GLU A 887 38.27 5.22 8.56
C GLU A 887 39.40 6.25 8.55
N LYS A 888 40.19 6.29 7.48
CA LYS A 888 41.20 7.34 7.36
C LYS A 888 40.55 8.70 7.11
N TRP A 889 39.43 8.73 6.37
CA TRP A 889 38.68 9.97 6.20
C TRP A 889 38.19 10.50 7.54
N CYS A 890 37.55 9.64 8.34
CA CYS A 890 37.07 10.07 9.65
C CYS A 890 38.21 10.40 10.61
N ALA A 891 39.40 9.87 10.36
CA ALA A 891 40.56 10.21 11.20
C ALA A 891 40.97 11.67 10.97
N ILE A 892 40.44 12.33 9.94
CA ILE A 892 40.90 13.72 9.66
C ILE A 892 40.17 14.58 10.68
N THR A 893 40.90 15.04 11.69
CA THR A 893 40.29 15.80 12.80
C THR A 893 41.12 17.06 13.00
N PRO A 894 40.63 18.08 13.73
CA PRO A 894 41.37 19.32 13.90
C PRO A 894 42.73 19.03 14.53
N GLU A 895 42.82 18.09 15.47
CA GLU A 895 44.12 17.69 16.05
C GLU A 895 45.07 17.27 14.92
N SER A 906 41.60 28.16 20.07
CA SER A 906 41.00 26.89 20.59
C SER A 906 39.48 27.05 20.64
N LYS A 907 38.98 28.27 20.73
CA LYS A 907 37.52 28.50 20.69
C LYS A 907 37.00 28.05 19.32
N VAL A 908 37.74 28.34 18.24
CA VAL A 908 37.35 27.87 16.88
C VAL A 908 37.40 26.34 16.83
N ILE A 909 38.45 25.75 17.40
CA ILE A 909 38.59 24.27 17.36
C ILE A 909 37.42 23.67 18.15
N ARG A 910 37.10 24.26 19.28
CA ARG A 910 36.02 23.72 20.13
C ARG A 910 34.68 23.82 19.40
N LEU A 911 34.45 24.94 18.72
CA LEU A 911 33.16 25.16 18.02
C LEU A 911 33.07 24.23 16.80
N LEU A 912 34.20 23.90 16.20
CA LEU A 912 34.17 22.97 15.09
C LEU A 912 34.00 21.52 15.55
N GLU A 913 34.58 21.19 16.71
CA GLU A 913 34.55 19.80 17.17
C GLU A 913 33.26 19.45 17.89
N LEU A 914 32.69 20.38 18.65
CA LEU A 914 31.51 20.12 19.46
C LEU A 914 31.63 18.78 20.17
N SER A 915 32.69 18.67 20.98
CA SER A 915 33.07 17.39 21.57
C SER A 915 31.95 16.73 22.35
N PHE A 916 30.98 17.50 22.84
CA PHE A 916 29.89 16.90 23.62
C PHE A 916 29.02 15.97 22.79
N LEU A 917 29.15 16.03 21.46
CA LEU A 917 28.40 15.08 20.60
C LEU A 917 29.16 13.77 20.50
N ALA A 918 28.52 12.67 20.85
CA ALA A 918 29.15 11.33 20.80
C ALA A 918 29.51 11.00 19.34
N ASP A 919 28.66 11.43 18.41
CA ASP A 919 28.91 11.20 16.96
C ASP A 919 29.65 12.39 16.36
N ARG A 920 30.92 12.19 16.04
CA ARG A 920 31.76 13.26 15.45
C ARG A 920 31.27 13.63 14.05
N GLU A 921 30.55 12.72 13.39
CA GLU A 921 30.02 12.95 12.02
C GLU A 921 28.91 14.01 12.05
N MET A 922 28.46 14.41 13.23
CA MET A 922 27.37 15.41 13.38
C MET A 922 27.91 16.80 13.75
N ASN A 923 29.23 16.98 13.87
CA ASN A 923 29.73 18.30 14.25
C ASN A 923 30.00 19.16 13.01
N THR A 924 30.32 20.43 13.28
CA THR A 924 30.57 21.37 12.19
C THR A 924 31.81 21.02 11.40
N TRP A 925 32.81 20.42 12.06
CA TRP A 925 34.03 20.03 11.35
C TRP A 925 33.72 19.05 10.22
N ALA A 926 32.86 18.06 10.49
CA ALA A 926 32.49 17.12 9.44
C ALA A 926 31.85 17.84 8.26
N LEU A 927 31.10 18.91 8.51
CA LEU A 927 30.51 19.69 7.43
C LEU A 927 31.59 20.42 6.63
N LEU A 928 32.53 21.06 7.33
CA LEU A 928 33.60 21.76 6.64
C LEU A 928 34.48 20.78 5.85
N ARG A 929 34.78 19.61 6.43
CA ARG A 929 35.60 18.59 5.73
C ARG A 929 34.90 18.18 4.43
N ALA A 930 33.60 17.94 4.49
CA ALA A 930 32.84 17.53 3.30
C ALA A 930 32.83 18.61 2.22
N SER A 931 32.62 19.85 2.62
CA SER A 931 32.57 20.98 1.65
C SER A 931 33.91 21.15 0.94
N THR A 932 35.00 21.09 1.70
CA THR A 932 36.36 21.30 1.14
C THR A 932 36.66 20.17 0.15
N ALA A 933 36.32 18.94 0.52
CA ALA A 933 36.53 17.78 -0.37
C ALA A 933 35.70 17.96 -1.64
N PHE A 934 34.49 18.49 -1.50
CA PHE A 934 33.65 18.73 -2.69
C PHE A 934 34.33 19.74 -3.61
N LYS A 935 34.84 20.82 -3.04
CA LYS A 935 35.45 21.88 -3.89
C LYS A 935 36.64 21.31 -4.67
N LEU A 936 37.51 20.59 -3.98
CA LEU A 936 38.71 20.02 -4.61
C LEU A 936 38.42 18.89 -5.59
N TYR A 937 37.48 18.02 -5.28
CA TYR A 937 37.32 16.78 -6.09
C TYR A 937 35.93 16.59 -6.71
N TYR A 938 35.10 17.62 -6.81
CA TYR A 938 33.73 17.40 -7.33
C TYR A 938 33.82 16.79 -8.73
N HIS A 939 34.78 17.25 -9.53
CA HIS A 939 34.93 16.74 -10.92
C HIS A 939 36.01 15.67 -11.02
N LYS A 940 37.14 15.85 -10.35
CA LYS A 940 38.27 14.90 -10.50
C LYS A 940 37.87 13.51 -10.00
N SER A 941 37.40 13.41 -8.76
CA SER A 941 37.04 12.10 -8.19
C SER A 941 35.65 12.16 -7.53
N PRO A 942 34.56 12.19 -8.32
CA PRO A 942 33.22 12.30 -7.77
C PRO A 942 32.82 11.13 -6.86
N LYS A 943 33.23 9.91 -7.20
CA LYS A 943 32.85 8.73 -6.40
C LYS A 943 33.43 8.87 -4.99
N PHE A 944 34.65 9.39 -4.87
CA PHE A 944 35.29 9.61 -3.55
C PHE A 944 34.47 10.61 -2.72
N VAL A 945 34.19 11.78 -3.27
CA VAL A 945 33.55 12.83 -2.42
C VAL A 945 32.21 12.30 -1.94
N TRP A 946 31.43 11.71 -2.84
CA TRP A 946 30.08 11.26 -2.46
C TRP A 946 30.13 10.05 -1.52
N GLN A 947 31.03 9.10 -1.77
CA GLN A 947 31.08 7.87 -0.93
C GLN A 947 31.58 8.23 0.47
N MET A 948 32.49 9.20 0.56
CA MET A 948 33.03 9.54 1.88
C MET A 948 32.17 10.55 2.61
N ALA A 949 31.66 11.56 1.92
CA ALA A 949 31.02 12.70 2.57
C ALA A 949 29.57 12.92 2.14
N GLY A 950 28.95 11.97 1.43
CA GLY A 950 27.59 12.17 0.97
C GLY A 950 26.64 12.55 2.09
N ARG A 951 26.78 11.89 3.25
CA ARG A 951 25.93 12.19 4.39
C ARG A 951 25.96 13.67 4.75
N GLN A 952 27.16 14.24 4.90
CA GLN A 952 27.27 15.64 5.27
C GLN A 952 26.90 16.57 4.12
N LEU A 953 27.12 16.14 2.88
CA LEU A 953 26.68 16.94 1.74
C LEU A 953 25.17 17.12 1.75
N ALA A 954 24.45 16.08 2.18
CA ALA A 954 22.99 16.19 2.29
C ALA A 954 22.59 17.14 3.40
N TYR A 955 23.29 17.09 4.55
CA TYR A 955 23.02 18.06 5.61
C TYR A 955 23.18 19.48 5.09
N ILE A 956 24.28 19.75 4.39
CA ILE A 956 24.54 21.10 3.88
C ILE A 956 23.44 21.52 2.92
N LYS A 957 23.05 20.62 2.01
CA LYS A 957 22.01 20.94 1.03
C LYS A 957 20.70 21.30 1.72
N ALA A 958 20.31 20.52 2.73
CA ALA A 958 19.06 20.81 3.43
C ALA A 958 19.14 22.11 4.21
N GLN A 959 20.31 22.41 4.79
CA GLN A 959 20.49 23.70 5.45
C GLN A 959 20.39 24.85 4.46
N MET A 960 21.04 24.71 3.30
CA MET A 960 21.15 25.84 2.37
C MET A 960 19.87 26.10 1.60
N THR A 961 19.07 25.08 1.31
CA THR A 961 17.82 25.30 0.60
C THR A 961 16.67 25.71 1.51
N SER A 962 16.88 25.73 2.82
CA SER A 962 15.84 26.17 3.73
C SER A 962 15.63 27.68 3.61
N ARG A 963 14.37 28.11 3.63
CA ARG A 963 14.06 29.51 3.47
C ARG A 963 13.24 30.01 4.65
N PRO A 964 13.45 31.26 5.08
CA PRO A 964 12.75 31.76 6.27
C PRO A 964 11.24 31.71 6.08
N GLY A 965 10.55 31.17 7.10
CA GLY A 965 9.12 31.11 7.11
C GLY A 965 8.50 29.97 6.32
N GLU A 966 9.23 29.39 5.37
CA GLU A 966 8.69 28.32 4.52
C GLU A 966 8.93 26.95 5.16
N GLY A 967 8.37 26.79 6.36
CA GLY A 967 8.46 25.52 7.05
C GLY A 967 9.80 25.31 7.73
N ALA A 968 9.97 24.09 8.25
CA ALA A 968 11.16 23.73 8.97
C ALA A 968 11.68 22.39 8.45
N PRO A 969 12.95 22.30 8.08
CA PRO A 969 13.57 20.99 7.86
C PRO A 969 13.53 20.19 9.15
N ALA A 970 13.51 18.86 9.02
CA ALA A 970 13.49 17.97 10.20
C ALA A 970 14.71 17.07 10.23
N LEU A 971 15.44 17.07 11.35
CA LEU A 971 16.57 16.13 11.54
C LEU A 971 16.01 14.87 12.17
N MET A 972 15.83 13.85 11.37
CA MET A 972 15.23 12.59 11.86
C MET A 972 16.32 11.63 12.31
N THR A 973 16.03 10.81 13.31
CA THR A 973 16.97 9.76 13.74
C THR A 973 17.00 8.67 12.64
N ALA A 974 18.06 7.87 12.63
CA ALA A 974 18.19 6.79 11.64
C ALA A 974 17.03 5.81 11.78
N PHE A 975 16.68 5.43 13.01
CA PHE A 975 15.55 4.51 13.24
C PHE A 975 14.25 5.11 12.68
N MET A 976 13.93 6.32 13.10
CA MET A 976 12.65 6.95 12.68
C MET A 976 12.62 7.18 11.18
N TYR A 977 13.75 7.50 10.55
CA TYR A 977 13.79 7.64 9.06
C TYR A 977 13.45 6.30 8.39
N ALA A 978 13.95 5.21 8.94
CA ALA A 978 13.75 3.87 8.35
C ALA A 978 12.27 3.47 8.35
N GLY A 979 11.48 3.97 9.29
CA GLY A 979 10.08 3.54 9.42
C GLY A 979 9.14 4.29 8.52
N LEU A 980 9.65 5.22 7.73
CA LEU A 980 8.78 6.06 6.87
C LEU A 980 8.83 5.60 5.41
N MET A 981 7.72 5.83 4.72
CA MET A 981 7.60 5.46 3.30
C MET A 981 6.98 6.64 2.54
N PRO A 982 7.23 6.84 1.23
CA PRO A 982 6.56 7.88 0.47
C PRO A 982 5.04 7.70 0.49
N ASP A 983 4.29 8.80 0.57
CA ASP A 983 2.82 8.74 0.57
C ASP A 983 2.34 8.94 -0.86
N LYS A 984 1.89 7.86 -1.50
CA LYS A 984 1.44 7.94 -2.91
C LYS A 984 0.28 8.93 -2.99
N LYS A 985 -0.60 8.95 -2.00
CA LYS A 985 -1.71 9.90 -2.13
C LYS A 985 -1.22 11.34 -2.10
N PHE A 986 -0.23 11.64 -1.26
CA PHE A 986 0.33 12.99 -1.26
C PHE A 986 0.92 13.34 -2.62
N THR A 987 1.67 12.41 -3.23
CA THR A 987 2.31 12.68 -4.50
C THR A 987 1.28 13.08 -5.57
N LYS A 988 0.25 12.26 -5.74
CA LYS A 988 -0.76 12.54 -6.76
C LYS A 988 -1.47 13.85 -6.48
N GLN A 989 -1.89 14.07 -5.23
CA GLN A 989 -2.63 15.27 -4.89
C GLN A 989 -1.75 16.51 -5.04
N TYR A 990 -0.48 16.43 -4.64
CA TYR A 990 0.41 17.57 -4.78
C TYR A 990 0.66 17.91 -6.24
N VAL A 991 0.90 16.90 -7.05
CA VAL A 991 1.20 17.15 -8.49
C VAL A 991 -0.03 17.73 -9.19
N ALA A 992 -1.22 17.22 -8.87
CA ALA A 992 -2.47 17.73 -9.47
C ALA A 992 -2.66 19.20 -9.11
N ARG A 993 -2.35 19.56 -7.88
CA ARG A 993 -2.44 20.98 -7.44
C ARG A 993 -1.46 21.81 -8.26
N LEU A 994 -0.25 21.29 -8.49
CA LEU A 994 0.80 22.03 -9.24
C LEU A 994 0.38 22.25 -10.69
N GLU A 995 -0.19 21.22 -11.33
CA GLU A 995 -0.54 21.30 -12.77
C GLU A 995 -1.95 21.89 -12.93
N GLU A 1000 -11.18 16.79 -14.23
CA GLU A 1000 -10.76 16.90 -12.84
C GLU A 1000 -11.62 16.01 -11.94
N TYR A 1001 -11.99 14.84 -12.43
CA TYR A 1001 -12.78 13.93 -11.62
C TYR A 1001 -11.94 13.45 -10.43
N PRO A 1002 -12.45 13.56 -9.21
CA PRO A 1002 -11.67 13.10 -8.05
C PRO A 1002 -11.44 11.59 -8.08
N ASP A 1003 -10.26 11.18 -8.53
CA ASP A 1003 -9.96 9.75 -8.61
C ASP A 1003 -10.12 9.12 -7.22
N PRO A 1004 -10.89 8.05 -7.10
CA PRO A 1004 -11.18 7.50 -5.75
C PRO A 1004 -9.94 7.02 -5.03
N GLU A 1005 -9.07 6.28 -5.70
CA GLU A 1005 -7.86 5.77 -5.06
C GLU A 1005 -6.81 6.86 -4.83
N VAL A 1006 -7.03 8.06 -5.34
CA VAL A 1006 -6.12 9.17 -5.13
C VAL A 1006 -6.64 10.15 -4.08
N TYR A 1007 -7.96 10.35 -4.05
CA TYR A 1007 -8.57 11.24 -3.08
C TYR A 1007 -9.39 10.44 -2.05
N ASP A 1016 -19.46 7.13 6.97
CA ASP A 1016 -20.31 6.10 6.38
C ASP A 1016 -19.72 5.60 5.07
N GLY A 1017 -18.44 5.89 4.86
CA GLY A 1017 -17.71 5.41 3.70
C GLY A 1017 -18.09 6.00 2.37
N ILE A 1018 -19.22 6.71 2.28
CA ILE A 1018 -19.64 7.28 1.01
C ILE A 1018 -18.68 8.40 0.62
N GLY A 1019 -18.20 8.34 -0.62
CA GLY A 1019 -17.26 9.33 -1.10
C GLY A 1019 -17.87 10.30 -2.10
N PHE A 1020 -17.19 10.53 -3.21
CA PHE A 1020 -17.71 11.43 -4.24
C PHE A 1020 -18.93 10.81 -4.91
N THR A 1021 -20.04 11.55 -4.90
CA THR A 1021 -21.27 11.12 -5.55
C THR A 1021 -21.86 12.20 -6.45
N GLY A 1022 -21.10 13.24 -6.75
CA GLY A 1022 -21.57 14.36 -7.54
C GLY A 1022 -21.01 15.63 -6.94
N ASN A 1023 -20.77 16.62 -7.81
CA ASN A 1023 -20.20 17.88 -7.34
C ASN A 1023 -21.22 18.69 -6.54
N GLY A 1024 -22.41 18.88 -7.10
CA GLY A 1024 -23.43 19.68 -6.44
C GLY A 1024 -24.60 18.87 -5.90
N ASP A 1025 -25.82 19.30 -6.20
CA ASP A 1025 -27.02 18.60 -5.78
C ASP A 1025 -27.97 18.28 -6.92
N TYR A 1026 -27.75 18.80 -8.12
CA TYR A 1026 -28.61 18.48 -9.26
C TYR A 1026 -28.05 17.28 -10.03
N LEU B 22 -36.72 47.28 -2.39
CA LEU B 22 -36.74 46.40 -3.59
C LEU B 22 -36.65 47.26 -4.86
N ARG B 23 -36.08 48.46 -4.77
CA ARG B 23 -35.90 49.26 -6.01
C ARG B 23 -34.42 49.53 -6.28
N ASN B 24 -33.57 49.50 -5.24
CA ASN B 24 -32.15 49.87 -5.47
C ASN B 24 -31.21 48.78 -4.93
N ILE B 25 -31.65 47.52 -4.95
CA ILE B 25 -30.84 46.40 -4.38
C ILE B 25 -29.54 46.22 -5.15
N TRP B 26 -29.58 46.32 -6.48
CA TRP B 26 -28.39 45.98 -7.29
C TRP B 26 -27.41 47.15 -7.42
N PRO B 27 -26.09 46.91 -7.30
CA PRO B 27 -25.09 47.96 -7.49
C PRO B 27 -25.18 48.51 -8.91
N LYS B 28 -25.03 49.82 -9.09
CA LYS B 28 -25.25 50.41 -10.44
C LYS B 28 -24.03 50.24 -11.34
N PHE B 29 -24.24 50.31 -12.66
CA PHE B 29 -23.14 50.12 -13.63
C PHE B 29 -22.85 51.46 -14.30
N PRO B 30 -21.75 52.19 -14.00
CA PRO B 30 -21.55 53.52 -14.56
C PRO B 30 -20.98 53.47 -15.97
N LYS B 31 -21.28 54.52 -16.74
CA LYS B 31 -20.85 54.57 -18.13
C LYS B 31 -19.33 54.53 -18.28
N TRP B 32 -18.62 54.74 -17.18
CA TRP B 32 -17.14 54.74 -17.21
C TRP B 32 -16.60 53.31 -17.28
N LEU B 33 -17.42 52.32 -16.93
CA LEU B 33 -16.99 50.90 -17.01
C LEU B 33 -17.67 50.22 -18.21
N HIS B 34 -18.40 50.96 -19.03
CA HIS B 34 -19.19 50.34 -20.13
C HIS B 34 -18.35 49.47 -21.07
N GLU B 35 -17.09 49.83 -21.29
CA GLU B 35 -16.28 49.07 -22.28
C GLU B 35 -15.47 47.98 -21.58
N ALA B 36 -15.57 47.90 -20.26
CA ALA B 36 -14.80 46.91 -19.49
C ALA B 36 -15.25 45.49 -19.83
N PRO B 37 -14.33 44.52 -19.94
CA PRO B 37 -14.72 43.13 -20.11
C PRO B 37 -15.55 42.69 -18.90
N LEU B 38 -16.47 41.75 -19.08
CA LEU B 38 -17.34 41.29 -17.97
C LEU B 38 -16.49 41.00 -16.73
N ALA B 39 -15.33 40.36 -16.90
CA ALA B 39 -14.55 40.02 -15.71
C ALA B 39 -14.05 41.27 -14.99
N VAL B 40 -13.61 42.27 -15.76
CA VAL B 40 -13.11 43.50 -15.14
C VAL B 40 -14.24 44.26 -14.44
N ALA B 41 -15.38 44.39 -15.13
CA ALA B 41 -16.52 45.07 -14.51
C ALA B 41 -16.95 44.37 -13.22
N TRP B 42 -16.84 43.04 -13.19
CA TRP B 42 -17.26 42.29 -12.01
C TRP B 42 -16.33 42.54 -10.82
N GLU B 43 -15.02 42.49 -11.07
CA GLU B 43 -14.06 42.61 -9.94
C GLU B 43 -13.88 44.07 -9.50
N VAL B 44 -13.95 45.02 -10.43
CA VAL B 44 -13.88 46.45 -10.04
C VAL B 44 -15.11 46.78 -9.16
N THR B 45 -16.27 46.24 -9.52
CA THR B 45 -17.53 46.53 -8.77
C THR B 45 -17.37 46.01 -7.34
N ARG B 46 -16.68 44.89 -7.19
CA ARG B 46 -16.53 44.27 -5.85
C ARG B 46 -15.77 45.22 -4.93
N LEU B 47 -14.71 45.85 -5.44
CA LEU B 47 -13.85 46.72 -4.59
C LEU B 47 -14.66 47.92 -4.09
N PHE B 48 -15.45 48.53 -4.98
CA PHE B 48 -16.22 49.74 -4.59
C PHE B 48 -17.21 49.34 -3.50
N MET B 49 -17.88 48.20 -3.67
CA MET B 49 -18.92 47.77 -2.70
C MET B 49 -18.30 47.46 -1.34
N HIS B 50 -17.17 46.78 -1.31
CA HIS B 50 -16.48 46.44 -0.05
C HIS B 50 -16.00 47.72 0.63
N CYS B 51 -15.48 48.66 -0.16
CA CYS B 51 -14.88 49.91 0.40
C CYS B 51 -15.93 51.02 0.52
N LYS B 52 -17.18 50.72 0.21
CA LYS B 52 -18.29 51.72 0.34
C LYS B 52 -18.01 52.97 -0.48
N VAL B 53 -17.45 52.81 -1.68
CA VAL B 53 -17.24 53.99 -2.57
C VAL B 53 -18.30 53.92 -3.68
N ASP B 54 -19.03 55.00 -3.91
CA ASP B 54 -20.05 55.05 -4.99
C ASP B 54 -19.36 55.06 -6.35
N LEU B 55 -20.02 54.51 -7.38
CA LEU B 55 -19.45 54.46 -8.74
C LEU B 55 -20.28 55.36 -9.66
N LEU B 60 -14.19 62.21 -8.35
CA LEU B 60 -13.34 61.00 -8.10
C LEU B 60 -12.40 60.79 -9.30
N LEU B 62 -12.52 59.23 -12.00
CA LEU B 62 -12.53 57.77 -12.31
C LEU B 62 -12.69 57.57 -13.81
N LYS B 63 -11.68 56.97 -14.46
CA LYS B 63 -11.74 56.70 -15.92
C LYS B 63 -11.35 55.23 -16.13
N TYR B 64 -11.87 54.60 -17.16
CA TYR B 64 -11.45 53.21 -17.43
C TYR B 64 -9.96 53.20 -17.71
N ASP B 65 -9.22 52.29 -17.08
CA ASP B 65 -7.78 52.17 -17.38
C ASP B 65 -7.66 51.19 -18.54
N PRO B 66 -7.04 51.58 -19.67
CA PRO B 66 -6.85 50.66 -20.78
C PRO B 66 -6.00 49.46 -20.34
N SER B 67 -5.02 49.69 -19.47
CA SER B 67 -4.19 48.58 -18.92
C SER B 67 -5.08 47.48 -18.34
N TRP B 68 -6.30 47.80 -17.94
CA TRP B 68 -7.19 46.80 -17.26
C TRP B 68 -7.60 45.71 -18.24
N SER B 69 -7.71 46.04 -19.52
CA SER B 69 -8.14 45.06 -20.55
C SER B 69 -7.14 43.93 -20.70
N THR B 70 -5.87 44.17 -20.43
CA THR B 70 -4.82 43.15 -20.63
C THR B 70 -4.38 42.55 -19.29
N ALA B 71 -5.12 42.82 -18.23
CA ALA B 71 -4.68 42.37 -16.89
C ALA B 71 -4.78 40.86 -16.73
N ARG B 72 -3.82 40.27 -16.03
CA ARG B 72 -3.81 38.80 -15.79
C ARG B 72 -3.87 38.60 -14.28
N ASP B 73 -4.20 39.65 -13.54
CA ASP B 73 -4.37 39.58 -12.07
C ASP B 73 -5.31 40.69 -11.60
N VAL B 74 -6.25 40.37 -10.73
CA VAL B 74 -7.18 41.39 -10.14
C VAL B 74 -6.37 42.38 -9.29
N THR B 75 -5.34 41.90 -8.61
CA THR B 75 -4.56 42.77 -7.69
C THR B 75 -4.00 43.94 -8.51
N ASP B 76 -3.57 43.67 -9.74
CA ASP B 76 -3.05 44.75 -10.61
C ASP B 76 -4.13 45.79 -10.92
N ILE B 77 -5.35 45.34 -11.23
CA ILE B 77 -6.48 46.28 -11.48
C ILE B 77 -6.74 47.06 -10.20
N TRP B 78 -6.74 46.38 -9.06
CA TRP B 78 -7.07 47.02 -7.76
C TRP B 78 -6.04 48.09 -7.43
N LYS B 79 -4.78 47.89 -7.82
CA LYS B 79 -3.72 48.87 -7.46
C LYS B 79 -4.05 50.23 -8.07
N THR B 80 -4.51 50.26 -9.32
CA THR B 80 -4.85 51.54 -10.00
C THR B 80 -5.92 52.31 -9.23
N LEU B 81 -6.68 51.64 -8.36
CA LEU B 81 -7.77 52.28 -7.63
C LEU B 81 -7.43 52.61 -6.18
N ARG B 83 -5.00 53.66 -4.85
CA ARG B 83 -4.16 54.87 -5.03
C ARG B 83 -5.04 56.10 -4.86
N LEU B 84 -6.33 56.00 -5.19
CA LEU B 84 -7.24 57.16 -5.12
C LEU B 84 -7.59 57.46 -3.66
N ASP B 85 -8.07 58.66 -3.37
CA ASP B 85 -8.33 59.06 -1.96
C ASP B 85 -9.38 58.19 -1.30
N ALA B 86 -10.46 57.84 -2.00
CA ALA B 86 -11.58 57.12 -1.35
C ALA B 86 -11.21 55.68 -0.95
N PHE B 87 -10.30 55.05 -1.67
CA PHE B 87 -9.95 53.63 -1.37
C PHE B 87 -8.70 53.56 -0.51
N ARG B 88 -8.01 54.68 -0.29
CA ARG B 88 -6.72 54.58 0.43
C ARG B 88 -6.89 53.96 1.81
N GLY B 89 -6.10 52.93 2.10
CA GLY B 89 -6.12 52.30 3.43
C GLY B 89 -7.25 51.29 3.59
N LYS B 90 -8.23 51.33 2.68
CA LYS B 90 -9.41 50.46 2.86
C LYS B 90 -9.01 48.99 2.73
N PRO B 91 -9.55 48.07 3.55
CA PRO B 91 -9.17 46.66 3.50
C PRO B 91 -9.53 46.01 2.16
N PHE B 92 -8.59 45.24 1.59
CA PHE B 92 -8.81 44.60 0.26
C PHE B 92 -9.80 43.45 0.37
N PRO B 93 -10.69 43.27 -0.63
CA PRO B 93 -11.63 42.15 -0.64
C PRO B 93 -10.95 40.82 -1.00
N GLU B 94 -11.60 39.71 -0.67
CA GLU B 94 -11.07 38.38 -1.10
C GLU B 94 -10.90 38.42 -2.61
N LYS B 95 -9.74 37.97 -3.10
CA LYS B 95 -9.44 38.07 -4.55
C LYS B 95 -9.65 36.75 -5.29
N PRO B 96 -10.15 36.78 -6.53
CA PRO B 96 -10.26 35.57 -7.32
C PRO B 96 -8.87 35.09 -7.74
N PRO B 97 -8.64 33.76 -7.84
CA PRO B 97 -7.32 33.25 -8.18
C PRO B 97 -6.93 33.64 -9.61
N ASN B 98 -5.63 33.70 -9.90
CA ASN B 98 -5.17 34.20 -11.23
C ASN B 98 -5.70 33.33 -12.37
N ASP B 99 -5.70 32.00 -12.21
CA ASP B 99 -6.16 31.10 -13.30
C ASP B 99 -7.63 31.40 -13.61
N VAL B 100 -8.43 31.61 -12.57
CA VAL B 100 -9.87 31.92 -12.76
C VAL B 100 -10.00 33.24 -13.53
N PHE B 101 -9.22 34.25 -13.14
CA PHE B 101 -9.33 35.58 -13.80
C PHE B 101 -8.88 35.48 -15.25
N VAL B 102 -7.79 34.77 -15.50
CA VAL B 102 -7.24 34.67 -16.89
C VAL B 102 -8.26 33.93 -17.76
N THR B 103 -8.88 32.88 -17.21
CA THR B 103 -9.92 32.13 -17.95
C THR B 103 -11.10 33.06 -18.25
N ALA B 104 -11.47 33.91 -17.29
CA ALA B 104 -12.56 34.90 -17.50
C ALA B 104 -12.18 35.90 -18.59
N MET B 105 -10.90 36.30 -18.65
CA MET B 105 -10.45 37.32 -19.62
C MET B 105 -10.14 36.71 -20.99
N THR B 106 -9.45 35.57 -21.06
CA THR B 106 -9.06 35.03 -22.36
C THR B 106 -9.67 33.68 -22.69
N GLY B 107 -10.21 32.96 -21.70
CA GLY B 107 -10.67 31.61 -21.92
C GLY B 107 -12.17 31.44 -22.03
N ASN B 108 -12.89 32.54 -22.28
CA ASN B 108 -14.34 32.51 -22.49
C ASN B 108 -15.05 31.80 -21.32
N PHE B 109 -14.56 32.07 -20.10
CA PHE B 109 -15.22 31.61 -18.89
C PHE B 109 -15.26 30.08 -18.78
N GLU B 110 -14.33 29.39 -19.42
CA GLU B 110 -14.33 27.93 -19.42
C GLU B 110 -12.91 27.42 -19.58
N SER B 111 -12.57 26.37 -18.82
CA SER B 111 -11.26 25.74 -18.93
C SER B 111 -11.33 24.33 -18.39
N LYS B 112 -11.08 23.34 -19.26
CA LYS B 112 -10.98 21.94 -18.85
C LYS B 112 -12.25 21.48 -18.12
N GLY B 113 -13.39 21.84 -18.67
CA GLY B 113 -14.67 21.45 -18.10
C GLY B 113 -15.12 22.27 -16.91
N SER B 114 -14.25 23.11 -16.35
CA SER B 114 -14.64 24.00 -15.26
C SER B 114 -15.22 25.28 -15.84
N ALA B 115 -16.25 25.80 -15.17
CA ALA B 115 -16.91 27.02 -15.58
C ALA B 115 -16.67 28.12 -14.55
N VAL B 116 -16.40 29.33 -15.04
CA VAL B 116 -16.31 30.48 -14.15
C VAL B 116 -17.72 30.86 -13.70
N VAL B 117 -17.85 31.07 -12.40
CA VAL B 117 -19.20 31.31 -11.82
C VAL B 117 -19.36 32.73 -11.32
N LEU B 118 -20.48 33.36 -11.67
CA LEU B 118 -20.81 34.69 -11.12
C LEU B 118 -21.84 34.40 -10.03
N SER B 119 -21.49 34.64 -8.77
CA SER B 119 -22.37 34.29 -7.64
C SER B 119 -22.49 35.47 -6.67
N ALA B 120 -23.57 35.47 -5.89
CA ALA B 120 -23.79 36.57 -4.93
C ALA B 120 -24.55 36.03 -3.72
N VAL B 121 -24.34 36.67 -2.57
CA VAL B 121 -25.10 36.30 -1.35
C VAL B 121 -25.83 37.56 -0.92
N LEU B 122 -27.13 37.46 -0.68
CA LEU B 122 -27.93 38.66 -0.32
C LEU B 122 -28.40 38.48 1.12
N ASP B 123 -28.37 39.56 1.88
CA ASP B 123 -28.79 39.51 3.31
C ASP B 123 -29.74 40.67 3.57
N TYR B 124 -30.60 40.54 4.57
CA TYR B 124 -31.53 41.63 4.91
C TYR B 124 -30.71 42.84 5.37
N ASN B 125 -31.05 44.04 4.89
CA ASN B 125 -30.34 45.26 5.32
C ASN B 125 -30.69 45.47 6.79
N PRO B 126 -29.71 45.66 7.72
CA PRO B 126 -30.05 45.95 9.11
C PRO B 126 -30.90 47.22 9.17
N ASP B 127 -30.65 48.16 8.26
CA ASP B 127 -31.40 49.43 8.31
C ASP B 127 -32.87 49.07 8.19
N ASN B 128 -33.69 49.58 9.11
CA ASN B 128 -35.14 49.26 9.10
C ASN B 128 -35.85 50.45 8.45
N SER B 129 -35.08 51.38 7.90
CA SER B 129 -35.69 52.59 7.32
C SER B 129 -36.63 52.22 6.18
N PRO B 130 -37.81 52.86 6.07
CA PRO B 130 -38.71 52.63 4.94
C PRO B 130 -38.00 53.02 3.64
N THR B 131 -37.23 54.11 3.68
CA THR B 131 -36.45 54.53 2.50
C THR B 131 -35.86 53.29 1.81
N PRO B 133 -32.84 50.10 0.48
CA PRO B 133 -32.61 48.72 0.03
C PRO B 133 -32.99 47.68 1.09
N LEU B 134 -33.86 46.72 0.74
CA LEU B 134 -34.24 45.67 1.67
C LEU B 134 -33.15 44.60 1.82
N TYR B 135 -32.33 44.41 0.78
CA TYR B 135 -31.28 43.39 0.80
C TYR B 135 -29.92 44.04 0.63
N LEU B 136 -28.92 43.46 1.30
CA LEU B 136 -27.53 43.85 1.11
C LEU B 136 -26.84 42.79 0.26
N VAL B 137 -26.21 43.24 -0.83
CA VAL B 137 -25.64 42.35 -1.83
C VAL B 137 -24.14 42.22 -1.60
N LYS B 138 -23.65 40.99 -1.65
CA LYS B 138 -22.22 40.68 -1.57
C LYS B 138 -21.86 39.85 -2.81
N LEU B 139 -21.23 40.49 -3.79
CA LEU B 139 -20.77 39.77 -4.97
C LEU B 139 -19.55 38.93 -4.61
N LYS B 140 -19.68 37.64 -4.89
CA LYS B 140 -18.60 36.70 -4.53
C LYS B 140 -17.51 36.77 -5.60
N PRO B 141 -16.23 36.46 -5.28
CA PRO B 141 -15.16 36.49 -6.29
C PRO B 141 -15.37 35.42 -7.34
N LEU B 142 -14.87 35.70 -8.55
CA LEU B 142 -14.89 34.71 -9.60
C LEU B 142 -14.25 33.41 -9.12
N MET B 143 -14.87 32.28 -9.45
CA MET B 143 -14.39 31.00 -8.99
C MET B 143 -14.67 29.94 -10.04
N PHE B 144 -13.96 28.82 -9.92
CA PHE B 144 -14.18 27.67 -10.80
C PHE B 144 -15.24 26.75 -10.19
N GLU B 145 -16.08 26.21 -11.05
CA GLU B 145 -17.04 25.18 -10.67
C GLU B 145 -17.22 24.25 -11.86
N GLN B 146 -17.55 22.99 -11.57
CA GLN B 146 -17.81 22.06 -12.66
C GLN B 146 -18.99 22.54 -13.49
N GLY B 147 -18.83 22.51 -14.81
CA GLY B 147 -19.85 23.00 -15.71
C GLY B 147 -21.06 22.10 -15.76
N CYS B 148 -22.05 22.54 -16.54
CA CYS B 148 -23.29 21.80 -16.73
C CYS B 148 -23.73 21.97 -18.17
N ARG B 149 -24.82 21.29 -18.52
CA ARG B 149 -25.30 21.32 -19.90
C ARG B 149 -25.63 22.74 -20.35
N LEU B 150 -26.28 23.53 -19.48
CA LEU B 150 -26.70 24.87 -19.89
C LEU B 150 -25.51 25.81 -20.07
N THR B 151 -24.49 25.70 -19.21
CA THR B 151 -23.33 26.59 -19.36
C THR B 151 -22.49 26.20 -20.56
N ARG B 152 -22.37 24.90 -20.86
CA ARG B 152 -21.63 24.50 -22.05
C ARG B 152 -22.38 24.80 -23.33
N ARG B 153 -23.71 24.91 -23.29
CA ARG B 153 -24.47 25.24 -24.49
C ARG B 153 -24.59 26.73 -24.73
N PHE B 154 -24.60 27.55 -23.68
CA PHE B 154 -24.90 29.00 -23.85
C PHE B 154 -23.78 29.90 -23.31
N GLY B 155 -22.86 29.32 -22.55
CA GLY B 155 -21.75 30.09 -21.99
C GLY B 155 -21.93 30.40 -20.52
N PRO B 156 -20.89 30.17 -19.69
CA PRO B 156 -20.96 30.41 -18.25
C PRO B 156 -21.22 31.89 -17.92
N ASP B 157 -20.76 32.80 -18.77
CA ASP B 157 -20.92 34.27 -18.56
C ASP B 157 -22.40 34.65 -18.55
N ARG B 158 -23.26 33.79 -19.10
CA ARG B 158 -24.70 34.09 -19.22
C ARG B 158 -25.48 33.61 -18.00
N PHE B 159 -24.80 33.11 -16.98
CA PHE B 159 -25.51 32.56 -15.80
C PHE B 159 -25.08 33.25 -14.51
N PHE B 160 -26.05 33.57 -13.63
CA PHE B 160 -25.80 34.27 -12.37
C PHE B 160 -26.68 33.65 -11.32
N GLU B 161 -26.09 33.27 -10.18
CA GLU B 161 -26.83 32.64 -9.10
C GLU B 161 -26.64 33.42 -7.82
N ILE B 162 -27.70 33.52 -7.01
CA ILE B 162 -27.66 34.23 -5.76
C ILE B 162 -28.24 33.34 -4.66
N LEU B 163 -27.92 33.69 -3.41
CA LEU B 163 -28.52 33.03 -2.23
C LEU B 163 -29.32 34.13 -1.53
N ILE B 164 -30.64 34.00 -1.45
CA ILE B 164 -31.49 35.08 -0.89
C ILE B 164 -32.37 34.51 0.22
N PRO B 165 -32.55 35.22 1.35
CA PRO B 165 -33.37 34.71 2.43
C PRO B 165 -34.81 34.56 1.95
N SER B 166 -35.47 33.47 2.31
CA SER B 166 -36.87 33.24 1.89
C SER B 166 -37.79 34.23 2.60
N PRO B 167 -38.69 34.92 1.88
CA PRO B 167 -39.64 35.82 2.51
C PRO B 167 -40.64 34.99 3.32
N THR B 168 -40.69 33.69 3.08
CA THR B 168 -41.58 32.78 3.83
C THR B 168 -41.18 32.74 5.32
N SER B 169 -39.88 32.90 5.60
CA SER B 169 -39.37 32.86 7.01
C SER B 169 -40.45 33.20 8.03
N PRO B 172 -37.29 34.70 14.06
CA PRO B 172 -37.61 36.02 14.62
C PRO B 172 -36.72 37.12 14.03
N SER B 173 -35.66 36.74 13.31
CA SER B 173 -34.71 37.72 12.73
C SER B 173 -35.34 38.46 11.54
N VAL B 174 -36.47 37.97 11.05
CA VAL B 174 -37.08 38.58 9.83
C VAL B 174 -37.49 40.02 10.10
N PRO B 175 -37.24 40.96 9.17
CA PRO B 175 -37.56 42.37 9.35
C PRO B 175 -39.06 42.70 9.42
N PRO B 176 -39.44 43.82 10.06
CA PRO B 176 -40.86 44.18 10.22
C PRO B 176 -41.59 44.35 8.90
N VAL B 177 -40.88 44.84 7.88
CA VAL B 177 -41.51 45.06 6.54
C VAL B 177 -42.06 43.72 6.08
N VAL B 178 -41.35 42.62 6.35
CA VAL B 178 -41.89 41.27 6.01
C VAL B 178 -42.82 40.84 7.16
N ALA B 184 -46.16 40.72 0.53
CA ALA B 184 -44.83 40.40 1.10
C ALA B 184 -44.13 39.37 0.23
N VAL B 185 -44.50 38.09 0.39
CA VAL B 185 -43.88 37.00 -0.39
C VAL B 185 -44.17 37.29 -1.86
N GLU B 186 -45.39 37.75 -2.16
CA GLU B 186 -45.76 38.07 -3.55
C GLU B 186 -44.82 39.18 -4.02
N GLU B 187 -44.54 40.15 -3.17
CA GLU B 187 -43.70 41.28 -3.63
C GLU B 187 -42.30 40.77 -3.97
N VAL B 188 -41.73 39.94 -3.10
CA VAL B 188 -40.35 39.42 -3.34
C VAL B 188 -40.36 38.53 -4.58
N ILE B 189 -41.33 37.62 -4.70
CA ILE B 189 -41.34 36.68 -5.84
C ILE B 189 -41.49 37.50 -7.12
N GLN B 190 -42.33 38.53 -7.09
CA GLN B 190 -42.54 39.38 -8.27
C GLN B 190 -41.26 40.17 -8.57
N TRP B 191 -40.56 40.61 -7.53
CA TRP B 191 -39.28 41.30 -7.79
C TRP B 191 -38.34 40.32 -8.49
N LEU B 192 -38.29 39.09 -8.00
CA LEU B 192 -37.38 38.06 -8.58
C LEU B 192 -37.80 37.66 -10.00
N THR B 193 -39.09 37.53 -10.30
CA THR B 193 -39.53 36.95 -11.59
C THR B 193 -40.22 37.89 -12.59
N MET B 194 -40.70 39.06 -12.18
CA MET B 194 -41.51 39.90 -13.09
C MET B 194 -40.71 40.38 -14.29
N GLY B 195 -39.45 40.76 -14.08
CA GLY B 195 -38.69 41.36 -15.18
C GLY B 195 -37.19 41.25 -15.04
N GLN B 196 -36.46 41.77 -16.02
CA GLN B 196 -34.99 41.71 -16.02
C GLN B 196 -34.39 42.54 -14.89
N HIS B 197 -33.26 42.09 -14.35
CA HIS B 197 -32.51 42.85 -13.32
C HIS B 197 -31.22 43.30 -13.97
N SER B 198 -30.75 44.51 -13.67
CA SER B 198 -29.53 45.05 -14.31
C SER B 198 -28.33 44.88 -13.40
N LEU B 199 -27.28 44.24 -13.90
CA LEU B 199 -26.04 44.02 -13.10
C LEU B 199 -24.84 43.83 -14.04
N VAL B 200 -23.75 44.56 -13.81
CA VAL B 200 -22.48 44.39 -14.58
C VAL B 200 -22.90 44.37 -16.07
N GLY B 201 -23.75 45.30 -16.49
CA GLY B 201 -23.98 45.58 -17.92
C GLY B 201 -24.82 44.51 -18.60
N ARG B 202 -25.48 43.65 -17.83
CA ARG B 202 -26.25 42.55 -18.43
C ARG B 202 -27.65 42.52 -17.82
N GLN B 203 -28.65 42.17 -18.63
CA GLN B 203 -30.03 42.05 -18.12
C GLN B 203 -30.27 40.59 -17.72
N TRP B 204 -30.57 40.37 -16.44
CA TRP B 204 -30.70 38.99 -15.92
C TRP B 204 -32.16 38.65 -15.63
N ARG B 205 -32.61 37.48 -16.08
CA ARG B 205 -33.96 37.00 -15.86
C ARG B 205 -33.92 35.69 -15.08
N ALA B 206 -34.74 35.61 -14.05
CA ALA B 206 -34.77 34.41 -13.21
C ALA B 206 -35.48 33.27 -13.94
N PHE B 207 -34.93 32.06 -13.81
CA PHE B 207 -35.53 30.89 -14.44
C PHE B 207 -35.58 29.65 -13.55
N PHE B 208 -34.88 29.62 -12.42
CA PHE B 208 -34.92 28.46 -11.54
C PHE B 208 -34.67 28.89 -10.11
N ALA B 209 -35.17 28.07 -9.18
CA ALA B 209 -34.97 28.30 -7.76
C ALA B 209 -35.12 26.98 -7.02
N LYS B 210 -34.30 26.79 -6.00
CA LYS B 210 -34.41 25.63 -5.12
C LYS B 210 -33.87 25.99 -3.75
N ASP B 211 -34.31 25.24 -2.75
CA ASP B 211 -33.85 25.46 -1.39
C ASP B 211 -32.38 25.03 -1.28
N ALA B 212 -31.53 25.96 -0.83
CA ALA B 212 -30.12 25.65 -0.63
C ALA B 212 -29.83 25.13 0.76
N ILE B 232 -33.87 28.54 5.28
CA ILE B 232 -33.68 30.01 5.44
C ILE B 232 -33.25 30.62 4.11
N LYS B 233 -32.33 29.95 3.40
CA LYS B 233 -31.78 30.55 2.16
C LYS B 233 -32.24 29.79 0.90
N GLU B 234 -32.63 30.54 -0.13
CA GLU B 234 -33.04 29.93 -1.42
C GLU B 234 -32.01 30.30 -2.50
N ARG B 235 -31.64 29.35 -3.34
CA ARG B 235 -30.73 29.64 -4.46
C ARG B 235 -31.57 30.03 -5.67
N VAL B 236 -31.28 31.18 -6.27
CA VAL B 236 -32.03 31.65 -7.46
C VAL B 236 -31.06 31.79 -8.64
N HIS B 237 -31.42 31.25 -9.80
CA HIS B 237 -30.55 31.31 -11.00
C HIS B 237 -31.11 32.31 -12.01
N PHE B 238 -30.24 33.11 -12.62
CA PHE B 238 -30.62 34.10 -13.61
C PHE B 238 -29.86 33.85 -14.91
N PHE B 239 -30.51 34.19 -16.02
CA PHE B 239 -29.92 34.07 -17.35
C PHE B 239 -29.82 35.47 -17.97
N ALA B 240 -28.68 35.75 -18.58
CA ALA B 240 -28.46 37.05 -19.23
C ALA B 240 -29.15 37.03 -20.59
N GLU B 241 -30.38 37.57 -20.64
CA GLU B 241 -31.12 37.60 -21.89
C GLU B 241 -30.52 38.60 -22.87
N THR B 242 -30.04 39.73 -22.34
CA THR B 242 -29.49 40.81 -23.20
C THR B 242 -28.44 41.59 -22.43
N GLY B 243 -27.77 42.51 -23.11
CA GLY B 243 -26.69 43.30 -22.49
C GLY B 243 -26.27 44.44 -23.39
N ILE B 244 -25.38 45.29 -22.88
CA ILE B 244 -24.86 46.45 -23.67
C ILE B 244 -24.09 45.94 -24.89
N THR B 245 -23.29 44.88 -24.72
CA THR B 245 -22.45 44.38 -25.82
C THR B 245 -23.19 43.34 -26.66
N PHE B 246 -24.41 42.99 -26.29
CA PHE B 246 -25.16 41.92 -26.98
C PHE B 246 -25.65 42.36 -28.36
N ARG B 247 -25.81 41.42 -29.29
CA ARG B 247 -26.23 41.75 -30.67
C ARG B 247 -27.62 41.19 -30.93
N PRO B 248 -28.54 41.97 -31.51
CA PRO B 248 -29.86 41.47 -31.83
C PRO B 248 -29.71 40.36 -32.88
N PRO B 262 -18.23 34.28 -28.73
CA PRO B 262 -17.37 34.85 -27.68
C PRO B 262 -18.17 35.63 -26.62
N VAL B 263 -17.60 35.78 -25.42
CA VAL B 263 -18.29 36.46 -24.28
C VAL B 263 -18.63 37.91 -24.64
N GLU B 264 -17.73 38.60 -25.35
CA GLU B 264 -17.97 40.02 -25.74
C GLU B 264 -19.15 40.15 -26.72
N GLN B 265 -19.30 39.21 -27.66
CA GLN B 265 -20.35 39.35 -28.69
C GLN B 265 -21.35 38.20 -28.56
N ARG B 266 -22.36 38.39 -27.73
CA ARG B 266 -23.37 37.32 -27.48
C ARG B 266 -24.69 37.78 -28.07
N THR B 267 -25.36 36.89 -28.79
CA THR B 267 -26.69 37.21 -29.38
C THR B 267 -27.75 37.23 -28.29
N GLU B 268 -28.74 38.11 -28.44
CA GLU B 268 -29.85 38.19 -27.45
C GLU B 268 -30.63 36.87 -27.49
N PHE B 269 -31.05 36.40 -26.32
CA PHE B 269 -31.78 35.11 -26.21
C PHE B 269 -32.62 35.14 -24.94
N LYS B 270 -33.91 34.85 -25.06
CA LYS B 270 -34.82 34.90 -23.93
C LYS B 270 -34.78 33.63 -23.10
N VAL B 271 -35.05 33.78 -21.80
CA VAL B 271 -35.15 32.62 -20.92
C VAL B 271 -36.14 31.62 -21.48
N SER B 272 -37.25 32.10 -22.02
CA SER B 272 -38.26 31.21 -22.59
C SER B 272 -37.72 30.42 -23.77
N GLN B 273 -36.83 31.02 -24.56
CA GLN B 273 -36.17 30.27 -25.63
C GLN B 273 -35.16 29.29 -25.05
N MET B 274 -34.40 29.72 -24.05
CA MET B 274 -33.43 28.85 -23.40
C MET B 274 -34.11 27.62 -22.80
N LEU B 275 -35.23 27.82 -22.11
CA LEU B 275 -35.96 26.69 -21.55
C LEU B 275 -36.60 25.83 -22.65
N ASP B 276 -37.06 26.46 -23.73
CA ASP B 276 -37.61 25.69 -24.85
C ASP B 276 -36.55 24.81 -25.49
N TRP B 277 -35.31 25.26 -25.53
CA TRP B 277 -34.24 24.43 -26.06
C TRP B 277 -34.01 23.21 -25.19
N LEU B 278 -33.94 23.41 -23.87
CA LEU B 278 -33.68 22.29 -22.96
C LEU B 278 -34.84 21.30 -22.95
N LEU B 279 -36.06 21.80 -22.74
CA LEU B 279 -37.20 20.93 -22.45
C LEU B 279 -38.07 20.63 -23.66
N GLN B 280 -37.87 21.32 -24.78
CA GLN B 280 -38.67 21.09 -25.99
C GLN B 280 -40.17 21.09 -25.66
N LEU B 281 -40.63 22.29 -25.27
CA LEU B 281 -41.92 22.44 -24.62
C LEU B 281 -43.07 22.02 -25.53
N ASP B 282 -42.92 22.16 -26.85
CA ASP B 282 -44.02 21.79 -27.74
C ASP B 282 -44.47 20.35 -27.53
N ASN B 283 -43.54 19.45 -27.23
CA ASN B 283 -43.84 18.04 -27.08
C ASN B 283 -44.01 17.63 -25.62
N ASN B 284 -44.19 18.59 -24.71
CA ASN B 284 -44.27 18.27 -23.29
C ASN B 284 -45.36 19.07 -22.58
N THR B 285 -46.31 19.64 -23.32
CA THR B 285 -47.38 20.40 -22.67
C THR B 285 -48.29 19.52 -21.83
N TRP B 286 -48.25 18.19 -22.04
CA TRP B 286 -49.02 17.27 -21.23
C TRP B 286 -48.50 17.16 -19.80
N GLN B 287 -47.30 17.65 -19.52
CA GLN B 287 -46.70 17.48 -18.21
C GLN B 287 -47.26 18.52 -17.23
N PRO B 288 -47.44 18.15 -15.97
CA PRO B 288 -47.71 19.17 -14.95
C PRO B 288 -46.58 20.19 -14.92
N HIS B 289 -46.96 21.47 -14.93
CA HIS B 289 -45.95 22.50 -15.11
C HIS B 289 -44.99 22.58 -13.92
N LEU B 290 -45.45 22.23 -12.72
CA LEU B 290 -44.54 22.19 -11.58
C LEU B 290 -43.48 21.12 -11.77
N LYS B 291 -43.88 19.93 -12.23
CA LYS B 291 -42.90 18.88 -12.49
C LYS B 291 -41.99 19.27 -13.65
N LEU B 292 -42.56 19.83 -14.72
CA LEU B 292 -41.75 20.29 -15.84
C LEU B 292 -40.68 21.27 -15.37
N PHE B 293 -41.07 22.20 -14.50
CA PHE B 293 -40.12 23.18 -13.95
C PHE B 293 -38.98 22.47 -13.21
N SER B 294 -39.30 21.40 -12.48
CA SER B 294 -38.27 20.69 -11.72
C SER B 294 -37.21 20.06 -12.62
N ARG B 295 -37.55 19.77 -13.87
CA ARG B 295 -36.59 19.14 -14.77
C ARG B 295 -35.53 20.10 -15.28
N ILE B 296 -35.65 21.39 -14.98
CA ILE B 296 -34.56 22.32 -15.27
C ILE B 296 -33.29 21.88 -14.54
N GLN B 297 -33.44 21.15 -13.44
CA GLN B 297 -32.27 20.68 -12.70
C GLN B 297 -31.34 19.86 -13.58
N LEU B 298 -31.89 19.05 -14.47
CA LEU B 298 -31.03 18.24 -15.35
C LEU B 298 -30.12 19.12 -16.20
N GLY B 299 -30.59 20.31 -16.59
CA GLY B 299 -29.75 21.22 -17.34
C GLY B 299 -28.68 21.90 -16.49
N LEU B 300 -28.95 22.04 -15.19
CA LEU B 300 -28.01 22.67 -14.27
C LEU B 300 -27.13 21.66 -13.55
N SER B 301 -27.39 20.36 -13.69
CA SER B 301 -26.65 19.36 -12.94
C SER B 301 -25.18 19.38 -13.33
N LYS B 302 -24.31 19.48 -12.33
CA LYS B 302 -22.88 19.51 -12.58
C LYS B 302 -22.38 18.14 -13.01
N THR B 303 -21.84 18.06 -14.22
CA THR B 303 -21.48 16.79 -14.83
C THR B 303 -20.23 16.97 -15.67
N TYR B 304 -19.48 15.87 -15.83
CA TYR B 304 -18.35 15.83 -16.75
C TYR B 304 -18.83 15.30 -18.10
N ALA B 305 -18.61 16.09 -19.15
CA ALA B 305 -18.93 15.62 -20.50
C ALA B 305 -17.92 14.58 -20.93
N ILE B 306 -18.43 13.45 -21.43
CA ILE B 306 -17.58 12.34 -21.83
C ILE B 306 -17.42 12.34 -23.35
N MET B 307 -18.54 12.19 -24.06
CA MET B 307 -18.51 12.03 -25.50
C MET B 307 -19.87 12.40 -26.05
N THR B 308 -19.91 12.64 -27.36
CA THR B 308 -21.16 12.79 -28.09
C THR B 308 -21.42 11.51 -28.88
N LEU B 309 -22.68 11.09 -28.90
CA LEU B 309 -23.06 9.87 -29.60
C LEU B 309 -23.87 10.22 -30.84
N GLU B 310 -23.60 9.50 -31.93
CA GLU B 310 -24.36 9.69 -33.15
C GLU B 310 -25.76 9.11 -32.99
N PRO B 311 -26.79 9.63 -33.69
CA PRO B 311 -28.12 9.05 -33.61
C PRO B 311 -28.17 7.54 -33.78
N HIS B 312 -27.40 7.01 -34.74
CA HIS B 312 -27.39 5.54 -35.02
C HIS B 312 -26.91 4.78 -33.80
N GLN B 313 -26.13 5.42 -32.93
CA GLN B 313 -25.54 4.77 -31.74
C GLN B 313 -26.48 4.86 -30.52
N ILE B 314 -27.69 5.37 -30.68
CA ILE B 314 -28.61 5.54 -29.53
C ILE B 314 -29.82 4.61 -29.68
N ARG B 315 -30.09 3.80 -28.67
CA ARG B 315 -31.19 2.82 -28.74
C ARG B 315 -32.30 3.22 -27.76
N HIS B 316 -33.28 3.97 -28.24
CA HIS B 316 -34.39 4.40 -27.40
C HIS B 316 -35.39 3.25 -27.31
N HIS B 317 -35.53 2.68 -26.11
CA HIS B 317 -36.54 1.65 -25.88
C HIS B 317 -37.89 2.30 -25.63
N LYS B 318 -38.95 1.69 -26.16
CA LYS B 318 -40.29 2.20 -25.90
C LYS B 318 -40.86 1.69 -24.59
N THR B 319 -40.42 0.53 -24.12
CA THR B 319 -40.98 -0.08 -22.93
C THR B 319 -39.86 -0.43 -21.96
N ASP B 320 -40.15 -0.27 -20.66
CA ASP B 320 -39.24 -0.71 -19.62
C ASP B 320 -39.31 -2.23 -19.48
N LEU B 321 -38.34 -2.77 -18.76
CA LEU B 321 -38.46 -4.15 -18.30
C LEU B 321 -39.64 -4.26 -17.35
N LEU B 322 -40.54 -5.19 -17.61
CA LEU B 322 -41.76 -5.33 -16.83
C LEU B 322 -41.77 -6.65 -16.07
N SER B 323 -42.57 -6.68 -15.01
CA SER B 323 -42.65 -7.86 -14.17
C SER B 323 -43.06 -9.07 -15.00
N PRO B 324 -42.36 -10.20 -14.90
CA PRO B 324 -42.82 -11.41 -15.59
C PRO B 324 -44.15 -11.91 -15.09
N SER B 325 -44.59 -11.37 -13.96
CA SER B 325 -45.85 -11.84 -13.33
C SER B 325 -47.07 -11.07 -13.87
N GLY B 326 -46.87 -10.14 -14.80
CA GLY B 326 -48.00 -9.42 -15.42
C GLY B 326 -48.51 -8.29 -14.55
N THR B 327 -47.82 -7.98 -13.47
CA THR B 327 -48.21 -6.88 -12.55
C THR B 327 -48.09 -5.54 -13.26
N GLY B 328 -47.24 -5.45 -14.29
CA GLY B 328 -47.00 -4.17 -14.99
C GLY B 328 -45.99 -3.30 -14.26
N GLU B 329 -45.38 -3.84 -13.22
CA GLU B 329 -44.36 -3.08 -12.45
C GLU B 329 -43.07 -2.98 -13.25
N VAL B 330 -42.46 -1.80 -13.23
CA VAL B 330 -41.20 -1.58 -13.91
C VAL B 330 -40.06 -2.13 -13.05
N MET B 331 -39.21 -2.96 -13.65
CA MET B 331 -38.16 -3.66 -12.89
C MET B 331 -36.77 -3.02 -13.10
N ASN B 332 -36.67 -2.06 -14.01
CA ASN B 332 -35.37 -1.41 -14.33
C ASN B 332 -35.50 0.11 -14.22
N ASP B 333 -36.23 0.58 -13.23
CA ASP B 333 -36.52 2.04 -13.16
C ASP B 333 -35.22 2.82 -13.03
N GLY B 334 -34.87 3.59 -14.06
CA GLY B 334 -33.70 4.49 -13.99
C GLY B 334 -32.42 3.91 -14.51
N VAL B 335 -32.43 2.63 -14.88
CA VAL B 335 -31.15 1.96 -15.28
C VAL B 335 -31.15 1.50 -16.73
N GLY B 336 -30.04 1.70 -17.41
CA GLY B 336 -29.87 1.27 -18.81
C GLY B 336 -28.48 0.71 -19.03
N ARG B 337 -28.25 0.12 -20.19
CA ARG B 337 -26.93 -0.46 -20.52
C ARG B 337 -26.12 0.43 -21.46
N MET B 338 -24.80 0.39 -21.32
CA MET B 338 -23.91 1.15 -22.22
C MET B 338 -22.89 0.16 -22.80
N SER B 339 -22.30 0.50 -23.93
CA SER B 339 -21.30 -0.35 -24.59
C SER B 339 -20.02 -0.41 -23.75
N ARG B 340 -19.30 -1.51 -23.86
CA ARG B 340 -17.99 -1.62 -23.17
C ARG B 340 -17.12 -0.47 -23.65
N SER B 341 -17.24 -0.09 -24.92
CA SER B 341 -16.35 0.97 -25.37
C SER B 341 -16.75 2.34 -24.83
N VAL B 342 -18.03 2.59 -24.62
CA VAL B 342 -18.44 3.82 -23.96
C VAL B 342 -17.82 3.90 -22.57
N ALA B 343 -17.87 2.80 -21.82
CA ALA B 343 -17.25 2.77 -20.50
C ALA B 343 -15.76 3.06 -20.58
N LYS B 344 -15.09 2.58 -21.63
CA LYS B 344 -13.66 2.84 -21.78
C LYS B 344 -13.40 4.32 -22.02
N ARG B 345 -14.25 4.98 -22.81
CA ARG B 345 -14.10 6.42 -23.00
C ARG B 345 -14.27 7.17 -21.68
N ILE B 346 -15.22 6.73 -20.85
CA ILE B 346 -15.40 7.34 -19.54
C ILE B 346 -14.10 7.27 -18.74
N ARG B 347 -13.48 6.09 -18.71
CA ARG B 347 -12.20 5.94 -18.02
C ARG B 347 -11.16 6.90 -18.58
N ASP B 348 -11.13 7.07 -19.90
CA ASP B 348 -10.07 7.85 -20.53
C ASP B 348 -10.25 9.34 -20.27
N VAL B 349 -11.47 9.86 -20.43
CA VAL B 349 -11.68 11.29 -20.24
C VAL B 349 -11.60 11.67 -18.77
N LEU B 350 -12.01 10.79 -17.87
CA LEU B 350 -11.97 11.07 -16.45
C LEU B 350 -10.64 10.70 -15.80
N GLY B 351 -9.76 10.00 -16.51
CA GLY B 351 -8.48 9.62 -15.94
C GLY B 351 -8.59 8.62 -14.81
N LEU B 352 -9.46 7.63 -14.94
CA LEU B 352 -9.64 6.61 -13.91
C LEU B 352 -8.68 5.45 -14.15
N GLY B 353 -8.40 4.73 -13.06
CA GLY B 353 -7.47 3.61 -13.15
C GLY B 353 -8.06 2.39 -13.82
N ASP B 354 -9.37 2.24 -13.78
CA ASP B 354 -10.05 1.07 -14.34
C ASP B 354 -11.29 1.52 -15.08
N VAL B 355 -11.86 0.60 -15.85
CA VAL B 355 -13.12 0.84 -16.54
C VAL B 355 -14.26 0.73 -15.53
N PRO B 356 -15.05 1.78 -15.35
CA PRO B 356 -16.15 1.68 -14.38
C PRO B 356 -17.25 0.76 -14.89
N SER B 357 -17.77 -0.09 -14.01
CA SER B 357 -18.87 -1.00 -14.40
C SER B 357 -20.17 -0.21 -14.54
N ALA B 358 -20.31 0.87 -13.76
CA ALA B 358 -21.55 1.67 -13.78
C ALA B 358 -21.29 3.15 -13.51
N VAL B 359 -22.16 4.00 -14.04
CA VAL B 359 -22.02 5.46 -13.87
C VAL B 359 -23.39 6.10 -13.62
N GLN B 360 -23.41 7.18 -12.85
CA GLN B 360 -24.64 7.99 -12.67
C GLN B 360 -24.46 9.14 -13.65
N GLY B 361 -25.41 9.33 -14.56
CA GLY B 361 -25.21 10.31 -15.60
C GLY B 361 -26.51 10.92 -16.10
N ARG B 362 -26.36 11.73 -17.14
CA ARG B 362 -27.50 12.38 -17.81
C ARG B 362 -27.21 12.35 -19.32
N PHE B 363 -28.22 12.08 -20.13
CA PHE B 363 -28.06 12.02 -21.60
C PHE B 363 -29.38 12.52 -22.19
N GLY B 364 -29.37 13.71 -22.78
CA GLY B 364 -30.64 14.28 -23.25
C GLY B 364 -31.64 14.37 -22.10
N SER B 365 -32.84 13.85 -22.32
CA SER B 365 -33.90 13.90 -21.29
C SER B 365 -33.67 12.78 -20.27
N ALA B 366 -32.71 11.90 -20.55
CA ALA B 366 -32.51 10.72 -19.70
C ALA B 366 -31.60 10.98 -18.50
N LYS B 367 -32.00 10.48 -17.35
CA LYS B 367 -31.13 10.56 -16.16
C LYS B 367 -31.20 9.22 -15.41
N GLY B 368 -30.10 8.81 -14.79
CA GLY B 368 -30.10 7.62 -13.98
C GLY B 368 -28.76 6.92 -14.04
N MET B 369 -28.81 5.59 -13.97
CA MET B 369 -27.64 4.75 -14.01
C MET B 369 -27.46 4.15 -15.40
N TRP B 370 -26.20 3.98 -15.78
CA TRP B 370 -25.87 3.25 -17.02
C TRP B 370 -24.85 2.17 -16.64
N VAL B 371 -25.08 0.93 -17.05
CA VAL B 371 -24.21 -0.21 -16.66
C VAL B 371 -23.65 -0.86 -17.93
N ILE B 372 -22.46 -1.43 -17.83
CA ILE B 372 -21.82 -2.09 -19.01
C ILE B 372 -22.66 -3.28 -19.43
N ASP B 373 -22.86 -3.44 -20.72
CA ASP B 373 -23.53 -4.64 -21.24
C ASP B 373 -22.51 -5.79 -21.14
N VAL B 374 -22.69 -6.70 -20.20
CA VAL B 374 -21.74 -7.80 -20.05
C VAL B 374 -21.70 -8.68 -21.28
N ASP B 375 -22.76 -8.66 -22.07
CA ASP B 375 -22.84 -9.50 -23.29
C ASP B 375 -22.20 -8.78 -24.48
N ASP B 376 -21.61 -7.61 -24.29
CA ASP B 376 -21.07 -6.84 -25.44
C ASP B 376 -19.66 -7.32 -25.78
N THR B 377 -19.45 -7.70 -27.03
CA THR B 377 -18.13 -8.23 -27.49
C THR B 377 -17.53 -7.30 -28.55
N GLY B 378 -18.32 -6.36 -29.07
CA GLY B 378 -17.87 -5.46 -30.13
C GLY B 378 -17.09 -4.26 -29.64
N ASP B 379 -16.52 -3.49 -30.57
CA ASP B 379 -15.80 -2.25 -30.19
C ASP B 379 -16.68 -1.04 -30.52
N GLU B 380 -17.95 -1.26 -30.85
CA GLU B 380 -18.82 -0.14 -31.28
C GLU B 380 -19.39 0.62 -30.08
N ASP B 381 -19.41 1.96 -30.17
CA ASP B 381 -19.98 2.80 -29.09
C ASP B 381 -21.51 2.79 -29.21
N TRP B 382 -22.21 2.54 -28.11
CA TRP B 382 -23.70 2.61 -28.10
C TRP B 382 -24.24 2.86 -26.70
N ILE B 383 -25.41 3.48 -26.60
CA ILE B 383 -26.08 3.70 -25.28
C ILE B 383 -27.56 3.45 -25.49
N GLU B 384 -28.25 3.06 -24.44
CA GLU B 384 -29.70 2.83 -24.52
C GLU B 384 -30.43 3.70 -23.49
N THR B 385 -31.64 4.11 -23.79
CA THR B 385 -32.46 4.82 -22.83
C THR B 385 -33.78 4.09 -22.69
N TYR B 386 -34.40 4.26 -21.52
CA TYR B 386 -35.67 3.62 -21.22
C TYR B 386 -36.69 4.69 -20.86
N PRO B 387 -37.99 4.38 -20.97
CA PRO B 387 -39.00 5.37 -20.56
C PRO B 387 -38.81 5.84 -19.12
N SER B 388 -38.39 4.95 -18.22
CA SER B 388 -38.23 5.32 -16.82
C SER B 388 -37.11 6.33 -16.61
N GLN B 389 -36.15 6.42 -17.54
CA GLN B 389 -35.06 7.37 -17.43
C GLN B 389 -35.38 8.72 -18.06
N ARG B 390 -36.22 8.73 -19.09
CA ARG B 390 -36.43 9.93 -19.89
C ARG B 390 -37.48 10.80 -19.23
N LYS B 391 -37.05 11.99 -18.78
CA LYS B 391 -37.90 12.87 -17.98
C LYS B 391 -38.72 13.84 -18.82
N TRP B 392 -38.51 13.87 -20.14
CA TRP B 392 -39.39 14.62 -21.03
C TRP B 392 -39.20 14.10 -22.44
N GLU B 393 -40.16 14.43 -23.31
CA GLU B 393 -40.09 14.03 -24.73
C GLU B 393 -38.98 14.83 -25.38
N CYS B 394 -37.92 14.15 -25.79
CA CYS B 394 -36.75 14.79 -26.34
C CYS B 394 -36.37 14.13 -27.66
N ASP B 395 -35.91 14.94 -28.62
CA ASP B 395 -35.56 14.43 -29.94
C ASP B 395 -34.08 14.09 -30.10
N PHE B 396 -33.24 14.51 -29.16
CA PHE B 396 -31.82 14.12 -29.16
C PHE B 396 -31.11 14.56 -30.44
N VAL B 397 -31.38 15.78 -30.89
CA VAL B 397 -30.81 16.28 -32.13
C VAL B 397 -29.55 17.09 -31.84
N ASP B 398 -29.68 18.14 -31.05
CA ASP B 398 -28.53 18.99 -30.73
C ASP B 398 -27.39 18.16 -30.16
N LYS B 399 -26.16 18.59 -30.45
CA LYS B 399 -24.98 17.91 -29.92
C LYS B 399 -25.09 17.75 -28.40
N HIS B 400 -25.56 18.79 -27.71
CA HIS B 400 -25.58 18.79 -26.25
C HIS B 400 -26.71 17.95 -25.67
N GLN B 401 -27.70 17.60 -26.45
CA GLN B 401 -28.70 16.63 -26.04
C GLN B 401 -28.32 15.20 -26.39
N ARG B 402 -27.17 15.00 -27.03
CA ARG B 402 -26.65 13.68 -27.37
C ARG B 402 -25.33 13.39 -26.68
N THR B 403 -25.02 14.12 -25.61
CA THR B 403 -23.72 14.02 -24.95
C THR B 403 -23.89 13.29 -23.62
N LEU B 404 -23.12 12.23 -23.43
CA LEU B 404 -23.11 11.52 -22.16
C LEU B 404 -22.41 12.38 -21.12
N GLU B 405 -23.13 12.73 -20.05
CA GLU B 405 -22.61 13.55 -18.97
C GLU B 405 -22.61 12.72 -17.69
N VAL B 406 -21.44 12.62 -17.06
CA VAL B 406 -21.25 11.75 -15.90
C VAL B 406 -21.33 12.58 -14.63
N ARG B 407 -22.24 12.19 -13.74
CA ARG B 407 -22.31 12.80 -12.41
C ARG B 407 -21.30 12.17 -11.47
N SER B 408 -21.28 10.84 -11.41
CA SER B 408 -20.31 10.11 -10.60
C SER B 408 -20.23 8.69 -11.14
N VAL B 409 -19.19 7.97 -10.71
CA VAL B 409 -18.96 6.60 -11.13
C VAL B 409 -18.97 5.71 -9.90
N ALA B 410 -19.41 4.46 -10.09
CA ALA B 410 -19.35 3.46 -9.04
C ALA B 410 -17.89 3.08 -8.80
N SER B 411 -17.34 3.49 -7.66
CA SER B 411 -15.93 3.33 -7.35
C SER B 411 -15.75 2.49 -6.10
N GLU B 412 -14.49 2.29 -5.71
CA GLU B 412 -14.16 1.38 -4.63
C GLU B 412 -14.95 1.70 -3.37
N LEU B 413 -15.41 0.65 -2.69
CA LEU B 413 -16.32 0.78 -1.57
C LEU B 413 -15.56 0.84 -0.25
N LYS B 414 -16.18 1.48 0.74
CA LYS B 414 -15.65 1.60 2.09
C LYS B 414 -16.68 1.07 3.08
N SER B 415 -16.20 0.71 4.27
CA SER B 415 -17.11 0.22 5.31
C SER B 415 -18.05 1.34 5.75
N ALA B 416 -19.33 0.99 5.91
CA ALA B 416 -20.37 1.97 6.21
C ALA B 416 -20.69 2.07 7.69
N GLY B 417 -20.54 0.99 8.44
CA GLY B 417 -21.01 1.04 9.84
C GLY B 417 -22.52 0.94 9.89
N LEU B 418 -23.10 0.98 11.09
CA LEU B 418 -24.57 0.90 11.26
C LEU B 418 -25.07 2.22 11.81
N ASN B 419 -25.84 2.95 11.00
CA ASN B 419 -26.40 4.23 11.47
C ASN B 419 -27.46 3.94 12.53
N LEU B 420 -27.51 4.79 13.55
CA LEU B 420 -28.44 4.61 14.69
C LEU B 420 -29.89 4.66 14.20
N GLN B 421 -30.18 5.43 13.15
CA GLN B 421 -31.56 5.50 12.59
C GLN B 421 -32.08 4.11 12.23
N LEU B 422 -31.20 3.22 11.78
CA LEU B 422 -31.70 1.90 11.39
C LEU B 422 -32.02 1.02 12.58
N LEU B 423 -31.46 1.31 13.75
CA LEU B 423 -31.59 0.40 14.88
C LEU B 423 -33.05 0.15 15.29
N PRO B 424 -33.92 1.15 15.34
CA PRO B 424 -35.32 0.85 15.70
C PRO B 424 -35.99 -0.15 14.76
N VAL B 425 -35.76 -0.04 13.46
CA VAL B 425 -36.35 -1.00 12.53
C VAL B 425 -35.71 -2.38 12.71
N LEU B 426 -34.39 -2.42 12.90
CA LEU B 426 -33.72 -3.70 13.14
C LEU B 426 -34.23 -4.36 14.41
N GLU B 427 -34.39 -3.57 15.49
CA GLU B 427 -34.99 -4.11 16.71
C GLU B 427 -36.41 -4.58 16.45
N ASP B 428 -37.17 -3.81 15.68
CA ASP B 428 -38.57 -4.16 15.43
C ASP B 428 -38.70 -5.50 14.72
N ARG B 429 -37.76 -5.81 13.82
CA ARG B 429 -37.83 -7.04 13.05
C ARG B 429 -37.04 -8.18 13.67
N ALA B 430 -36.42 -7.97 14.83
CA ALA B 430 -35.62 -9.01 15.45
C ALA B 430 -36.49 -10.16 15.94
N ARG B 431 -36.02 -11.38 15.74
CA ARG B 431 -36.77 -12.57 16.24
C ARG B 431 -36.73 -12.52 17.76
N ASP B 432 -35.58 -12.18 18.35
CA ASP B 432 -35.48 -12.00 19.81
C ASP B 432 -34.91 -10.60 20.08
N LYS B 433 -35.74 -9.67 20.56
CA LYS B 433 -35.30 -8.28 20.80
C LYS B 433 -34.26 -8.20 21.92
N VAL B 434 -34.43 -8.97 22.99
CA VAL B 434 -33.51 -8.88 24.16
C VAL B 434 -32.10 -9.29 23.73
N LYS B 435 -32.02 -10.37 22.95
CA LYS B 435 -30.72 -10.86 22.44
C LYS B 435 -30.08 -9.87 21.47
N MET B 436 -30.88 -9.29 20.57
CA MET B 436 -30.36 -8.28 19.62
C MET B 436 -29.76 -7.12 20.42
N ARG B 437 -30.46 -6.68 21.46
CA ARG B 437 -30.00 -5.51 22.23
C ARG B 437 -28.68 -5.86 22.92
N GLN B 438 -28.60 -7.01 23.57
CA GLN B 438 -27.36 -7.38 24.31
C GLN B 438 -26.19 -7.47 23.32
N ALA B 439 -26.43 -8.08 22.15
CA ALA B 439 -25.35 -8.28 21.15
C ALA B 439 -24.80 -6.96 20.60
N ILE B 440 -25.66 -6.00 20.28
CA ILE B 440 -25.19 -4.67 19.80
C ILE B 440 -24.40 -3.98 20.92
N GLY B 441 -24.90 -4.07 22.16
CA GLY B 441 -24.17 -3.49 23.30
C GLY B 441 -22.82 -4.13 23.50
N ASP B 442 -22.76 -5.45 23.37
CA ASP B 442 -21.49 -6.18 23.51
C ASP B 442 -20.51 -5.74 22.41
N ARG B 443 -21.01 -5.57 21.19
CA ARG B 443 -20.14 -5.15 20.06
C ARG B 443 -19.59 -3.77 20.36
N LEU B 444 -20.43 -2.87 20.86
CA LEU B 444 -20.02 -1.48 21.17
C LEU B 444 -18.98 -1.50 22.30
N ILE B 445 -19.22 -2.29 23.34
CA ILE B 445 -18.28 -2.32 24.49
C ILE B 445 -16.92 -2.85 24.03
N ASN B 446 -16.90 -3.90 23.22
CA ASN B 446 -15.63 -4.51 22.75
C ASN B 446 -14.87 -3.50 21.88
N ASP B 447 -15.59 -2.77 21.02
CA ASP B 447 -14.95 -1.76 20.15
C ASP B 447 -14.33 -0.64 20.98
N LEU B 448 -15.07 -0.15 21.98
CA LEU B 448 -14.55 0.96 22.80
C LEU B 448 -13.33 0.47 23.59
N GLN B 449 -13.41 -0.74 24.14
CA GLN B 449 -12.29 -1.29 24.95
C GLN B 449 -11.07 -1.49 24.06
N ARG B 450 -11.29 -1.97 22.85
CA ARG B 450 -10.16 -2.18 21.90
C ARG B 450 -9.52 -0.82 21.60
N GLN B 451 -10.33 0.21 21.39
CA GLN B 451 -9.78 1.53 21.04
C GLN B 451 -8.93 2.04 22.21
N PHE B 452 -9.43 1.89 23.43
CA PHE B 452 -8.70 2.38 24.63
C PHE B 452 -7.40 1.59 24.83
N SER B 453 -7.47 0.27 24.69
CA SER B 453 -6.30 -0.61 24.90
C SER B 453 -5.23 -0.33 23.85
N GLU B 454 -5.64 -0.14 22.60
CA GLU B 454 -4.69 0.15 21.51
C GLU B 454 -3.95 1.48 21.75
N GLN B 455 -4.66 2.52 22.19
CA GLN B 455 -3.93 3.78 22.48
C GLN B 455 -2.93 3.58 23.61
N LYS B 456 -3.33 2.89 24.67
CA LYS B 456 -2.46 2.71 25.85
C LYS B 456 -1.23 1.90 25.45
N HIS B 457 -1.43 0.86 24.64
CA HIS B 457 -0.31 -0.02 24.26
C HIS B 457 0.63 0.74 23.33
N ALA B 458 0.06 1.42 22.35
CA ALA B 458 0.90 2.10 21.37
C ALA B 458 1.82 3.12 22.04
N LEU B 459 1.37 3.73 23.13
CA LEU B 459 2.16 4.75 23.82
C LEU B 459 3.48 4.22 24.35
N ASN B 460 3.66 2.90 24.41
CA ASN B 460 4.86 2.32 25.00
C ASN B 460 6.06 2.33 24.06
N ARG B 461 5.87 2.57 22.76
CA ARG B 461 6.97 2.64 21.80
C ARG B 461 6.72 3.81 20.84
N PRO B 462 7.70 4.68 20.65
CA PRO B 462 7.51 5.79 19.70
C PRO B 462 7.13 5.33 18.30
N VAL B 463 7.66 4.20 17.82
CA VAL B 463 7.31 3.74 16.49
C VAL B 463 5.85 3.32 16.42
N GLU B 464 5.32 2.75 17.51
CA GLU B 464 3.91 2.41 17.54
C GLU B 464 3.04 3.64 17.76
N PHE B 465 3.49 4.58 18.59
CA PHE B 465 2.69 5.78 18.81
C PHE B 465 2.65 6.67 17.58
N ARG B 466 3.77 6.80 16.88
CA ARG B 466 3.74 7.58 15.64
C ARG B 466 2.73 7.00 14.67
N GLN B 467 2.67 5.66 14.59
CA GLN B 467 1.69 5.02 13.72
C GLN B 467 0.27 5.29 14.19
N TRP B 468 0.03 5.19 15.50
CA TRP B 468 -1.31 5.45 16.03
C TRP B 468 -1.71 6.90 15.84
N VAL B 469 -0.81 7.85 16.11
CA VAL B 469 -1.12 9.29 15.90
C VAL B 469 -1.49 9.51 14.42
N TYR B 470 -0.77 8.87 13.50
CA TYR B 470 -1.04 9.06 12.06
C TYR B 470 -2.42 8.53 11.71
N GLU B 471 -2.76 7.36 12.23
CA GLU B 471 -4.09 6.74 11.96
C GLU B 471 -5.21 7.58 12.57
N SER B 472 -4.96 8.18 13.73
CA SER B 472 -5.99 8.95 14.47
C SER B 472 -6.50 10.17 13.69
N TYR B 473 -5.62 10.85 12.95
CA TYR B 473 -6.03 12.10 12.27
C TYR B 473 -5.41 12.21 10.87
N SER B 474 -6.07 12.92 9.96
CA SER B 474 -5.55 13.08 8.59
C SER B 474 -5.09 14.51 8.32
N SER B 475 -3.79 14.70 8.17
CA SER B 475 -3.24 16.01 7.87
C SER B 475 -2.82 16.15 6.41
N ARG B 476 -3.09 15.15 5.58
CA ARG B 476 -2.62 15.17 4.19
C ARG B 476 -3.13 16.41 3.46
N ALA B 477 -4.43 16.68 3.55
CA ALA B 477 -4.99 17.85 2.87
C ALA B 477 -4.25 19.13 3.25
N THR B 478 -3.95 19.30 4.54
CA THR B 478 -3.19 20.46 4.96
C THR B 478 -1.77 20.43 4.41
N ARG B 479 -1.12 19.26 4.44
CA ARG B 479 0.23 19.14 3.89
C ARG B 479 0.24 19.48 2.40
N VAL B 480 -0.75 18.99 1.66
CA VAL B 480 -0.77 19.19 0.22
C VAL B 480 -0.95 20.67 -0.12
N SER B 481 -1.86 21.35 0.57
CA SER B 481 -2.16 22.74 0.24
C SER B 481 -1.01 23.67 0.61
N HIS B 482 -0.23 23.31 1.64
CA HIS B 482 0.90 24.13 2.06
C HIS B 482 2.22 23.67 1.48
N GLY B 483 2.28 22.47 0.92
CA GLY B 483 3.56 21.91 0.49
C GLY B 483 4.49 21.58 1.63
N ARG B 484 3.96 21.47 2.85
CA ARG B 484 4.77 21.20 4.03
C ARG B 484 3.88 21.10 5.25
N VAL B 485 4.48 20.79 6.41
CA VAL B 485 3.76 20.86 7.68
C VAL B 485 3.77 22.32 8.11
N PRO B 486 2.59 22.99 8.19
CA PRO B 486 2.51 24.36 8.66
C PRO B 486 3.00 24.49 10.11
N PHE B 487 3.82 25.50 10.36
CA PHE B 487 4.39 25.68 11.71
C PHE B 487 3.91 26.98 12.33
N LEU B 488 3.49 26.95 13.59
CA LEU B 488 3.22 28.20 14.32
C LEU B 488 4.44 28.39 15.23
N ALA B 489 5.23 29.41 14.97
CA ALA B 489 6.47 29.63 15.73
C ALA B 489 7.43 28.43 15.58
N GLY B 490 7.90 27.87 16.68
CA GLY B 490 8.92 26.79 16.64
C GLY B 490 8.37 25.38 16.52
N LEU B 491 7.06 25.23 16.51
CA LEU B 491 6.46 23.87 16.48
C LEU B 491 5.37 23.80 15.43
N PRO B 492 5.04 22.60 14.92
CA PRO B 492 3.94 22.47 13.99
C PRO B 492 2.66 23.00 14.64
N ASP B 493 1.79 23.60 13.84
CA ASP B 493 0.53 24.20 14.37
C ASP B 493 -0.37 23.14 15.02
N SER B 494 -0.33 21.92 14.60
CA SER B 494 -1.23 20.87 15.13
C SER B 494 -0.58 20.05 16.25
N GLN B 495 -1.36 19.57 17.19
CA GLN B 495 -0.82 18.68 18.22
C GLN B 495 -0.38 17.35 17.63
N GLU B 496 -1.12 16.86 16.64
CA GLU B 496 -0.76 15.59 16.00
C GLU B 496 0.61 15.70 15.32
N GLU B 497 0.81 16.75 14.54
CA GLU B 497 2.08 16.91 13.83
C GLU B 497 3.22 17.22 14.79
N THR B 498 2.92 17.87 15.92
CA THR B 498 3.97 18.15 16.91
C THR B 498 4.49 16.87 17.53
N LEU B 499 3.60 15.93 17.86
CA LEU B 499 4.03 14.66 18.43
C LEU B 499 4.90 13.89 17.44
N ASN B 500 4.46 13.80 16.18
CA ASN B 500 5.23 13.08 15.18
C ASN B 500 6.56 13.77 14.88
N PHE B 501 6.53 15.10 14.75
CA PHE B 501 7.77 15.84 14.50
C PHE B 501 8.78 15.62 15.61
N LEU B 502 8.35 15.76 16.86
CA LEU B 502 9.27 15.60 17.98
C LEU B 502 9.68 14.14 18.14
N MET B 503 8.77 13.21 17.89
CA MET B 503 9.11 11.79 18.01
C MET B 503 10.07 11.36 16.90
N ASN B 504 10.02 12.04 15.75
CA ASN B 504 10.93 11.70 14.66
C ASN B 504 12.36 12.15 14.93
N SER B 505 12.56 13.05 15.90
CA SER B 505 13.90 13.48 16.31
C SER B 505 14.39 12.78 17.56
N GLY B 506 13.64 11.80 18.07
CA GLY B 506 14.10 10.96 19.15
C GLY B 506 13.43 11.17 20.49
N PHE B 507 12.41 12.01 20.57
CA PHE B 507 11.72 12.22 21.83
C PHE B 507 10.71 11.10 22.09
N ASP B 508 10.46 10.83 23.38
CA ASP B 508 9.62 9.73 23.81
C ASP B 508 8.51 10.25 24.71
N PRO B 509 7.23 9.97 24.40
CA PRO B 509 6.15 10.45 25.28
C PRO B 509 6.18 9.82 26.66
N LYS B 510 6.82 8.66 26.83
CA LYS B 510 6.97 8.07 28.16
C LYS B 510 8.09 8.70 28.96
N LYS B 511 8.94 9.52 28.35
CA LYS B 511 10.08 10.13 29.02
C LYS B 511 10.05 11.65 29.03
N GLN B 512 9.51 12.29 27.99
CA GLN B 512 9.44 13.74 27.92
C GLN B 512 8.02 14.16 28.25
N LYS B 513 7.86 14.89 29.36
CA LYS B 513 6.52 15.22 29.83
C LYS B 513 5.77 16.12 28.85
N TYR B 514 6.49 16.98 28.12
CA TYR B 514 5.83 17.82 27.14
C TYR B 514 5.06 16.98 26.13
N LEU B 515 5.63 15.85 25.71
CA LEU B 515 4.94 14.96 24.78
C LEU B 515 3.84 14.19 25.48
N GLN B 516 4.12 13.68 26.68
CA GLN B 516 3.09 12.99 27.46
C GLN B 516 1.86 13.88 27.65
N ASP B 517 2.09 15.15 27.96
CA ASP B 517 0.97 16.07 28.18
C ASP B 517 0.14 16.23 26.92
N ILE B 518 0.79 16.39 25.77
CA ILE B 518 0.05 16.47 24.51
C ILE B 518 -0.66 15.15 24.24
N ALA B 519 0.00 14.03 24.53
CA ALA B 519 -0.62 12.73 24.31
C ALA B 519 -1.88 12.57 25.14
N TRP B 520 -1.80 12.88 26.44
CA TRP B 520 -3.00 12.82 27.27
C TRP B 520 -4.10 13.72 26.72
N ASP B 521 -3.73 14.93 26.29
CA ASP B 521 -4.74 15.89 25.85
C ASP B 521 -5.44 15.45 24.56
N LEU B 522 -4.78 14.63 23.75
CA LEU B 522 -5.44 14.13 22.53
C LEU B 522 -6.43 13.01 22.84
N GLN B 523 -6.07 12.09 23.73
CA GLN B 523 -7.01 11.03 24.09
C GLN B 523 -8.19 11.58 24.87
N LYS B 524 -7.94 12.54 25.77
CA LYS B 524 -9.04 13.20 26.46
C LYS B 524 -10.00 13.84 25.47
N ARG B 525 -9.47 14.40 24.38
CA ARG B 525 -10.32 15.00 23.35
C ARG B 525 -11.06 13.92 22.55
N LYS B 526 -10.43 12.76 22.35
CA LYS B 526 -11.11 11.69 21.62
C LYS B 526 -12.29 11.15 22.40
N CYS B 527 -12.19 11.10 23.74
CA CYS B 527 -13.31 10.64 24.55
C CYS B 527 -14.47 11.63 24.49
N ASP B 528 -14.17 12.93 24.53
CA ASP B 528 -15.23 13.93 24.39
C ASP B 528 -15.88 13.88 23.02
N THR B 529 -15.19 13.37 22.00
CA THR B 529 -15.80 13.17 20.70
C THR B 529 -16.68 11.92 20.70
N LEU B 530 -16.23 10.86 21.36
CA LEU B 530 -17.04 9.64 21.44
C LEU B 530 -18.32 9.88 22.24
N LYS B 531 -18.29 10.82 23.19
CA LYS B 531 -19.47 11.08 24.00
C LYS B 531 -20.57 11.75 23.17
N SER B 532 -20.19 12.66 22.28
CA SER B 532 -21.18 13.38 21.49
C SER B 532 -21.71 12.52 20.35
N LYS B 533 -20.82 11.88 19.60
CA LYS B 533 -21.20 11.09 18.43
C LYS B 533 -21.10 9.61 18.76
N LEU B 534 -22.25 8.97 18.91
CA LEU B 534 -22.29 7.52 19.07
C LEU B 534 -22.23 6.85 17.70
N ASN B 535 -21.34 5.86 17.57
CA ASN B 535 -21.08 5.23 16.28
C ASN B 535 -20.96 3.73 16.48
N ILE B 536 -21.80 2.97 15.78
CA ILE B 536 -21.72 1.52 15.78
C ILE B 536 -20.94 1.09 14.55
N ARG B 537 -19.78 0.47 14.77
CA ARG B 537 -18.91 0.08 13.68
C ARG B 537 -19.24 -1.34 13.25
N VAL B 538 -19.58 -1.51 11.96
CA VAL B 538 -19.87 -2.80 11.37
C VAL B 538 -18.99 -2.91 10.13
N GLY B 539 -17.91 -3.70 10.24
CA GLY B 539 -16.97 -3.77 9.14
C GLY B 539 -17.59 -4.28 7.85
N ARG B 540 -18.44 -5.29 7.96
CA ARG B 540 -19.04 -5.93 6.78
C ARG B 540 -20.31 -5.19 6.37
N SER B 541 -20.17 -3.91 6.05
CA SER B 541 -21.31 -3.09 5.61
C SER B 541 -20.81 -2.10 4.56
N ALA B 542 -21.65 -1.75 3.60
CA ALA B 542 -21.26 -0.69 2.64
C ALA B 542 -22.46 -0.05 1.97
N TYR B 543 -22.28 1.16 1.47
CA TYR B 543 -23.33 1.81 0.67
C TYR B 543 -22.95 1.57 -0.78
N ILE B 544 -23.82 0.94 -1.54
CA ILE B 544 -23.49 0.51 -2.93
C ILE B 544 -24.57 0.97 -3.90
N TYR B 545 -24.17 1.43 -5.08
CA TYR B 545 -25.13 1.82 -6.12
C TYR B 545 -25.96 0.59 -6.53
N MET B 546 -27.26 0.78 -6.68
CA MET B 546 -28.17 -0.34 -7.01
C MET B 546 -28.39 -0.43 -8.52
N ILE B 547 -28.35 -1.65 -9.06
CA ILE B 547 -28.52 -1.89 -10.52
C ILE B 547 -29.49 -3.06 -10.70
N ALA B 548 -30.12 -3.17 -11.85
CA ALA B 548 -31.08 -4.25 -12.15
C ALA B 548 -30.47 -5.29 -13.08
N ASP B 549 -30.85 -6.54 -12.92
CA ASP B 549 -30.31 -7.65 -13.74
C ASP B 549 -30.99 -7.70 -15.11
N PHE B 550 -30.39 -7.06 -16.09
CA PHE B 550 -30.91 -7.10 -17.44
C PHE B 550 -30.84 -8.49 -18.05
N TRP B 551 -30.07 -9.40 -17.47
CA TRP B 551 -29.75 -10.66 -18.11
C TRP B 551 -30.49 -11.85 -17.50
N GLY B 552 -31.34 -11.61 -16.50
CA GLY B 552 -32.29 -12.61 -16.05
C GLY B 552 -31.71 -13.82 -15.35
N VAL B 553 -30.55 -13.67 -14.71
CA VAL B 553 -29.95 -14.81 -14.02
C VAL B 553 -30.26 -14.83 -12.52
N LEU B 554 -30.67 -13.70 -11.97
CA LEU B 554 -30.91 -13.61 -10.52
C LEU B 554 -32.37 -13.95 -10.24
N GLU B 555 -32.59 -14.90 -9.35
CA GLU B 555 -33.96 -15.21 -8.93
C GLU B 555 -34.42 -14.12 -7.96
N GLU B 556 -35.72 -14.02 -7.75
CA GLU B 556 -36.24 -13.03 -6.79
C GLU B 556 -35.63 -13.38 -5.43
N ASN B 557 -35.27 -12.37 -4.66
CA ASN B 557 -34.67 -12.59 -3.31
C ASN B 557 -33.18 -12.94 -3.45
N GLU B 558 -32.65 -12.90 -4.67
CA GLU B 558 -31.20 -13.13 -4.87
C GLU B 558 -30.53 -11.84 -5.33
N VAL B 559 -29.39 -11.51 -4.75
CA VAL B 559 -28.60 -10.32 -5.15
C VAL B 559 -27.16 -10.71 -5.51
N HIS B 560 -26.52 -9.93 -6.38
CA HIS B 560 -25.15 -10.20 -6.79
C HIS B 560 -24.28 -9.02 -6.40
N VAL B 561 -23.22 -9.28 -5.64
CA VAL B 561 -22.28 -8.25 -5.22
C VAL B 561 -20.86 -8.74 -5.52
N GLY B 562 -20.14 -8.01 -6.36
CA GLY B 562 -18.71 -8.26 -6.56
C GLY B 562 -17.95 -6.97 -6.44
N PHE B 563 -16.78 -7.05 -5.81
CA PHE B 563 -15.96 -5.87 -5.54
C PHE B 563 -14.84 -5.76 -6.55
N SER B 564 -14.38 -4.52 -6.76
CA SER B 564 -13.24 -4.28 -7.66
C SER B 564 -11.92 -4.68 -7.02
N SER B 565 -11.86 -4.77 -5.70
CA SER B 565 -10.63 -5.14 -5.00
C SER B 565 -11.01 -5.75 -3.66
N LYS B 566 -10.01 -6.08 -2.87
CA LYS B 566 -10.22 -6.69 -1.57
C LYS B 566 -10.97 -5.73 -0.65
N PHE B 567 -12.14 -6.15 -0.19
CA PHE B 567 -12.86 -5.37 0.85
C PHE B 567 -12.38 -5.98 2.17
N ARG B 568 -11.70 -5.17 2.98
CA ARG B 568 -11.07 -5.74 4.18
C ARG B 568 -11.88 -5.56 5.45
N ASP B 569 -12.08 -6.63 6.20
CA ASP B 569 -12.67 -6.56 7.56
C ASP B 569 -11.52 -7.10 8.39
N GLU B 570 -11.47 -6.84 9.69
CA GLU B 570 -10.24 -7.24 10.43
C GLU B 570 -10.02 -8.75 10.30
N GLU B 571 -8.89 -9.16 9.75
CA GLU B 571 -8.51 -10.60 9.69
C GLU B 571 -9.28 -11.37 8.61
N GLU B 572 -10.24 -10.72 7.94
CA GLU B 572 -11.10 -11.44 6.96
C GLU B 572 -11.26 -10.58 5.72
N SER B 573 -11.34 -11.18 4.56
CA SER B 573 -11.36 -10.33 3.35
C SER B 573 -12.28 -10.89 2.28
N PHE B 574 -12.79 -10.01 1.43
CA PHE B 574 -13.77 -10.46 0.41
C PHE B 574 -13.61 -9.74 -0.92
N THR B 575 -13.63 -10.48 -2.01
CA THR B 575 -13.73 -9.89 -3.34
C THR B 575 -15.13 -10.01 -3.92
N LEU B 576 -16.01 -10.75 -3.26
CA LEU B 576 -17.39 -10.92 -3.69
C LEU B 576 -18.17 -11.53 -2.53
N LEU B 577 -19.50 -11.50 -2.66
CA LEU B 577 -20.39 -12.09 -1.64
C LEU B 577 -21.12 -13.29 -2.26
N SER B 578 -21.13 -14.43 -1.57
CA SER B 578 -21.77 -15.67 -2.09
C SER B 578 -22.17 -16.58 -0.94
N ASP B 579 -23.27 -17.33 -1.09
CA ASP B 579 -23.72 -18.33 -0.09
C ASP B 579 -23.92 -17.69 1.29
N CYS B 580 -24.53 -16.52 1.33
CA CYS B 580 -24.83 -15.86 2.62
C CYS B 580 -26.07 -14.98 2.50
N ASP B 581 -26.78 -14.81 3.61
CA ASP B 581 -27.89 -13.84 3.64
C ASP B 581 -27.30 -12.47 3.91
N VAL B 582 -27.92 -11.43 3.37
CA VAL B 582 -27.50 -10.05 3.56
C VAL B 582 -28.74 -9.20 3.83
N LEU B 583 -28.50 -8.07 4.48
CA LEU B 583 -29.52 -7.05 4.68
C LEU B 583 -29.28 -5.93 3.70
N VAL B 584 -30.35 -5.44 3.08
CA VAL B 584 -30.29 -4.28 2.19
C VAL B 584 -31.34 -3.28 2.63
N ALA B 585 -31.00 -2.00 2.55
CA ALA B 585 -31.92 -0.94 2.94
C ALA B 585 -31.44 0.36 2.31
N ARG B 586 -32.37 1.31 2.22
CA ARG B 586 -32.03 2.69 1.88
C ARG B 586 -32.16 3.55 3.13
N SER B 587 -31.23 4.49 3.28
CA SER B 587 -31.28 5.40 4.41
C SER B 587 -31.97 6.69 3.99
N PRO B 588 -32.99 7.15 4.72
CA PRO B 588 -33.44 6.50 5.94
C PRO B 588 -34.48 5.40 5.70
N ALA B 589 -34.57 4.46 6.64
CA ALA B 589 -35.59 3.42 6.62
C ALA B 589 -36.67 3.77 7.64
N HIS B 590 -37.91 3.87 7.19
CA HIS B 590 -39.03 4.24 8.04
C HIS B 590 -39.96 3.06 8.30
N PHE B 591 -40.50 2.45 7.25
CA PHE B 591 -41.38 1.31 7.43
C PHE B 591 -40.58 0.10 7.94
N PRO B 592 -41.21 -0.77 8.73
CA PRO B 592 -40.54 -2.03 9.08
C PRO B 592 -40.06 -2.82 7.86
N SER B 593 -40.71 -2.63 6.71
CA SER B 593 -40.34 -3.33 5.49
C SER B 593 -39.24 -2.62 4.71
N ASP B 594 -38.80 -1.45 5.16
CA ASP B 594 -37.75 -0.71 4.45
C ASP B 594 -36.39 -1.37 4.56
N ILE B 595 -36.27 -2.44 5.34
CA ILE B 595 -35.08 -3.29 5.39
C ILE B 595 -35.51 -4.69 4.97
N GLN B 596 -34.71 -5.31 4.11
CA GLN B 596 -35.04 -6.63 3.59
C GLN B 596 -33.85 -7.56 3.73
N ARG B 597 -34.13 -8.82 4.07
CA ARG B 597 -33.13 -9.87 4.16
C ARG B 597 -33.21 -10.72 2.90
N VAL B 598 -32.10 -10.80 2.16
CA VAL B 598 -32.06 -11.44 0.86
C VAL B 598 -30.81 -12.30 0.76
N ARG B 599 -30.69 -13.03 -0.34
CA ARG B 599 -29.64 -14.02 -0.53
C ARG B 599 -28.61 -13.51 -1.53
N ALA B 600 -27.35 -13.45 -1.11
CA ALA B 600 -26.26 -13.10 -2.01
C ALA B 600 -25.86 -14.34 -2.81
N VAL B 601 -25.98 -14.25 -4.14
CA VAL B 601 -25.58 -15.33 -5.04
C VAL B 601 -24.69 -14.72 -6.11
N PHE B 602 -23.48 -15.25 -6.24
CA PHE B 602 -22.54 -14.74 -7.25
C PHE B 602 -22.77 -15.48 -8.56
N LYS B 603 -23.18 -14.73 -9.58
CA LYS B 603 -23.40 -15.28 -10.91
C LYS B 603 -22.20 -14.97 -11.78
N PRO B 604 -21.42 -15.97 -12.21
CA PRO B 604 -20.26 -15.67 -13.05
C PRO B 604 -20.58 -14.85 -14.28
N GLU B 605 -21.82 -14.93 -14.77
CA GLU B 605 -22.25 -14.13 -15.91
C GLU B 605 -22.04 -12.63 -15.65
N LEU B 606 -22.25 -12.20 -14.40
CA LEU B 606 -22.18 -10.79 -14.03
C LEU B 606 -20.83 -10.41 -13.43
N HIS B 607 -19.82 -11.28 -13.55
CA HIS B 607 -18.57 -11.10 -12.82
C HIS B 607 -17.87 -9.79 -13.15
N SER B 608 -18.13 -9.22 -14.34
N SER B 608 -18.12 -9.22 -14.34
CA SER B 608 -17.47 -7.98 -14.72
CA SER B 608 -17.47 -7.97 -14.72
C SER B 608 -18.10 -6.74 -14.08
C SER B 608 -18.08 -6.75 -14.05
N LEU B 609 -19.30 -6.87 -13.51
CA LEU B 609 -19.99 -5.75 -12.87
C LEU B 609 -19.55 -5.66 -11.42
N LYS B 610 -18.71 -4.68 -11.11
CA LYS B 610 -18.05 -4.56 -9.83
C LYS B 610 -18.45 -3.28 -9.12
N ASP B 611 -18.43 -3.32 -7.78
CA ASP B 611 -18.71 -2.15 -6.95
C ASP B 611 -20.13 -1.63 -7.17
N VAL B 612 -21.04 -2.56 -7.46
CA VAL B 612 -22.47 -2.31 -7.51
C VAL B 612 -23.15 -3.54 -6.94
N ILE B 613 -24.41 -3.38 -6.55
CA ILE B 613 -25.24 -4.50 -6.14
C ILE B 613 -26.37 -4.64 -7.17
N ILE B 614 -26.55 -5.85 -7.67
CA ILE B 614 -27.51 -6.13 -8.73
C ILE B 614 -28.70 -6.85 -8.13
N PHE B 615 -29.90 -6.31 -8.39
CA PHE B 615 -31.15 -6.88 -7.93
C PHE B 615 -31.81 -7.66 -9.06
N SER B 616 -32.68 -8.59 -8.68
CA SER B 616 -33.40 -9.40 -9.66
C SER B 616 -34.43 -8.54 -10.41
N THR B 617 -34.69 -8.93 -11.66
CA THR B 617 -35.81 -8.38 -12.42
C THR B 617 -36.97 -9.36 -12.52
N LYS B 618 -36.98 -10.38 -11.68
CA LYS B 618 -38.12 -11.28 -11.54
C LYS B 618 -38.90 -10.92 -10.28
N GLY B 619 -40.10 -11.48 -10.17
CA GLY B 619 -40.98 -11.20 -9.05
C GLY B 619 -42.03 -10.16 -9.38
N ASP B 620 -42.93 -9.96 -8.42
CA ASP B 620 -44.03 -9.03 -8.62
C ASP B 620 -43.56 -7.59 -8.55
N VAL B 621 -42.74 -7.26 -7.55
CA VAL B 621 -42.29 -5.90 -7.31
C VAL B 621 -40.77 -5.86 -7.31
N PRO B 622 -40.15 -4.85 -7.93
CA PRO B 622 -38.68 -4.75 -7.87
C PRO B 622 -38.23 -4.51 -6.43
N LEU B 623 -37.10 -5.12 -6.08
CA LEU B 623 -36.60 -5.03 -4.71
C LEU B 623 -36.33 -3.58 -4.33
N ALA B 624 -35.79 -2.80 -5.26
CA ALA B 624 -35.47 -1.40 -4.96
C ALA B 624 -36.71 -0.65 -4.46
N LYS B 625 -37.87 -0.95 -5.02
CA LYS B 625 -39.09 -0.27 -4.60
C LYS B 625 -39.44 -0.59 -3.15
N LYS B 626 -39.12 -1.81 -2.69
CA LYS B 626 -39.37 -2.18 -1.31
C LYS B 626 -38.51 -1.39 -0.34
N LEU B 627 -37.42 -0.79 -0.82
CA LEU B 627 -36.49 -0.05 0.02
C LEU B 627 -36.84 1.43 -0.05
N SER B 628 -37.89 1.81 0.69
CA SER B 628 -38.31 3.21 0.78
C SER B 628 -38.67 3.78 -0.60
N GLY B 629 -39.36 2.96 -1.41
CA GLY B 629 -39.74 3.40 -2.74
C GLY B 629 -38.58 3.77 -3.62
N GLY B 630 -37.46 3.05 -3.51
CA GLY B 630 -36.27 3.36 -4.28
C GLY B 630 -36.31 2.80 -5.69
N ASP B 631 -35.25 3.09 -6.43
CA ASP B 631 -35.14 2.63 -7.81
C ASP B 631 -33.64 2.54 -8.15
N TYR B 632 -33.34 2.46 -9.44
CA TYR B 632 -31.98 2.24 -9.94
C TYR B 632 -31.48 3.45 -10.72
N ASP B 633 -31.78 4.66 -10.26
CA ASP B 633 -31.40 5.88 -10.96
C ASP B 633 -30.24 6.60 -10.28
N GLY B 634 -29.55 5.94 -9.35
CA GLY B 634 -28.50 6.59 -8.58
C GLY B 634 -28.69 6.31 -7.10
N ASP B 635 -29.82 5.70 -6.77
CA ASP B 635 -30.08 5.28 -5.40
C ASP B 635 -28.98 4.33 -4.92
N MET B 636 -28.61 4.48 -3.67
CA MET B 636 -27.59 3.60 -3.07
C MET B 636 -28.23 2.78 -1.95
N ALA B 637 -27.82 1.54 -1.81
CA ALA B 637 -28.36 0.67 -0.76
C ALA B 637 -27.34 0.44 0.34
N TRP B 638 -27.81 0.41 1.57
CA TRP B 638 -26.92 0.00 2.68
C TRP B 638 -26.94 -1.52 2.63
N VAL B 639 -25.79 -2.13 2.38
CA VAL B 639 -25.69 -3.60 2.32
C VAL B 639 -24.84 -4.09 3.49
N CYS B 640 -25.39 -4.97 4.32
CA CYS B 640 -24.65 -5.52 5.48
C CYS B 640 -24.59 -7.04 5.36
N TRP B 641 -23.39 -7.60 5.49
CA TRP B 641 -23.22 -9.07 5.42
C TRP B 641 -22.68 -9.60 6.75
N ASP B 642 -22.79 -8.80 7.81
CA ASP B 642 -22.33 -9.24 9.13
C ASP B 642 -23.30 -10.28 9.68
N PRO B 643 -22.83 -11.50 9.98
CA PRO B 643 -23.78 -12.55 10.40
C PRO B 643 -24.58 -12.21 11.64
N GLU B 644 -24.01 -11.45 12.59
CA GLU B 644 -24.75 -11.12 13.80
C GLU B 644 -25.92 -10.19 13.49
N ILE B 645 -25.72 -9.20 12.62
CA ILE B 645 -26.80 -8.31 12.25
C ILE B 645 -27.87 -9.06 11.46
N VAL B 646 -27.45 -9.90 10.52
CA VAL B 646 -28.40 -10.59 9.65
C VAL B 646 -29.17 -11.66 10.40
N ASP B 647 -28.56 -12.29 11.40
CA ASP B 647 -29.06 -13.55 11.94
C ASP B 647 -30.55 -13.50 12.24
N GLY B 648 -30.94 -12.69 13.21
CA GLY B 648 -32.30 -12.74 13.72
C GLY B 648 -33.34 -11.93 12.98
N PHE B 649 -33.01 -11.41 11.80
CA PHE B 649 -33.90 -10.46 11.13
C PHE B 649 -35.01 -11.21 10.39
N VAL B 650 -36.25 -10.71 10.55
CA VAL B 650 -37.43 -11.31 9.93
C VAL B 650 -38.06 -10.28 9.02
N ASN B 651 -38.25 -10.66 7.76
CA ASN B 651 -38.81 -9.72 6.76
C ASN B 651 -40.25 -9.33 7.10
N ALA B 652 -40.64 -8.13 6.71
CA ALA B 652 -42.03 -7.66 6.90
C ALA B 652 -42.60 -7.26 5.55
N GLU B 653 -43.91 -7.41 5.38
CA GLU B 653 -44.57 -7.04 4.11
C GLU B 653 -44.71 -5.52 4.05
N MET B 654 -44.78 -4.98 2.83
CA MET B 654 -44.98 -3.52 2.66
C MET B 654 -46.34 -3.16 3.25
N PRO B 655 -46.42 -2.10 4.07
CA PRO B 655 -47.67 -1.75 4.75
C PRO B 655 -48.73 -1.12 3.86
N LEU B 656 -49.99 -1.22 4.25
CA LEU B 656 -51.05 -0.52 3.49
C LEU B 656 -50.93 0.95 3.85
N GLU B 657 -50.68 1.80 2.86
CA GLU B 657 -50.45 3.23 3.16
C GLU B 657 -51.80 3.93 3.30
N PRO B 658 -51.95 4.85 4.26
CA PRO B 658 -53.22 5.49 4.47
C PRO B 658 -53.64 6.54 3.44
N ASP B 659 -54.93 6.82 3.34
CA ASP B 659 -55.39 7.90 2.47
C ASP B 659 -55.17 9.22 3.21
N LEU B 660 -54.25 10.04 2.70
CA LEU B 660 -53.93 11.33 3.30
C LEU B 660 -54.40 12.51 2.43
N SER B 661 -55.34 12.27 1.52
CA SER B 661 -55.79 13.33 0.62
C SER B 661 -56.40 14.49 1.39
N ARG B 662 -57.06 14.23 2.52
CA ARG B 662 -57.65 15.31 3.30
C ARG B 662 -56.60 16.30 3.79
N TYR B 663 -55.33 15.91 3.83
CA TYR B 663 -54.27 16.79 4.36
C TYR B 663 -53.28 17.18 3.26
N LEU B 664 -53.07 16.30 2.28
CA LEU B 664 -52.07 16.56 1.22
C LEU B 664 -52.80 16.92 -0.06
N LYS B 665 -52.54 18.10 -0.60
CA LYS B 665 -53.29 18.54 -1.81
C LYS B 665 -52.34 18.56 -3.01
N LYS B 666 -52.77 18.02 -4.13
CA LYS B 666 -51.85 17.94 -5.29
C LYS B 666 -52.28 18.87 -6.43
N ASP B 667 -51.36 19.71 -6.89
CA ASP B 667 -51.64 20.57 -8.06
C ASP B 667 -51.06 19.88 -9.30
N LYS B 668 -51.91 19.39 -10.18
CA LYS B 668 -51.45 18.68 -11.40
C LYS B 668 -51.81 19.50 -12.65
N THR B 669 -51.98 20.82 -12.51
CA THR B 669 -52.25 21.64 -13.69
C THR B 669 -51.13 21.49 -14.72
N THR B 670 -51.50 21.06 -15.92
CA THR B 670 -50.51 20.83 -16.96
C THR B 670 -50.08 22.14 -17.60
N PHE B 671 -48.96 22.09 -18.32
CA PHE B 671 -48.51 23.22 -19.11
C PHE B 671 -49.54 23.61 -20.15
N LYS B 672 -50.22 22.63 -20.73
CA LYS B 672 -51.24 22.89 -21.74
C LYS B 672 -52.41 23.66 -21.16
N GLN B 673 -52.87 23.26 -19.98
CA GLN B 673 -53.97 23.99 -19.33
C GLN B 673 -53.55 25.41 -18.98
N LEU B 674 -52.32 25.59 -18.52
CA LEU B 674 -51.82 26.93 -18.22
C LEU B 674 -51.77 27.78 -19.48
N MET B 675 -51.40 27.18 -20.61
CA MET B 675 -51.27 27.92 -21.89
C MET B 675 -52.66 28.29 -22.42
N ALA B 676 -53.67 27.48 -22.11
CA ALA B 676 -55.00 27.75 -22.65
C ALA B 676 -55.56 29.08 -22.13
N SER B 677 -55.11 29.52 -20.95
CA SER B 677 -55.53 30.80 -20.42
C SER B 677 -54.80 31.97 -21.05
N HIS B 678 -53.78 31.71 -21.86
CA HIS B 678 -53.05 32.76 -22.56
C HIS B 678 -53.28 32.77 -24.06
N GLY B 679 -53.83 31.69 -24.62
CA GLY B 679 -54.08 31.62 -26.05
C GLY B 679 -53.42 30.43 -26.71
N THR B 680 -53.06 30.58 -27.97
CA THR B 680 -52.39 29.54 -28.74
C THR B 680 -51.19 30.14 -29.47
N GLY B 681 -50.38 29.27 -30.05
CA GLY B 681 -49.24 29.72 -30.82
C GLY B 681 -48.07 30.18 -29.96
N SER B 682 -47.03 30.63 -30.65
CA SER B 682 -45.74 30.87 -29.99
C SER B 682 -45.86 31.95 -28.91
N ALA B 683 -46.63 33.01 -29.17
CA ALA B 683 -46.74 34.09 -28.20
C ALA B 683 -47.30 33.58 -26.88
N ALA B 684 -48.30 32.71 -26.92
CA ALA B 684 -48.89 32.17 -25.68
C ALA B 684 -47.92 31.24 -24.94
N LYS B 685 -47.11 30.49 -25.69
CA LYS B 685 -46.12 29.57 -25.08
C LYS B 685 -45.09 30.38 -24.28
N GLU B 686 -44.63 31.49 -24.84
CA GLU B 686 -43.62 32.31 -24.13
C GLU B 686 -44.21 32.84 -22.83
N GLN B 687 -45.45 33.31 -22.87
CA GLN B 687 -46.09 33.87 -21.66
C GLN B 687 -46.26 32.75 -20.64
N THR B 688 -46.64 31.56 -21.10
CA THR B 688 -46.84 30.41 -20.20
C THR B 688 -45.52 30.03 -19.53
N THR B 689 -44.40 30.09 -20.26
CA THR B 689 -43.10 29.66 -19.70
C THR B 689 -42.75 30.56 -18.53
N TYR B 690 -42.92 31.87 -18.69
CA TYR B 690 -42.66 32.83 -17.59
C TYR B 690 -43.66 32.59 -16.46
N ASP B 691 -44.90 32.28 -16.83
CA ASP B 691 -45.96 32.00 -15.83
C ASP B 691 -45.63 30.72 -15.06
N MET B 692 -45.07 29.73 -15.76
CA MET B 692 -44.65 28.53 -15.04
C MET B 692 -43.53 28.83 -14.05
N ILE B 693 -42.57 29.67 -14.45
CA ILE B 693 -41.48 30.03 -13.54
C ILE B 693 -42.02 30.75 -12.32
N GLN B 694 -42.89 31.74 -12.54
CA GLN B 694 -43.46 32.50 -11.43
C GLN B 694 -44.23 31.59 -10.48
N LYS B 695 -45.11 30.75 -11.01
CA LYS B 695 -45.90 29.86 -10.16
C LYS B 695 -45.01 28.86 -9.43
N SER B 696 -43.97 28.34 -10.10
CA SER B 696 -43.08 27.40 -9.44
C SER B 696 -42.22 28.07 -8.39
N PHE B 697 -41.83 29.33 -8.61
CA PHE B 697 -41.16 30.09 -7.56
C PHE B 697 -42.05 30.20 -6.33
N HIS B 698 -43.30 30.59 -6.53
CA HIS B 698 -44.26 30.65 -5.44
C HIS B 698 -44.31 29.32 -4.68
N PHE B 699 -44.15 28.21 -5.40
CA PHE B 699 -44.23 26.90 -4.78
C PHE B 699 -42.93 26.52 -4.07
N ALA B 700 -41.78 26.77 -4.72
CA ALA B 700 -40.51 26.38 -4.13
C ALA B 700 -40.23 27.09 -2.83
N LEU B 701 -40.82 28.27 -2.60
CA LEU B 701 -40.51 29.08 -1.44
C LEU B 701 -41.45 28.81 -0.26
N GLN B 702 -42.37 27.87 -0.42
CA GLN B 702 -43.27 27.47 0.69
C GLN B 702 -42.45 26.74 1.74
N PRO B 703 -42.91 26.62 3.00
CA PRO B 703 -42.11 26.02 4.06
C PRO B 703 -41.78 24.53 3.89
N ASN B 704 -40.64 24.12 4.44
CA ASN B 704 -40.19 22.70 4.31
C ASN B 704 -40.75 21.87 5.46
N PHE B 705 -41.72 21.03 5.15
CA PHE B 705 -42.32 20.16 6.19
C PHE B 705 -41.59 18.80 6.25
N LEU B 706 -40.73 18.48 5.28
CA LEU B 706 -40.04 17.18 5.40
C LEU B 706 -39.22 17.19 6.68
N GLY B 707 -38.52 18.28 6.93
CA GLY B 707 -37.66 18.34 8.13
C GLY B 707 -38.48 18.28 9.38
N MET B 708 -39.55 19.08 9.44
CA MET B 708 -40.38 19.12 10.66
C MET B 708 -41.12 17.79 10.88
N CYS B 709 -41.69 17.23 9.82
CA CYS B 709 -42.39 15.95 9.92
C CYS B 709 -41.42 14.81 10.26
N THR B 710 -40.23 14.84 9.67
CA THR B 710 -39.20 13.80 9.95
C THR B 710 -38.78 13.90 11.41
N ASN B 711 -38.58 15.12 11.89
CA ASN B 711 -38.21 15.35 13.31
C ASN B 711 -39.36 14.88 14.22
N TYR B 712 -40.60 15.17 13.82
CA TYR B 712 -41.76 14.74 14.62
C TYR B 712 -41.80 13.21 14.66
N LYS B 713 -41.58 12.57 13.52
CA LYS B 713 -41.60 11.10 13.45
C LYS B 713 -40.58 10.50 14.41
N GLU B 714 -39.37 11.04 14.45
CA GLU B 714 -38.31 10.49 15.33
C GLU B 714 -38.78 10.59 16.77
N ARG B 715 -39.33 11.74 17.15
CA ARG B 715 -39.85 11.94 18.53
C ARG B 715 -41.06 11.03 18.83
N LEU B 716 -41.98 10.89 17.89
CA LEU B 716 -43.19 10.08 18.11
C LEU B 716 -42.78 8.62 18.29
N CYS B 717 -41.94 8.16 17.39
CA CYS B 717 -41.50 6.74 17.43
C CYS B 717 -40.72 6.50 18.73
N TYR B 718 -39.96 7.49 19.17
CA TYR B 718 -39.20 7.38 20.43
C TYR B 718 -40.12 7.34 21.66
N ILE B 719 -41.09 8.26 21.75
CA ILE B 719 -41.98 8.34 22.95
C ILE B 719 -42.82 7.08 23.03
N ASN B 720 -43.29 6.60 21.88
CA ASN B 720 -44.09 5.35 21.84
C ASN B 720 -43.16 4.14 21.78
N ASN B 721 -41.85 4.36 21.64
CA ASN B 721 -40.93 3.24 21.42
C ASN B 721 -41.53 2.23 20.45
N SER B 722 -41.88 2.73 19.27
CA SER B 722 -42.48 1.87 18.25
C SER B 722 -42.33 2.52 16.89
N VAL B 723 -42.02 1.69 15.89
CA VAL B 723 -41.98 2.12 14.50
C VAL B 723 -43.00 1.37 13.65
N SER B 724 -43.84 0.56 14.27
CA SER B 724 -44.78 -0.28 13.53
C SER B 724 -46.24 -0.05 13.89
N ASN B 725 -46.55 0.83 14.85
CA ASN B 725 -47.94 1.07 15.18
C ASN B 725 -48.58 2.05 14.20
N LYS B 726 -49.90 2.24 14.33
CA LYS B 726 -50.64 3.01 13.33
C LYS B 726 -50.08 4.42 13.15
N PRO B 727 -49.84 5.20 14.19
CA PRO B 727 -49.23 6.52 13.97
C PRO B 727 -47.89 6.44 13.25
N ALA B 728 -47.06 5.44 13.57
CA ALA B 728 -45.78 5.31 12.91
C ALA B 728 -45.94 5.11 11.40
N ILE B 729 -46.83 4.19 11.02
CA ILE B 729 -47.06 3.94 9.60
C ILE B 729 -47.61 5.18 8.91
N ILE B 730 -48.55 5.87 9.56
CA ILE B 730 -49.13 7.07 8.97
C ILE B 730 -48.05 8.11 8.71
N LEU B 731 -47.19 8.35 9.69
CA LEU B 731 -46.12 9.33 9.50
C LEU B 731 -45.12 8.89 8.46
N SER B 732 -44.77 7.60 8.43
CA SER B 732 -43.85 7.11 7.41
C SER B 732 -44.40 7.32 6.01
N SER B 733 -45.70 7.05 5.83
CA SER B 733 -46.32 7.31 4.54
C SER B 733 -46.31 8.80 4.21
N LEU B 734 -46.47 9.65 5.22
CA LEU B 734 -46.53 11.09 4.98
C LEU B 734 -45.18 11.64 4.52
N VAL B 735 -44.11 11.16 5.13
CA VAL B 735 -42.75 11.69 4.80
C VAL B 735 -42.32 11.22 3.40
N GLY B 736 -42.75 10.04 2.99
CA GLY B 736 -42.45 9.57 1.62
C GLY B 736 -43.09 10.49 0.60
N ASN B 737 -44.31 10.93 0.86
CA ASN B 737 -45.04 11.87 -0.02
C ASN B 737 -44.32 13.23 -0.09
N LEU B 738 -43.73 13.70 1.01
CA LEU B 738 -43.15 15.06 1.03
C LEU B 738 -41.71 15.06 0.48
N VAL B 739 -41.19 13.91 0.11
CA VAL B 739 -39.76 13.80 -0.32
C VAL B 739 -39.51 14.66 -1.57
N ASP B 740 -40.45 14.68 -2.51
CA ASP B 740 -40.30 15.59 -3.67
C ASP B 740 -41.57 16.43 -3.77
N GLN B 741 -41.76 17.38 -2.85
CA GLN B 741 -43.03 18.14 -2.82
C GLN B 741 -43.16 18.97 -4.09
N SER B 742 -42.11 19.69 -4.47
CA SER B 742 -42.17 20.60 -5.63
C SER B 742 -42.43 19.83 -6.92
N LYS B 743 -41.71 18.73 -7.12
CA LYS B 743 -41.88 17.90 -8.32
C LYS B 743 -43.29 17.30 -8.34
N GLN B 744 -43.74 16.73 -7.22
CA GLN B 744 -45.06 16.04 -7.20
C GLN B 744 -46.21 17.05 -7.11
N GLY B 745 -45.89 18.32 -6.84
CA GLY B 745 -46.92 19.35 -6.72
C GLY B 745 -47.76 19.21 -5.47
N ILE B 746 -47.17 18.66 -4.40
CA ILE B 746 -47.93 18.42 -3.15
C ILE B 746 -47.99 19.73 -2.37
N VAL B 747 -49.20 20.22 -2.11
CA VAL B 747 -49.37 21.43 -1.26
C VAL B 747 -49.69 20.93 0.15
N PHE B 748 -48.96 21.43 1.13
CA PHE B 748 -49.06 20.96 2.51
C PHE B 748 -48.64 22.11 3.41
N ASN B 749 -49.60 22.71 4.11
CA ASN B 749 -49.34 23.89 4.92
C ASN B 749 -49.42 23.55 6.41
N GLU B 750 -49.07 24.55 7.23
CA GLU B 750 -49.05 24.36 8.67
C GLU B 750 -50.40 23.93 9.21
N ALA B 751 -51.49 24.42 8.61
CA ALA B 751 -52.82 24.07 9.11
C ALA B 751 -53.12 22.59 8.89
N SER B 752 -52.78 22.05 7.72
CA SER B 752 -52.98 20.63 7.49
C SER B 752 -52.09 19.77 8.37
N TRP B 753 -50.88 20.23 8.68
CA TRP B 753 -49.95 19.49 9.56
C TRP B 753 -50.52 19.42 10.98
N ALA B 754 -51.08 20.52 11.47
CA ALA B 754 -51.72 20.53 12.81
C ALA B 754 -52.91 19.56 12.86
N GLN B 755 -53.74 19.54 11.81
CA GLN B 755 -54.90 18.64 11.75
C GLN B 755 -54.46 17.18 11.78
N LEU B 756 -53.43 16.83 11.01
CA LEU B 756 -52.97 15.43 10.94
C LEU B 756 -52.50 15.00 12.33
N ARG B 757 -51.72 15.84 12.99
CA ARG B 757 -51.13 15.48 14.30
C ARG B 757 -52.25 15.28 15.33
N ARG B 758 -53.23 16.17 15.34
CA ARG B 758 -54.33 16.11 16.31
C ARG B 758 -55.24 14.91 16.07
N GLU B 759 -55.55 14.62 14.81
CA GLU B 759 -56.53 13.55 14.50
C GLU B 759 -55.92 12.15 14.40
N LEU B 760 -54.70 12.01 13.88
CA LEU B 760 -54.18 10.66 13.59
C LEU B 760 -52.89 10.28 14.33
N LEU B 761 -52.17 11.22 14.91
CA LEU B 761 -50.82 10.87 15.46
C LEU B 761 -50.80 10.81 16.98
N GLY B 762 -51.94 11.04 17.63
CA GLY B 762 -51.99 11.00 19.08
C GLY B 762 -52.37 12.30 19.73
N GLY B 763 -52.52 13.40 18.99
CA GLY B 763 -53.00 14.65 19.53
C GLY B 763 -51.92 15.66 19.91
N ALA B 764 -50.66 15.26 19.89
CA ALA B 764 -49.57 16.12 20.35
C ALA B 764 -49.09 17.02 19.22
N LEU B 765 -49.22 18.33 19.40
CA LEU B 765 -48.63 19.26 18.45
C LEU B 765 -47.12 19.32 18.59
N SER B 766 -46.62 19.23 19.83
CA SER B 766 -45.19 19.31 20.11
C SER B 766 -44.79 18.12 20.97
N LEU B 767 -43.71 17.46 20.57
CA LEU B 767 -43.17 16.33 21.29
C LEU B 767 -41.78 16.67 21.83
N PRO B 768 -41.36 16.06 22.93
CA PRO B 768 -40.04 16.38 23.49
C PRO B 768 -38.91 15.73 22.71
N ASP B 769 -37.73 16.30 22.86
CA ASP B 769 -36.54 15.76 22.20
C ASP B 769 -36.16 14.43 22.84
N PRO B 770 -35.70 13.46 22.04
CA PRO B 770 -35.21 12.20 22.62
C PRO B 770 -34.05 12.47 23.57
N MET B 771 -33.96 11.66 24.62
CA MET B 771 -32.90 11.83 25.60
C MET B 771 -31.52 11.71 24.96
N TYR B 772 -31.38 10.87 23.93
CA TYR B 772 -30.06 10.67 23.32
C TYR B 772 -29.57 11.89 22.55
N LYS B 773 -30.41 12.91 22.40
CA LYS B 773 -29.95 14.16 21.73
C LYS B 773 -29.11 14.98 22.70
N SER B 774 -29.01 14.54 23.95
CA SER B 774 -28.26 15.28 25.00
C SER B 774 -27.01 14.49 25.38
N ASP B 775 -25.93 15.17 25.76
CA ASP B 775 -24.63 14.53 26.11
C ASP B 775 -24.72 13.67 27.38
N SER B 776 -25.44 14.13 28.39
CA SER B 776 -25.55 13.40 29.68
C SER B 776 -26.92 12.73 29.79
N TRP B 777 -27.02 11.64 30.55
CA TRP B 777 -28.32 10.96 30.78
C TRP B 777 -29.23 11.86 31.58
N LEU B 778 -30.26 12.38 30.94
CA LEU B 778 -31.25 13.22 31.61
C LEU B 778 -32.56 12.48 31.86
N GLY B 779 -32.63 11.20 31.51
CA GLY B 779 -33.82 10.40 31.78
C GLY B 779 -33.90 9.98 33.24
N ARG B 780 -34.99 9.28 33.53
CA ARG B 780 -35.26 8.81 34.92
C ARG B 780 -35.26 7.29 34.93
N GLY B 781 -34.45 6.67 35.77
CA GLY B 781 -34.30 5.24 35.78
C GLY B 781 -33.35 4.77 34.70
N GLU B 782 -33.38 3.46 34.46
CA GLU B 782 -32.54 2.89 33.42
C GLU B 782 -33.09 3.26 32.04
N PRO B 783 -32.22 3.56 31.08
CA PRO B 783 -32.72 3.83 29.72
C PRO B 783 -33.56 2.66 29.21
N THR B 784 -34.63 3.01 28.49
CA THR B 784 -35.52 2.00 27.91
C THR B 784 -35.45 1.95 26.39
N HIS B 785 -35.25 3.10 25.73
CA HIS B 785 -35.10 3.10 24.28
C HIS B 785 -33.73 2.57 23.87
N ILE B 786 -33.71 1.79 22.78
CA ILE B 786 -32.49 1.11 22.37
C ILE B 786 -31.35 2.09 22.17
N ILE B 787 -31.64 3.26 21.59
CA ILE B 787 -30.57 4.23 21.36
C ILE B 787 -30.11 4.84 22.68
N ASP B 788 -31.06 5.18 23.57
CA ASP B 788 -30.68 5.63 24.91
C ASP B 788 -29.84 4.57 25.61
N TYR B 789 -30.22 3.30 25.47
CA TYR B 789 -29.49 2.22 26.11
C TYR B 789 -28.04 2.17 25.63
N LEU B 790 -27.83 2.26 24.31
CA LEU B 790 -26.48 2.16 23.77
C LEU B 790 -25.64 3.37 24.16
N LYS B 791 -26.24 4.56 24.13
CA LYS B 791 -25.46 5.76 24.42
C LYS B 791 -25.13 5.88 25.90
N PHE B 792 -26.11 5.63 26.76
CA PHE B 792 -25.99 5.96 28.19
C PHE B 792 -25.76 4.78 29.09
N SER B 793 -26.25 3.58 28.74
CA SER B 793 -25.98 2.40 29.55
C SER B 793 -24.71 1.67 29.14
N ILE B 794 -24.29 1.80 27.88
CA ILE B 794 -23.12 1.09 27.38
C ILE B 794 -21.97 2.06 27.17
N ALA B 795 -22.12 2.96 26.19
CA ALA B 795 -21.01 3.80 25.78
C ALA B 795 -20.55 4.72 26.90
N ARG B 796 -21.49 5.43 27.52
CA ARG B 796 -21.09 6.43 28.52
C ARG B 796 -20.34 5.83 29.70
N PRO B 797 -20.77 4.72 30.30
CA PRO B 797 -19.97 4.14 31.39
C PRO B 797 -18.60 3.70 30.94
N ALA B 798 -18.48 3.11 29.75
CA ALA B 798 -17.17 2.69 29.25
C ALA B 798 -16.26 3.89 29.01
N ILE B 799 -16.81 4.99 28.52
CA ILE B 799 -16.03 6.21 28.33
C ILE B 799 -15.61 6.78 29.68
N ASP B 800 -16.52 6.75 30.66
CA ASP B 800 -16.22 7.33 31.97
C ASP B 800 -15.12 6.55 32.68
N LYS B 801 -15.11 5.24 32.50
CA LYS B 801 -14.05 4.39 33.10
C LYS B 801 -12.69 4.79 32.53
N GLU B 802 -12.59 5.03 31.22
CA GLU B 802 -11.31 5.42 30.60
C GLU B 802 -10.85 6.77 31.15
N LEU B 803 -11.79 7.71 31.28
CA LEU B 803 -11.44 9.05 31.82
C LEU B 803 -11.02 8.87 33.27
N GLU B 804 -11.64 7.93 33.97
CA GLU B 804 -11.21 7.63 35.36
C GLU B 804 -9.78 7.09 35.34
N ALA B 805 -9.50 6.15 34.43
CA ALA B 805 -8.14 5.57 34.32
C ALA B 805 -7.15 6.67 33.95
N PHE B 806 -7.56 7.56 33.06
CA PHE B 806 -6.70 8.68 32.61
C PHE B 806 -6.35 9.56 33.80
N HIS B 807 -7.36 9.96 34.57
CA HIS B 807 -7.13 10.88 35.71
C HIS B 807 -6.24 10.20 36.76
N ASN B 808 -6.48 8.91 37.01
CA ASN B 808 -5.65 8.16 37.99
C ASN B 808 -4.20 8.11 37.49
N ALA B 809 -4.01 7.87 36.19
CA ALA B 809 -2.63 7.75 35.64
C ALA B 809 -1.91 9.07 35.83
N MET B 810 -2.60 10.18 35.56
CA MET B 810 -1.94 11.51 35.67
C MET B 810 -1.53 11.73 37.12
N LYS B 811 -2.40 11.39 38.07
CA LYS B 811 -2.09 11.55 39.51
C LYS B 811 -0.96 10.63 39.93
N ALA B 812 -0.94 9.39 39.42
CA ALA B 812 0.07 8.41 39.88
C ALA B 812 1.47 8.95 39.58
N ALA B 813 1.64 9.60 38.44
CA ALA B 813 2.99 10.08 38.05
C ALA B 813 3.31 11.37 38.82
N GLU B 817 8.76 8.83 40.64
CA GLU B 817 9.81 9.73 40.10
C GLU B 817 10.51 9.03 38.93
N ASP B 818 9.93 7.94 38.43
CA ASP B 818 10.51 7.25 37.25
C ASP B 818 9.61 7.52 36.05
N GLY B 819 8.72 8.50 36.16
CA GLY B 819 7.81 8.85 35.06
C GLY B 819 8.41 9.85 34.10
N ALA B 820 7.58 10.48 33.28
CA ALA B 820 8.07 11.48 32.31
C ALA B 820 8.48 12.76 33.02
N HIS B 821 9.64 13.30 32.67
CA HIS B 821 10.10 14.57 33.23
C HIS B 821 10.27 15.60 32.13
N PHE B 822 10.22 16.87 32.53
CA PHE B 822 10.53 17.96 31.61
C PHE B 822 12.02 18.02 31.32
N TRP B 823 12.84 17.74 32.32
CA TRP B 823 14.29 17.82 32.17
C TRP B 823 14.79 16.78 31.17
N ASP B 824 15.77 17.18 30.37
CA ASP B 824 16.49 16.29 29.47
C ASP B 824 17.90 16.84 29.32
N PRO B 825 18.91 16.18 29.92
CA PRO B 825 20.27 16.72 29.85
C PRO B 825 20.79 16.87 28.43
N ASP B 826 20.21 16.14 27.46
CA ASP B 826 20.62 16.32 26.08
C ASP B 826 20.36 17.74 25.61
N LEU B 827 19.24 18.32 26.03
CA LEU B 827 18.83 19.64 25.54
C LEU B 827 19.66 20.78 26.13
N ALA B 828 20.41 20.53 27.20
CA ALA B 828 21.30 21.53 27.78
C ALA B 828 22.72 21.40 27.29
N SER B 829 22.96 20.53 26.30
CA SER B 829 24.31 20.26 25.84
C SER B 829 24.99 21.52 25.31
N TYR B 830 24.30 22.27 24.46
CA TYR B 830 24.91 23.47 23.89
C TYR B 830 25.13 24.54 24.95
N TYR B 831 24.16 24.73 25.84
CA TYR B 831 24.34 25.63 26.97
C TYR B 831 25.62 25.31 27.72
N THR B 832 25.76 24.06 28.17
CA THR B 832 26.94 23.67 28.94
C THR B 832 28.21 23.84 28.13
N PHE B 833 28.17 23.60 26.82
CA PHE B 833 29.38 23.80 25.98
C PHE B 833 29.87 25.24 26.07
N PHE B 834 28.98 26.20 25.85
CA PHE B 834 29.39 27.64 25.83
C PHE B 834 29.78 28.14 27.23
N LYS B 835 29.20 27.57 28.28
CA LYS B 835 29.50 27.99 29.66
C LYS B 835 30.98 27.74 29.96
N GLU B 836 31.50 26.60 29.54
CA GLU B 836 32.94 26.30 29.73
C GLU B 836 33.77 27.31 28.93
N ILE B 837 33.33 27.65 27.73
CA ILE B 837 34.05 28.67 26.90
C ILE B 837 33.93 30.02 27.60
N SER B 838 32.75 30.34 28.13
CA SER B 838 32.48 31.65 28.78
C SER B 838 33.35 31.81 30.04
N ASP B 839 33.58 30.72 30.76
CA ASP B 839 34.36 30.77 32.01
C ASP B 839 35.78 31.27 31.68
N LYS B 840 36.33 30.88 30.53
CA LYS B 840 37.71 31.27 30.17
C LYS B 840 37.79 32.51 29.27
N SER B 841 36.68 33.06 28.78
CA SER B 841 36.78 34.32 27.98
C SER B 841 35.73 35.35 28.39
N ARG B 842 36.16 36.59 28.62
CA ARG B 842 35.24 37.70 29.00
C ARG B 842 34.30 38.03 27.85
N SER B 843 34.82 38.04 26.63
CA SER B 843 33.99 38.40 25.45
C SER B 843 32.87 37.38 25.30
N SER B 844 33.20 36.09 25.43
CA SER B 844 32.18 35.02 25.34
C SER B 844 31.20 35.14 26.48
N ALA B 845 31.69 35.46 27.69
CA ALA B 845 30.81 35.61 28.87
C ALA B 845 29.84 36.76 28.64
N LEU B 846 30.32 37.84 28.03
CA LEU B 846 29.45 39.02 27.77
C LEU B 846 28.41 38.63 26.73
N LEU B 847 28.84 37.88 25.71
CA LEU B 847 27.89 37.43 24.66
C LEU B 847 26.92 36.47 25.33
N PHE B 848 27.46 35.62 26.18
CA PHE B 848 26.60 34.60 26.77
C PHE B 848 25.62 35.20 27.79
N THR B 849 26.08 36.19 28.56
CA THR B 849 25.19 36.82 29.53
C THR B 849 24.15 37.71 28.85
N THR B 850 24.49 38.31 27.71
CA THR B 850 23.51 39.08 26.96
C THR B 850 22.43 38.19 26.39
N LEU B 851 22.82 37.02 25.87
CA LEU B 851 21.83 36.04 25.40
C LEU B 851 20.89 35.64 26.53
N LYS B 852 21.46 35.33 27.71
CA LYS B 852 20.63 34.93 28.84
C LYS B 852 19.60 35.99 29.19
N ASN B 853 20.00 37.27 29.15
CA ASN B 853 19.08 38.34 29.55
C ASN B 853 18.00 38.57 28.49
N ARG B 854 18.37 38.54 27.21
CA ARG B 854 17.38 38.76 26.16
C ARG B 854 16.35 37.66 26.15
N ILE B 855 16.77 36.41 26.41
CA ILE B 855 15.82 35.32 26.53
C ILE B 855 14.85 35.59 27.68
N GLY B 856 15.38 36.08 28.81
CA GLY B 856 14.51 36.41 29.93
C GLY B 856 13.49 37.48 29.58
N GLU B 857 13.88 38.45 28.76
CA GLU B 857 12.93 39.47 28.32
C GLU B 857 11.82 38.87 27.48
N VAL B 858 12.15 37.98 26.55
CA VAL B 858 11.13 37.38 25.70
C VAL B 858 10.25 36.43 26.50
N GLU B 859 10.81 35.77 27.52
CA GLU B 859 9.98 34.92 28.38
C GLU B 859 8.92 35.73 29.11
N LYS B 860 9.27 36.93 29.55
CA LYS B 860 8.26 37.81 30.21
C LYS B 860 7.13 38.10 29.23
N GLU B 861 7.47 38.48 28.00
CA GLU B 861 6.41 38.86 27.02
C GLU B 861 5.50 37.66 26.77
N TYR B 862 6.07 36.44 26.75
CA TYR B 862 5.25 35.25 26.45
C TYR B 862 4.18 35.11 27.54
N GLY B 863 4.57 35.37 28.78
CA GLY B 863 3.62 35.24 29.91
C GLY B 863 2.47 36.22 29.83
N ARG B 864 2.76 37.48 29.53
CA ARG B 864 1.65 38.44 29.37
C ARG B 864 0.83 38.17 28.11
N LEU B 865 1.48 38.02 26.95
CA LEU B 865 0.76 37.87 25.67
C LEU B 865 0.09 36.52 25.48
N VAL B 866 0.72 35.42 25.87
CA VAL B 866 0.16 34.06 25.57
C VAL B 866 -0.39 33.36 26.81
N LYS B 867 0.39 33.23 27.88
CA LYS B 867 -0.07 32.46 29.07
C LYS B 867 -1.28 33.13 29.70
N ASN B 868 -1.28 34.47 29.82
CA ASN B 868 -2.43 35.24 30.38
C ASN B 868 -2.74 34.79 31.81
N ASP B 876 -6.48 40.93 18.99
CA ASP B 876 -5.40 40.07 18.53
C ASP B 876 -5.63 38.62 18.97
N PRO B 877 -5.81 37.74 18.00
CA PRO B 877 -6.12 36.33 18.30
C PRO B 877 -4.87 35.56 18.71
N TYR B 878 -5.07 34.28 19.03
CA TYR B 878 -3.99 33.47 19.60
C TYR B 878 -2.83 33.28 18.63
N PRO B 879 -3.03 32.85 17.39
CA PRO B 879 -1.89 32.71 16.47
C PRO B 879 -1.10 33.99 16.28
N VAL B 880 -1.77 35.15 16.30
CA VAL B 880 -1.06 36.41 16.08
C VAL B 880 -0.22 36.79 17.29
N ARG B 881 -0.67 36.44 18.50
CA ARG B 881 0.10 36.78 19.69
C ARG B 881 1.32 35.89 19.82
N VAL B 882 1.14 34.58 19.68
CA VAL B 882 2.29 33.67 19.64
C VAL B 882 3.31 34.17 18.63
N ASN B 883 2.83 34.53 17.43
CA ASN B 883 3.74 34.99 16.38
C ASN B 883 4.42 36.30 16.76
N GLN B 884 3.77 37.13 17.58
CA GLN B 884 4.40 38.36 18.04
C GLN B 884 5.61 38.06 18.91
N VAL B 885 5.45 37.14 19.87
CA VAL B 885 6.57 36.75 20.71
C VAL B 885 7.67 36.08 19.88
N TYR B 886 7.26 35.23 18.93
CA TYR B 886 8.24 34.52 18.10
C TYR B 886 9.17 35.49 17.39
N GLU B 887 8.62 36.60 16.89
CA GLU B 887 9.44 37.59 16.15
C GLU B 887 10.51 38.18 17.08
N LYS B 888 10.15 38.46 18.33
CA LYS B 888 11.15 38.97 19.32
C LYS B 888 12.21 37.90 19.58
N TRP B 889 11.79 36.63 19.68
CA TRP B 889 12.74 35.52 19.91
C TRP B 889 13.74 35.44 18.77
N CYS B 890 13.24 35.54 17.54
CA CYS B 890 14.11 35.44 16.34
C CYS B 890 15.03 36.66 16.27
N ALA B 891 14.62 37.77 16.87
CA ALA B 891 15.48 38.97 16.92
C ALA B 891 16.65 38.80 17.89
N ILE B 892 16.63 37.80 18.76
CA ILE B 892 17.82 37.62 19.62
C ILE B 892 18.93 37.11 18.71
N THR B 893 19.89 37.98 18.41
CA THR B 893 20.95 37.65 17.43
C THR B 893 22.29 37.99 18.07
N PRO B 894 23.40 37.39 17.61
CA PRO B 894 24.71 37.68 18.18
C PRO B 894 25.08 39.17 18.15
N SER B 906 34.59 38.95 14.81
CA SER B 906 35.09 37.85 15.61
C SER B 906 34.87 36.51 14.91
N LYS B 907 35.79 35.57 15.14
CA LYS B 907 35.65 34.23 14.53
C LYS B 907 34.51 33.47 15.20
N VAL B 908 34.23 33.76 16.48
CA VAL B 908 33.16 33.06 17.18
C VAL B 908 31.80 33.51 16.63
N ILE B 909 31.60 34.83 16.53
CA ILE B 909 30.34 35.34 16.01
C ILE B 909 30.07 34.79 14.62
N ARG B 910 31.12 34.66 13.80
CA ARG B 910 30.95 34.16 12.41
C ARG B 910 30.55 32.67 12.43
N LEU B 911 31.22 31.88 13.27
CA LEU B 911 30.93 30.43 13.35
C LEU B 911 29.50 30.21 13.86
N LEU B 912 29.06 30.97 14.84
CA LEU B 912 27.67 30.86 15.36
C LEU B 912 26.64 31.31 14.33
N GLU B 913 26.89 32.42 13.65
CA GLU B 913 25.91 33.00 12.68
C GLU B 913 25.76 32.18 11.39
N LEU B 914 26.85 31.64 10.85
CA LEU B 914 26.81 30.97 9.54
C LEU B 914 25.95 31.81 8.61
N SER B 915 26.38 33.04 8.31
CA SER B 915 25.57 34.02 7.54
C SER B 915 25.26 33.56 6.11
N PHE B 916 26.07 32.67 5.56
CA PHE B 916 25.84 32.11 4.21
C PHE B 916 24.51 31.37 4.19
N LEU B 917 24.03 30.92 5.35
CA LEU B 917 22.71 30.25 5.43
C LEU B 917 21.61 31.32 5.35
N ALA B 918 20.72 31.20 4.38
CA ALA B 918 19.60 32.15 4.20
C ALA B 918 18.65 32.10 5.39
N ASP B 919 18.45 30.91 5.96
CA ASP B 919 17.58 30.75 7.15
C ASP B 919 18.43 30.75 8.42
N ARG B 920 18.25 31.76 9.26
CA ARG B 920 19.03 31.92 10.51
C ARG B 920 18.63 30.84 11.54
N GLU B 921 17.44 30.29 11.40
CA GLU B 921 16.94 29.25 12.32
C GLU B 921 17.79 27.98 12.21
N MET B 922 18.58 27.82 11.14
CA MET B 922 19.43 26.62 10.93
C MET B 922 20.86 26.84 11.44
N ASN B 923 21.15 28.02 11.99
CA ASN B 923 22.52 28.33 12.48
C ASN B 923 22.81 27.78 13.88
N THR B 924 24.08 27.69 14.23
CA THR B 924 24.52 27.18 15.56
C THR B 924 24.01 28.09 16.68
N TRP B 925 23.86 29.38 16.41
CA TRP B 925 23.35 30.34 17.40
C TRP B 925 21.93 29.97 17.82
N ALA B 926 21.10 29.56 16.87
CA ALA B 926 19.71 29.14 17.17
C ALA B 926 19.74 27.93 18.10
N LEU B 927 20.67 27.01 17.88
CA LEU B 927 20.82 25.84 18.78
C LEU B 927 21.21 26.30 20.20
N LEU B 928 22.16 27.22 20.30
CA LEU B 928 22.60 27.75 21.61
C LEU B 928 21.45 28.50 22.27
N ARG B 929 20.72 29.30 21.51
CA ARG B 929 19.59 30.09 22.05
C ARG B 929 18.52 29.12 22.55
N ALA B 930 18.28 28.07 21.78
CA ALA B 930 17.29 27.09 22.21
C ALA B 930 17.77 26.37 23.47
N SER B 931 19.02 25.91 23.47
CA SER B 931 19.53 25.16 24.61
C SER B 931 19.58 26.02 25.87
N THR B 932 20.05 27.27 25.74
CA THR B 932 20.10 28.15 26.90
C THR B 932 18.71 28.41 27.45
N ALA B 933 17.73 28.65 26.57
CA ALA B 933 16.36 28.87 27.03
C ALA B 933 15.82 27.63 27.74
N PHE B 934 16.12 26.44 27.21
CA PHE B 934 15.65 25.22 27.85
C PHE B 934 16.24 25.07 29.25
N LYS B 935 17.53 25.37 29.39
CA LYS B 935 18.17 25.22 30.70
C LYS B 935 17.58 26.20 31.71
N LEU B 936 17.16 27.38 31.26
CA LEU B 936 16.71 28.40 32.21
C LEU B 936 15.24 28.26 32.57
N TYR B 937 14.41 27.69 31.69
CA TYR B 937 12.97 27.71 31.90
C TYR B 937 12.29 26.36 31.69
N TYR B 938 13.05 25.26 31.64
CA TYR B 938 12.41 23.97 31.39
C TYR B 938 11.39 23.63 32.48
N HIS B 939 11.65 24.04 33.72
CA HIS B 939 10.71 23.77 34.80
C HIS B 939 9.68 24.88 34.98
N LYS B 940 10.11 26.14 34.89
CA LYS B 940 9.20 27.25 35.13
C LYS B 940 8.21 27.42 34.00
N SER B 941 8.70 27.63 32.78
CA SER B 941 7.87 27.98 31.63
C SER B 941 8.09 26.97 30.51
N PRO B 942 7.62 25.73 30.68
CA PRO B 942 7.84 24.72 29.63
C PRO B 942 7.13 25.05 28.33
N LYS B 943 5.90 25.57 28.40
CA LYS B 943 5.18 25.90 27.18
C LYS B 943 5.92 26.95 26.37
N PHE B 944 6.59 27.88 27.04
CA PHE B 944 7.35 28.92 26.33
C PHE B 944 8.54 28.33 25.60
N VAL B 945 9.29 27.45 26.27
CA VAL B 945 10.50 26.89 25.68
C VAL B 945 10.17 26.11 24.41
N TRP B 946 9.16 25.24 24.50
CA TRP B 946 8.87 24.36 23.37
C TRP B 946 8.22 25.11 22.22
N GLN B 947 7.28 26.02 22.52
CA GLN B 947 6.59 26.73 21.45
C GLN B 947 7.54 27.67 20.71
N MET B 948 8.57 28.17 21.37
CA MET B 948 9.52 29.07 20.70
C MET B 948 10.66 28.32 20.02
N ALA B 949 11.18 27.26 20.65
CA ALA B 949 12.41 26.62 20.20
C ALA B 949 12.27 25.12 19.96
N GLY B 950 11.04 24.59 19.92
CA GLY B 950 10.89 23.15 19.72
C GLY B 950 11.65 22.64 18.52
N ARG B 951 11.65 23.40 17.42
CA ARG B 951 12.33 22.98 16.21
C ARG B 951 13.81 22.73 16.47
N GLN B 952 14.48 23.65 17.17
CA GLN B 952 15.90 23.49 17.45
C GLN B 952 16.16 22.47 18.55
N LEU B 953 15.25 22.35 19.53
CA LEU B 953 15.38 21.29 20.52
C LEU B 953 15.35 19.93 19.84
N ALA B 954 14.53 19.79 18.80
CA ALA B 954 14.51 18.55 18.04
C ALA B 954 15.83 18.31 17.32
N TYR B 955 16.38 19.36 16.70
CA TYR B 955 17.69 19.22 16.06
C TYR B 955 18.74 18.75 17.07
N ILE B 956 18.73 19.35 18.27
CA ILE B 956 19.71 18.98 19.28
C ILE B 956 19.52 17.53 19.71
N LYS B 957 18.25 17.13 19.94
CA LYS B 957 17.97 15.77 20.36
C LYS B 957 18.47 14.75 19.32
N ALA B 958 18.24 15.03 18.03
CA ALA B 958 18.66 14.10 16.99
C ALA B 958 20.18 14.08 16.86
N GLN B 959 20.85 15.21 17.05
CA GLN B 959 22.30 15.21 17.08
C GLN B 959 22.83 14.41 18.26
N MET B 960 22.26 14.64 19.45
CA MET B 960 22.81 14.07 20.67
C MET B 960 22.58 12.58 20.76
N THR B 961 21.47 12.08 20.21
CA THR B 961 21.19 10.65 20.29
C THR B 961 21.86 9.85 19.18
N SER B 962 22.52 10.51 18.22
CA SER B 962 23.23 9.78 17.19
C SER B 962 24.41 9.05 17.79
N ARG B 963 24.61 7.80 17.35
CA ARG B 963 25.71 7.00 17.83
C ARG B 963 26.60 6.56 16.67
N PRO B 964 27.91 6.62 16.83
CA PRO B 964 28.81 6.22 15.73
C PRO B 964 28.56 4.77 15.33
N GLY B 965 28.35 4.57 14.03
CA GLY B 965 28.11 3.24 13.50
C GLY B 965 26.71 2.72 13.62
N GLU B 966 25.79 3.58 14.07
CA GLU B 966 24.38 3.16 14.25
C GLU B 966 23.50 3.91 13.26
N GLY B 967 23.96 4.01 12.01
CA GLY B 967 23.17 4.68 10.97
C GLY B 967 23.37 6.18 10.97
N ALA B 968 22.74 6.86 10.02
CA ALA B 968 22.92 8.31 9.89
C ALA B 968 21.60 9.03 10.07
N PRO B 969 21.54 10.10 10.90
CA PRO B 969 20.35 10.90 10.97
C PRO B 969 20.16 11.57 9.58
N ALA B 970 18.92 11.85 9.21
CA ALA B 970 18.64 12.45 7.90
C ALA B 970 18.02 13.84 8.08
N LEU B 971 18.61 14.86 7.45
CA LEU B 971 18.03 16.21 7.50
C LEU B 971 17.11 16.37 6.30
N MET B 972 15.82 16.28 6.55
CA MET B 972 14.83 16.33 5.47
C MET B 972 14.40 17.76 5.20
N THR B 973 14.17 18.10 3.94
CA THR B 973 13.60 19.41 3.60
C THR B 973 12.14 19.38 4.08
N ALA B 974 11.58 20.55 4.32
CA ALA B 974 10.19 20.63 4.83
C ALA B 974 9.23 19.97 3.83
N PHE B 975 9.43 20.22 2.54
CA PHE B 975 8.55 19.62 1.51
C PHE B 975 8.68 18.10 1.50
N MET B 976 9.91 17.59 1.48
CA MET B 976 10.14 16.12 1.38
C MET B 976 9.60 15.41 2.64
N TYR B 977 9.73 16.04 3.81
CA TYR B 977 9.19 15.46 5.08
C TYR B 977 7.67 15.35 4.97
N ALA B 978 7.04 16.35 4.37
CA ALA B 978 5.56 16.39 4.29
C ALA B 978 5.02 15.26 3.41
N GLY B 979 5.83 14.74 2.49
CA GLY B 979 5.35 13.71 1.60
C GLY B 979 5.57 12.29 2.09
N LEU B 980 6.07 12.10 3.31
CA LEU B 980 6.30 10.78 3.87
C LEU B 980 5.17 10.42 4.83
N MET B 981 5.08 9.13 5.13
CA MET B 981 4.07 8.59 6.03
C MET B 981 4.62 7.35 6.70
N PRO B 982 4.14 7.00 7.88
CA PRO B 982 4.64 5.80 8.56
C PRO B 982 4.36 4.54 7.74
N ASP B 983 5.34 3.64 7.73
CA ASP B 983 5.23 2.35 7.03
C ASP B 983 4.57 1.37 7.98
N LYS B 984 3.28 1.08 7.74
CA LYS B 984 2.54 0.20 8.65
C LYS B 984 3.19 -1.18 8.74
N LYS B 985 3.67 -1.72 7.63
CA LYS B 985 4.30 -3.04 7.67
C LYS B 985 5.66 -3.00 8.39
N PHE B 986 6.38 -1.88 8.29
CA PHE B 986 7.62 -1.76 9.06
C PHE B 986 7.33 -1.82 10.54
N THR B 987 6.36 -1.03 11.01
CA THR B 987 5.97 -1.06 12.42
C THR B 987 5.65 -2.47 12.87
N LYS B 988 4.75 -3.13 12.16
CA LYS B 988 4.38 -4.53 12.50
C LYS B 988 5.64 -5.39 12.58
N GLN B 989 6.40 -5.47 11.48
CA GLN B 989 7.58 -6.37 11.44
C GLN B 989 8.63 -6.01 12.49
N TYR B 990 8.90 -4.72 12.70
CA TYR B 990 9.96 -4.34 13.65
C TYR B 990 9.56 -4.75 15.07
N VAL B 991 8.29 -4.53 15.42
CA VAL B 991 7.80 -4.85 16.79
C VAL B 991 7.90 -6.37 17.03
N ALA B 992 7.63 -7.16 16.00
CA ALA B 992 7.70 -8.64 16.11
C ALA B 992 9.11 -9.10 16.48
N ARG B 993 10.15 -8.44 15.96
CA ARG B 993 11.53 -8.80 16.34
C ARG B 993 11.72 -8.61 17.84
N LEU B 994 11.16 -7.55 18.41
CA LEU B 994 11.38 -7.25 19.84
C LEU B 994 10.59 -8.24 20.73
CA CA F . 6.22 -32.06 -7.07
CA CA G . 5.23 -35.35 -5.66
MG MG H . 5.87 -35.18 -9.56
C1 GOL I . 21.16 -20.52 -36.42
O1 GOL I . 19.93 -20.00 -36.88
C2 GOL I . 20.98 -21.88 -35.77
O2 GOL I . 19.68 -22.38 -36.06
C3 GOL I . 22.04 -22.88 -36.17
O3 GOL I . 21.70 -23.54 -37.39
H11 GOL I . 21.57 -19.90 -35.77
H12 GOL I . 21.79 -20.61 -37.19
HO1 GOL I . 19.35 -20.11 -36.28
H2 GOL I . 21.04 -21.75 -34.79
HO2 GOL I . 19.40 -22.81 -35.39
H31 GOL I . 22.13 -23.55 -35.46
H32 GOL I . 22.90 -22.42 -36.28
HO3 GOL I . 20.92 -23.88 -37.30
PG GTP J . 8.08 -36.59 -4.34
O1G GTP J . 9.02 -35.89 -3.43
O2G GTP J . 8.11 -38.06 -4.17
O3G GTP J . 6.70 -36.03 -4.27
O3B GTP J . 8.61 -36.32 -5.82
PB GTP J . 8.55 -35.04 -6.78
O1B GTP J . 9.34 -35.33 -7.99
O2B GTP J . 7.16 -34.58 -6.90
O3A GTP J . 9.35 -33.97 -5.90
PA GTP J . 9.42 -32.38 -5.95
O1A GTP J . 10.72 -31.92 -5.37
O2A GTP J . 8.17 -31.82 -5.39
O5' GTP J . 9.44 -32.15 -7.53
C5' GTP J . 10.69 -32.32 -8.23
C4' GTP J . 10.64 -31.49 -9.48
O4' GTP J . 11.03 -30.13 -9.15
C3' GTP J . 11.58 -31.91 -10.62
C2' GTP J . 11.76 -30.58 -11.36
O2' GTP J . 10.70 -30.30 -12.24
C1' GTP J . 11.82 -29.59 -10.19
N9 GTP J . 13.17 -29.38 -9.67
C8 GTP J . 13.63 -29.68 -8.42
N7 GTP J . 14.89 -29.39 -8.25
C5 GTP J . 15.29 -28.87 -9.48
C6 GTP J . 16.55 -28.37 -9.89
O6 GTP J . 17.60 -28.31 -9.24
N1 GTP J . 16.51 -27.94 -11.21
C2 GTP J . 15.41 -27.96 -12.02
N2 GTP J . 15.57 -27.50 -13.27
N3 GTP J . 14.22 -28.42 -11.64
C4 GTP J . 14.24 -28.85 -10.35
C1 PEG K . 20.88 21.69 12.42
O1 PEG K . 20.77 22.91 11.72
C2 PEG K . 20.89 20.51 11.49
O2 PEG K . 22.12 19.82 11.61
C3 PEG K . 22.28 18.78 10.64
C4 PEG K . 23.53 18.01 10.91
O4 PEG K . 23.98 18.18 12.23
H11 PEG K . 20.12 21.60 13.03
H12 PEG K . 21.71 21.69 12.93
HO1 PEG K . 20.02 23.25 11.87
H21 PEG K . 20.78 20.82 10.56
H22 PEG K . 20.15 19.92 11.71
H31 PEG K . 22.32 19.18 9.74
H32 PEG K . 21.51 18.18 10.67
H41 PEG K . 24.23 18.31 10.29
H42 PEG K . 23.36 17.07 10.74
HO4 PEG K . 23.45 17.77 12.76
PG GTP L . -26.37 14.29 -3.86
O1G GTP L . -26.35 13.01 -3.06
O2G GTP L . -24.99 14.78 -4.21
O3G GTP L . -27.21 15.36 -3.21
O3B GTP L . -27.10 13.93 -5.25
PB GTP L . -26.55 13.18 -6.56
O1B GTP L . -25.26 13.81 -6.92
O2B GTP L . -26.58 11.71 -6.31
O3A GTP L . -27.63 13.56 -7.68
PA GTP L . -29.22 13.37 -7.82
O1A GTP L . -29.90 14.62 -7.40
O2A GTP L . -29.54 12.81 -9.17
O5' GTP L . -29.48 12.23 -6.72
C5' GTP L . -29.64 10.85 -7.16
C4' GTP L . -29.81 9.96 -5.96
O4' GTP L . -29.03 10.50 -4.86
C3' GTP L . -31.23 9.88 -5.40
C2' GTP L . -30.99 9.53 -3.93
O2' GTP L . -30.91 8.14 -3.71
C1' GTP L . -29.66 10.22 -3.63
N9 GTP L . -29.78 11.46 -2.88
C8 GTP L . -29.66 12.74 -3.38
N7 GTP L . -29.81 13.66 -2.47
C5 GTP L . -30.05 12.95 -1.30
C6 GTP L . -30.29 13.43 0.02
O6 GTP L . -30.32 14.60 0.42
N1 GTP L . -30.48 12.38 0.91
C2 GTP L . -30.46 11.05 0.58
N2 GTP L . -30.66 10.17 1.58
N3 GTP L . -30.23 10.59 -0.65
C4 GTP L . -30.04 11.60 -1.54
CA CA M . -34.12 7.66 -7.20
CA CA N . -36.77 7.80 -10.10
MG MG O . -38.26 6.41 -6.55
C1 GOL P . -12.61 -0.14 5.18
O1 GOL P . -13.39 0.78 4.43
C2 GOL P . -12.39 -1.43 4.42
O2 GOL P . -11.11 -1.99 4.75
C3 GOL P . -12.52 -1.30 2.92
O3 GOL P . -11.68 -2.22 2.24
C1 GOL Q . -48.77 10.89 21.70
O1 GOL Q . -48.12 12.14 21.90
C2 GOL Q . -48.06 9.78 22.47
O2 GOL Q . -48.68 8.53 22.18
C3 GOL Q . -48.02 10.02 23.95
O3 GOL Q . -49.22 9.60 24.60
MG MG R . -39.63 9.93 -8.58
PG GTP S . -37.30 11.14 -10.74
O1G GTP S . -36.48 12.38 -10.74
O2G GTP S . -38.55 11.27 -11.55
O3G GTP S . -36.51 9.93 -11.11
O3B GTP S . -37.76 10.89 -9.23
PB GTP S . -37.00 10.24 -7.98
O1B GTP S . -37.80 10.51 -6.75
O2B GTP S . -36.60 8.85 -8.31
O3A GTP S . -35.69 11.15 -7.92
PA GTP S . -34.35 11.09 -7.04
O1A GTP S . -34.06 12.44 -6.51
O2A GTP S . -33.29 10.38 -7.82
O5' GTP S . -34.82 10.13 -5.84
C5' GTP S . -35.40 10.75 -4.66
C4' GTP S . -35.02 9.94 -3.45
O4' GTP S . -33.80 10.51 -2.90
C3' GTP S . -36.03 9.96 -2.30
C2' GTP S . -35.17 10.01 -1.03
O2' GTP S . -34.99 8.74 -0.42
C1' GTP S . -33.86 10.62 -1.51
N9 GTP S . -33.70 12.04 -1.17
C8 GTP S . -33.45 13.05 -2.05
N7 GTP S . -33.33 14.22 -1.47
C5 GTP S . -33.51 13.95 -0.12
C6 GTP S . -33.49 14.83 0.99
O6 GTP S . -33.30 16.05 1.00
N1 GTP S . -33.72 14.15 2.19
C2 GTP S . -33.94 12.80 2.30
N2 GTP S . -34.13 12.32 3.53
N3 GTP S . -33.96 11.97 1.26
C4 GTP S . -33.73 12.62 0.09
#